data_2B86
#
_entry.id   2B86
#
_cell.length_a   1.000
_cell.length_b   1.000
_cell.length_c   1.000
_cell.angle_alpha   90.00
_cell.angle_beta   90.00
_cell.angle_gamma   90.00
#
_symmetry.space_group_name_H-M   'P 1'
#
_entity_poly.entity_id   1
_entity_poly.type   'polypeptide(L)'
_entity_poly.pdbx_seq_one_letter_code
;MTEEVIVIAKWDYTAQQDQELDIKKNERLWLLDDSKTWWRVRNAANRTGYVPSNYVERKLEHHHHHH
;
_entity_poly.pdbx_strand_id   A
#
# COMPACT_ATOMS: atom_id res chain seq x y z
N MET A 1 16.90 -3.72 10.52
CA MET A 1 15.79 -2.75 10.37
C MET A 1 15.25 -2.74 8.95
N THR A 2 13.92 -2.79 8.82
CA THR A 2 13.28 -2.79 7.51
C THR A 2 13.24 -1.39 6.91
N GLU A 3 13.32 -1.32 5.58
CA GLU A 3 13.30 -0.03 4.88
C GLU A 3 11.91 0.29 4.37
N GLU A 4 11.51 1.55 4.49
CA GLU A 4 10.20 1.99 4.04
C GLU A 4 10.27 2.62 2.66
N VAL A 5 9.30 2.28 1.82
CA VAL A 5 9.23 2.80 0.46
C VAL A 5 8.03 3.74 0.31
N ILE A 6 8.28 4.92 -0.24
CA ILE A 6 7.21 5.91 -0.44
C ILE A 6 6.70 5.88 -1.86
N VAL A 7 5.43 5.48 -2.03
CA VAL A 7 4.82 5.42 -3.34
C VAL A 7 3.46 6.09 -3.35
N ILE A 8 2.94 6.35 -4.55
CA ILE A 8 1.65 6.98 -4.71
C ILE A 8 0.77 6.18 -5.66
N ALA A 9 -0.46 5.89 -5.22
CA ALA A 9 -1.39 5.10 -6.01
C ALA A 9 -1.96 5.92 -7.17
N LYS A 10 -2.12 5.25 -8.32
CA LYS A 10 -2.65 5.90 -9.52
C LYS A 10 -4.09 5.48 -9.80
N TRP A 11 -4.50 4.35 -9.23
CA TRP A 11 -5.87 3.85 -9.41
C TRP A 11 -6.38 3.25 -8.10
N ASP A 12 -7.69 3.32 -7.90
CA ASP A 12 -8.32 2.83 -6.69
C ASP A 12 -8.26 1.31 -6.59
N TYR A 13 -7.80 0.81 -5.44
CA TYR A 13 -7.70 -0.63 -5.20
C TYR A 13 -8.39 -1.00 -3.89
N THR A 14 -9.08 -2.13 -3.90
CA THR A 14 -9.77 -2.61 -2.71
C THR A 14 -9.02 -3.79 -2.10
N ALA A 15 -8.93 -3.81 -0.77
CA ALA A 15 -8.24 -4.88 -0.06
C ALA A 15 -8.86 -6.23 -0.36
N GLN A 16 -8.02 -7.24 -0.55
CA GLN A 16 -8.50 -8.59 -0.83
C GLN A 16 -8.79 -9.36 0.47
N GLN A 17 -8.50 -8.73 1.61
CA GLN A 17 -8.76 -9.34 2.91
C GLN A 17 -9.15 -8.27 3.94
N ASP A 18 -9.61 -8.72 5.11
CA ASP A 18 -10.01 -7.79 6.16
C ASP A 18 -8.81 -7.14 6.83
N GLN A 19 -7.68 -7.83 6.81
CA GLN A 19 -6.46 -7.31 7.42
C GLN A 19 -5.74 -6.30 6.52
N GLU A 20 -6.17 -6.18 5.26
CA GLU A 20 -5.53 -5.24 4.35
C GLU A 20 -6.25 -3.89 4.36
N LEU A 21 -5.66 -2.90 3.69
CA LEU A 21 -6.23 -1.55 3.67
C LEU A 21 -6.57 -1.07 2.26
N ASP A 22 -7.74 -0.48 2.11
CA ASP A 22 -8.17 0.05 0.82
C ASP A 22 -7.44 1.33 0.46
N ILE A 23 -7.20 1.53 -0.83
CA ILE A 23 -6.52 2.72 -1.34
C ILE A 23 -7.34 3.38 -2.45
N LYS A 24 -6.98 4.60 -2.85
CA LYS A 24 -7.72 5.30 -3.91
C LYS A 24 -6.86 5.55 -5.13
N LYS A 25 -7.43 6.26 -6.10
CA LYS A 25 -6.76 6.57 -7.37
C LYS A 25 -5.57 7.50 -7.18
N ASN A 26 -5.70 8.46 -6.27
CA ASN A 26 -4.62 9.42 -6.04
C ASN A 26 -4.24 9.47 -4.56
N GLU A 27 -4.24 8.32 -3.91
CA GLU A 27 -3.90 8.24 -2.50
C GLU A 27 -2.45 7.77 -2.32
N ARG A 28 -1.71 8.49 -1.47
CA ARG A 28 -0.32 8.15 -1.20
C ARG A 28 -0.23 7.14 -0.07
N LEU A 29 0.45 6.02 -0.33
CA LEU A 29 0.59 4.96 0.66
C LEU A 29 2.04 4.75 1.07
N TRP A 30 2.24 4.32 2.31
CA TRP A 30 3.58 4.06 2.85
C TRP A 30 3.88 2.55 2.85
N LEU A 31 4.72 2.10 1.92
CA LEU A 31 5.07 0.69 1.81
C LEU A 31 6.13 0.27 2.84
N LEU A 32 5.99 -0.94 3.36
CA LEU A 32 6.92 -1.47 4.35
C LEU A 32 7.74 -2.62 3.78
N ASP A 33 7.16 -3.35 2.82
CA ASP A 33 7.84 -4.48 2.20
C ASP A 33 7.23 -4.81 0.83
N ASP A 34 8.05 -4.69 -0.22
CA ASP A 34 7.60 -4.95 -1.57
C ASP A 34 8.24 -6.23 -2.16
N SER A 35 9.02 -6.95 -1.35
CA SER A 35 9.68 -8.16 -1.82
C SER A 35 8.66 -9.27 -2.11
N LYS A 36 7.61 -9.33 -1.30
CA LYS A 36 6.57 -10.34 -1.45
C LYS A 36 5.53 -9.92 -2.49
N THR A 37 4.81 -10.91 -3.02
CA THR A 37 3.77 -10.65 -4.00
C THR A 37 2.74 -9.69 -3.40
N TRP A 38 2.54 -9.83 -2.10
CA TRP A 38 1.63 -8.95 -1.37
C TRP A 38 2.48 -7.89 -0.65
N TRP A 39 2.08 -6.63 -0.76
CA TRP A 39 2.86 -5.55 -0.16
C TRP A 39 2.22 -5.03 1.11
N ARG A 40 3.04 -4.85 2.14
CA ARG A 40 2.56 -4.30 3.39
C ARG A 40 2.60 -2.79 3.31
N VAL A 41 1.53 -2.14 3.72
CA VAL A 41 1.46 -0.69 3.62
C VAL A 41 0.84 -0.07 4.88
N ARG A 42 1.08 1.23 5.06
CA ARG A 42 0.57 1.97 6.20
C ARG A 42 -0.23 3.15 5.71
N ASN A 43 -1.24 3.56 6.47
CA ASN A 43 -2.06 4.70 6.09
C ASN A 43 -2.05 5.79 7.16
N ALA A 44 -2.42 7.00 6.75
CA ALA A 44 -2.45 8.14 7.66
C ALA A 44 -3.33 7.87 8.89
N ALA A 45 -4.22 6.88 8.78
CA ALA A 45 -5.11 6.51 9.87
C ALA A 45 -4.41 5.65 10.93
N ASN A 46 -3.09 5.43 10.78
CA ASN A 46 -2.30 4.61 11.71
C ASN A 46 -2.62 3.13 11.55
N ARG A 47 -3.14 2.76 10.38
CA ARG A 47 -3.46 1.37 10.10
C ARG A 47 -2.45 0.80 9.11
N THR A 48 -2.14 -0.49 9.23
CA THR A 48 -1.20 -1.13 8.32
C THR A 48 -1.72 -2.50 7.85
N GLY A 49 -1.39 -2.89 6.62
CA GLY A 49 -1.85 -4.17 6.09
C GLY A 49 -1.17 -4.57 4.79
N TYR A 50 -1.45 -5.79 4.31
CA TYR A 50 -0.86 -6.30 3.06
C TYR A 50 -1.83 -6.22 1.89
N VAL A 51 -1.57 -5.30 0.96
CA VAL A 51 -2.43 -5.13 -0.22
C VAL A 51 -1.63 -5.17 -1.52
N PRO A 52 -1.87 -6.18 -2.40
CA PRO A 52 -1.18 -6.26 -3.67
C PRO A 52 -1.68 -5.20 -4.65
N SER A 53 -1.48 -3.94 -4.29
CA SER A 53 -1.94 -2.83 -5.11
C SER A 53 -1.10 -2.68 -6.36
N ASN A 54 -1.32 -3.54 -7.34
CA ASN A 54 -0.61 -3.46 -8.60
C ASN A 54 -0.87 -2.12 -9.28
N TYR A 55 -1.96 -1.46 -8.87
CA TYR A 55 -2.37 -0.18 -9.41
C TYR A 55 -1.68 0.99 -8.70
N VAL A 56 -0.37 0.88 -8.45
CA VAL A 56 0.36 1.94 -7.77
C VAL A 56 1.71 2.19 -8.45
N GLU A 57 2.16 3.43 -8.44
CA GLU A 57 3.42 3.81 -9.07
C GLU A 57 4.37 4.47 -8.08
N ARG A 58 5.65 4.12 -8.17
CA ARG A 58 6.65 4.68 -7.28
C ARG A 58 6.99 6.12 -7.66
N LYS A 59 7.17 6.97 -6.66
CA LYS A 59 7.50 8.37 -6.90
C LYS A 59 8.18 8.99 -5.68
N MET A 1 18.11 0.70 11.75
CA MET A 1 16.75 1.28 11.50
C MET A 1 16.21 0.89 10.12
N THR A 2 14.94 0.51 10.07
CA THR A 2 14.30 0.10 8.82
C THR A 2 14.02 1.31 7.93
N GLU A 3 14.03 1.09 6.63
CA GLU A 3 13.77 2.15 5.66
C GLU A 3 12.33 2.09 5.16
N GLU A 4 11.62 3.20 5.28
CA GLU A 4 10.23 3.29 4.82
C GLU A 4 10.15 3.61 3.33
N VAL A 5 9.17 3.02 2.67
CA VAL A 5 8.97 3.22 1.25
C VAL A 5 7.74 4.09 0.99
N ILE A 6 7.92 5.14 0.20
CA ILE A 6 6.83 6.06 -0.12
C ILE A 6 6.36 5.87 -1.56
N VAL A 7 5.11 5.44 -1.73
CA VAL A 7 4.55 5.23 -3.07
C VAL A 7 3.20 5.93 -3.24
N ILE A 8 2.80 6.14 -4.48
CA ILE A 8 1.53 6.81 -4.78
C ILE A 8 0.60 5.91 -5.58
N ALA A 9 -0.62 5.76 -5.10
CA ALA A 9 -1.61 4.91 -5.77
C ALA A 9 -2.32 5.68 -6.88
N LYS A 10 -2.17 5.22 -8.12
CA LYS A 10 -2.78 5.87 -9.28
C LYS A 10 -4.18 5.30 -9.61
N TRP A 11 -4.60 4.27 -8.87
CA TRP A 11 -5.92 3.66 -9.09
C TRP A 11 -6.50 3.16 -7.77
N ASP A 12 -7.81 3.33 -7.61
CA ASP A 12 -8.48 2.90 -6.39
C ASP A 12 -8.57 1.38 -6.28
N TYR A 13 -7.98 0.84 -5.21
CA TYR A 13 -8.00 -0.61 -4.98
C TYR A 13 -8.51 -0.91 -3.57
N THR A 14 -9.37 -1.93 -3.47
CA THR A 14 -9.92 -2.32 -2.18
C THR A 14 -9.18 -3.53 -1.63
N ALA A 15 -8.97 -3.54 -0.32
CA ALA A 15 -8.28 -4.62 0.36
C ALA A 15 -8.96 -5.96 0.12
N GLN A 16 -8.16 -6.96 -0.24
CA GLN A 16 -8.69 -8.31 -0.48
C GLN A 16 -9.27 -8.88 0.82
N GLN A 17 -8.69 -8.47 1.94
CA GLN A 17 -9.15 -8.91 3.25
C GLN A 17 -9.17 -7.74 4.23
N ASP A 18 -9.90 -7.89 5.33
CA ASP A 18 -10.00 -6.82 6.32
C ASP A 18 -8.64 -6.47 6.88
N GLN A 19 -7.79 -7.48 7.02
CA GLN A 19 -6.45 -7.29 7.55
C GLN A 19 -5.60 -6.43 6.61
N GLU A 20 -6.00 -6.34 5.35
CA GLU A 20 -5.27 -5.53 4.38
C GLU A 20 -5.68 -4.07 4.48
N LEU A 21 -5.09 -3.24 3.63
CA LEU A 21 -5.37 -1.81 3.64
C LEU A 21 -5.91 -1.32 2.30
N ASP A 22 -6.88 -0.41 2.36
CA ASP A 22 -7.50 0.15 1.17
C ASP A 22 -6.68 1.32 0.65
N ILE A 23 -6.66 1.49 -0.67
CA ILE A 23 -5.92 2.57 -1.29
C ILE A 23 -6.81 3.30 -2.31
N LYS A 24 -6.43 4.52 -2.66
CA LYS A 24 -7.22 5.31 -3.62
C LYS A 24 -6.43 5.59 -4.89
N LYS A 25 -7.13 6.06 -5.91
CA LYS A 25 -6.51 6.37 -7.20
C LYS A 25 -5.55 7.54 -7.12
N ASN A 26 -5.62 8.32 -6.05
CA ASN A 26 -4.73 9.47 -5.90
C ASN A 26 -4.23 9.60 -4.47
N GLU A 27 -4.26 8.52 -3.71
CA GLU A 27 -3.80 8.53 -2.34
C GLU A 27 -2.39 7.98 -2.24
N ARG A 28 -1.55 8.67 -1.47
CA ARG A 28 -0.18 8.25 -1.29
C ARG A 28 -0.05 7.33 -0.08
N LEU A 29 0.45 6.12 -0.31
CA LEU A 29 0.61 5.14 0.75
C LEU A 29 2.09 4.81 0.96
N TRP A 30 2.46 4.51 2.21
CA TRP A 30 3.84 4.18 2.54
C TRP A 30 4.02 2.67 2.69
N LEU A 31 4.72 2.08 1.74
CA LEU A 31 4.96 0.63 1.74
C LEU A 31 6.10 0.24 2.66
N LEU A 32 6.03 -1.00 3.16
CA LEU A 32 7.03 -1.54 4.06
C LEU A 32 7.85 -2.64 3.38
N ASP A 33 7.23 -3.29 2.39
CA ASP A 33 7.90 -4.37 1.66
C ASP A 33 7.23 -4.63 0.32
N ASP A 34 7.97 -4.42 -0.77
CA ASP A 34 7.43 -4.62 -2.12
C ASP A 34 8.08 -5.83 -2.82
N SER A 35 8.89 -6.59 -2.08
CA SER A 35 9.55 -7.76 -2.67
C SER A 35 8.57 -8.92 -2.87
N LYS A 36 7.64 -9.06 -1.95
CA LYS A 36 6.65 -10.13 -2.00
C LYS A 36 5.50 -9.80 -2.93
N THR A 37 4.79 -10.85 -3.34
CA THR A 37 3.63 -10.71 -4.19
C THR A 37 2.63 -9.77 -3.53
N TRP A 38 2.48 -9.95 -2.21
CA TRP A 38 1.60 -9.11 -1.41
C TRP A 38 2.41 -7.96 -0.82
N TRP A 39 1.91 -6.74 -0.96
CA TRP A 39 2.63 -5.57 -0.47
C TRP A 39 2.05 -5.04 0.84
N ARG A 40 2.94 -4.83 1.82
CA ARG A 40 2.54 -4.30 3.13
C ARG A 40 2.67 -2.78 3.11
N VAL A 41 1.60 -2.08 3.48
CA VAL A 41 1.61 -0.63 3.45
C VAL A 41 0.90 0.00 4.67
N ARG A 42 1.17 1.28 4.94
CA ARG A 42 0.58 1.98 6.08
C ARG A 42 -0.12 3.27 5.63
N ASN A 43 -1.22 3.62 6.30
CA ASN A 43 -1.99 4.83 5.97
C ASN A 43 -1.92 5.86 7.09
N ALA A 44 -2.23 7.11 6.76
CA ALA A 44 -2.23 8.19 7.73
C ALA A 44 -3.20 7.91 8.89
N ALA A 45 -4.17 7.03 8.64
CA ALA A 45 -5.15 6.65 9.65
C ALA A 45 -4.61 5.59 10.63
N ASN A 46 -3.32 5.27 10.51
CA ASN A 46 -2.68 4.26 11.36
C ASN A 46 -3.22 2.87 11.07
N ARG A 47 -3.71 2.67 9.84
CA ARG A 47 -4.22 1.38 9.40
C ARG A 47 -3.26 0.78 8.38
N THR A 48 -2.77 -0.42 8.65
CA THR A 48 -1.84 -1.08 7.76
C THR A 48 -2.38 -2.43 7.28
N GLY A 49 -1.88 -2.89 6.14
CA GLY A 49 -2.34 -4.17 5.62
C GLY A 49 -1.56 -4.62 4.39
N TYR A 50 -1.80 -5.86 3.96
CA TYR A 50 -1.11 -6.42 2.80
C TYR A 50 -2.03 -6.44 1.58
N VAL A 51 -1.71 -5.63 0.58
CA VAL A 51 -2.51 -5.58 -0.64
C VAL A 51 -1.61 -5.65 -1.88
N PRO A 52 -1.70 -6.72 -2.71
CA PRO A 52 -0.90 -6.85 -3.93
C PRO A 52 -1.37 -5.93 -5.07
N SER A 53 -1.80 -4.71 -4.73
CA SER A 53 -2.27 -3.77 -5.72
C SER A 53 -1.14 -3.30 -6.62
N ASN A 54 -0.96 -3.98 -7.74
CA ASN A 54 0.07 -3.60 -8.70
C ASN A 54 -0.21 -2.19 -9.23
N TYR A 55 -1.45 -1.71 -9.06
CA TYR A 55 -1.87 -0.40 -9.52
C TYR A 55 -1.07 0.74 -8.89
N VAL A 56 -0.33 0.46 -7.82
CA VAL A 56 0.47 1.51 -7.16
C VAL A 56 1.96 1.24 -7.33
N GLU A 57 2.70 2.32 -7.56
CA GLU A 57 4.15 2.21 -7.77
C GLU A 57 4.88 3.31 -7.00
N ARG A 58 6.20 3.14 -6.85
CA ARG A 58 7.02 4.12 -6.15
C ARG A 58 7.13 5.41 -6.95
N LYS A 59 7.07 6.55 -6.25
CA LYS A 59 7.16 7.85 -6.90
C LYS A 59 8.57 8.09 -7.43
N MET A 1 18.24 6.77 2.50
CA MET A 1 18.34 5.37 3.04
C MET A 1 17.27 5.09 4.08
N THR A 2 16.08 5.61 3.86
CA THR A 2 14.97 5.41 4.79
C THR A 2 14.29 4.07 4.54
N GLU A 3 14.08 3.32 5.62
CA GLU A 3 13.44 2.01 5.52
C GLU A 3 12.02 2.13 4.98
N GLU A 4 11.35 3.20 5.36
CA GLU A 4 9.99 3.45 4.91
C GLU A 4 9.94 3.78 3.43
N VAL A 5 8.94 3.23 2.75
CA VAL A 5 8.77 3.45 1.32
C VAL A 5 7.54 4.31 1.06
N ILE A 6 7.71 5.36 0.25
CA ILE A 6 6.60 6.25 -0.07
C ILE A 6 6.19 6.13 -1.53
N VAL A 7 4.95 5.72 -1.77
CA VAL A 7 4.45 5.58 -3.14
C VAL A 7 3.06 6.20 -3.27
N ILE A 8 2.67 6.50 -4.51
CA ILE A 8 1.36 7.09 -4.77
C ILE A 8 0.53 6.22 -5.70
N ALA A 9 -0.66 5.85 -5.25
CA ALA A 9 -1.57 4.99 -6.01
C ALA A 9 -2.24 5.75 -7.15
N LYS A 10 -2.11 5.24 -8.37
CA LYS A 10 -2.71 5.87 -9.57
C LYS A 10 -4.11 5.34 -9.87
N TRP A 11 -4.54 4.28 -9.18
CA TRP A 11 -5.86 3.70 -9.41
C TRP A 11 -6.45 3.14 -8.11
N ASP A 12 -7.76 3.24 -7.97
CA ASP A 12 -8.46 2.77 -6.77
C ASP A 12 -8.45 1.24 -6.67
N TYR A 13 -7.96 0.75 -5.53
CA TYR A 13 -7.91 -0.70 -5.27
C TYR A 13 -8.56 -1.02 -3.93
N THR A 14 -9.28 -2.14 -3.88
CA THR A 14 -9.95 -2.55 -2.66
C THR A 14 -9.19 -3.71 -1.99
N ALA A 15 -9.05 -3.63 -0.68
CA ALA A 15 -8.36 -4.66 0.08
C ALA A 15 -9.00 -6.02 -0.12
N GLN A 16 -8.16 -7.03 -0.38
CA GLN A 16 -8.65 -8.40 -0.57
C GLN A 16 -9.27 -8.93 0.71
N GLN A 17 -8.68 -8.51 1.83
CA GLN A 17 -9.16 -8.92 3.15
C GLN A 17 -9.30 -7.72 4.07
N ASP A 18 -10.02 -7.90 5.17
CA ASP A 18 -10.23 -6.81 6.12
C ASP A 18 -8.90 -6.37 6.76
N GLN A 19 -7.98 -7.31 6.89
CA GLN A 19 -6.68 -7.03 7.48
C GLN A 19 -5.89 -6.03 6.64
N GLU A 20 -6.17 -6.01 5.34
CA GLU A 20 -5.49 -5.09 4.42
C GLU A 20 -6.15 -3.72 4.47
N LEU A 21 -5.63 -2.80 3.66
CA LEU A 21 -6.16 -1.43 3.62
C LEU A 21 -6.56 -1.03 2.20
N ASP A 22 -7.63 -0.26 2.10
CA ASP A 22 -8.12 0.21 0.81
C ASP A 22 -7.32 1.41 0.34
N ILE A 23 -7.17 1.57 -0.97
CA ILE A 23 -6.45 2.68 -1.54
C ILE A 23 -7.26 3.35 -2.65
N LYS A 24 -6.90 4.57 -3.02
CA LYS A 24 -7.61 5.29 -4.06
C LYS A 24 -6.70 5.55 -5.25
N LYS A 25 -7.28 6.05 -6.34
CA LYS A 25 -6.53 6.33 -7.55
C LYS A 25 -5.56 7.50 -7.41
N ASN A 26 -5.68 8.24 -6.32
CA ASN A 26 -4.79 9.38 -6.10
C ASN A 26 -4.33 9.45 -4.65
N GLU A 27 -4.33 8.32 -3.97
CA GLU A 27 -3.93 8.28 -2.57
C GLU A 27 -2.50 7.75 -2.43
N ARG A 28 -1.73 8.37 -1.54
CA ARG A 28 -0.35 7.97 -1.31
C ARG A 28 -0.23 7.09 -0.09
N LEU A 29 0.29 5.87 -0.29
CA LEU A 29 0.45 4.92 0.80
C LEU A 29 1.93 4.63 1.04
N TRP A 30 2.27 4.24 2.26
CA TRP A 30 3.66 3.93 2.61
C TRP A 30 3.91 2.42 2.65
N LEU A 31 4.71 1.93 1.70
CA LEU A 31 5.03 0.50 1.62
C LEU A 31 6.08 0.10 2.66
N LEU A 32 5.94 -1.11 3.18
CA LEU A 32 6.87 -1.63 4.19
C LEU A 32 7.71 -2.76 3.62
N ASP A 33 7.18 -3.48 2.63
CA ASP A 33 7.88 -4.60 2.03
C ASP A 33 7.35 -4.89 0.63
N ASP A 34 8.21 -4.71 -0.37
CA ASP A 34 7.82 -4.95 -1.76
C ASP A 34 8.45 -6.23 -2.33
N SER A 35 9.16 -6.99 -1.50
CA SER A 35 9.79 -8.22 -1.95
C SER A 35 8.76 -9.29 -2.27
N LYS A 36 7.70 -9.33 -1.49
CA LYS A 36 6.64 -10.32 -1.67
C LYS A 36 5.66 -9.89 -2.75
N THR A 37 4.94 -10.87 -3.30
CA THR A 37 3.94 -10.61 -4.32
C THR A 37 2.88 -9.67 -3.76
N TRP A 38 2.59 -9.84 -2.47
CA TRP A 38 1.66 -8.98 -1.77
C TRP A 38 2.44 -7.96 -0.98
N TRP A 39 2.14 -6.68 -1.20
CA TRP A 39 2.87 -5.62 -0.52
C TRP A 39 2.18 -5.13 0.74
N ARG A 40 2.98 -4.89 1.78
CA ARG A 40 2.48 -4.38 3.03
C ARG A 40 2.57 -2.86 2.99
N VAL A 41 1.53 -2.18 3.47
CA VAL A 41 1.52 -0.73 3.43
C VAL A 41 0.92 -0.12 4.70
N ARG A 42 1.20 1.16 4.93
CA ARG A 42 0.70 1.86 6.10
C ARG A 42 -0.08 3.10 5.70
N ASN A 43 -1.14 3.39 6.45
CA ASN A 43 -1.98 4.55 6.16
C ASN A 43 -1.84 5.62 7.24
N ALA A 44 -2.27 6.85 6.90
CA ALA A 44 -2.19 7.97 7.83
C ALA A 44 -2.93 7.67 9.15
N ALA A 45 -3.84 6.69 9.11
CA ALA A 45 -4.60 6.31 10.29
C ALA A 45 -3.81 5.39 11.21
N ASN A 46 -2.53 5.15 10.91
CA ASN A 46 -1.68 4.28 11.71
C ASN A 46 -2.11 2.82 11.56
N ARG A 47 -2.75 2.50 10.44
CA ARG A 47 -3.20 1.15 10.17
C ARG A 47 -2.39 0.54 9.03
N THR A 48 -1.85 -0.65 9.25
CA THR A 48 -1.04 -1.32 8.23
C THR A 48 -1.69 -2.62 7.79
N GLY A 49 -1.34 -3.07 6.59
CA GLY A 49 -1.89 -4.31 6.07
C GLY A 49 -1.20 -4.73 4.77
N TYR A 50 -1.61 -5.88 4.23
CA TYR A 50 -1.02 -6.37 2.98
C TYR A 50 -1.99 -6.21 1.82
N VAL A 51 -1.65 -5.33 0.89
CA VAL A 51 -2.47 -5.10 -0.28
C VAL A 51 -1.66 -5.30 -1.56
N PRO A 52 -1.97 -6.34 -2.37
CA PRO A 52 -1.27 -6.60 -3.63
C PRO A 52 -1.64 -5.61 -4.73
N SER A 53 -1.86 -4.34 -4.36
CA SER A 53 -2.22 -3.32 -5.32
C SER A 53 -1.10 -3.08 -6.30
N ASN A 54 -1.19 -3.70 -7.46
CA ASN A 54 -0.17 -3.49 -8.49
C ASN A 54 -0.46 -2.18 -9.25
N TYR A 55 -1.57 -1.53 -8.90
CA TYR A 55 -1.97 -0.28 -9.52
C TYR A 55 -1.17 0.92 -9.02
N VAL A 56 -0.25 0.68 -8.08
CA VAL A 56 0.56 1.77 -7.54
C VAL A 56 2.02 1.63 -7.97
N GLU A 57 2.65 2.76 -8.25
CA GLU A 57 4.04 2.78 -8.67
C GLU A 57 4.87 3.70 -7.79
N ARG A 58 6.13 3.32 -7.56
CA ARG A 58 7.03 4.11 -6.74
C ARG A 58 7.41 5.42 -7.43
N LYS A 59 7.39 6.52 -6.69
CA LYS A 59 7.74 7.82 -7.25
C LYS A 59 8.84 8.49 -6.41
N MET A 1 17.49 -0.40 10.21
CA MET A 1 17.89 -1.50 9.30
C MET A 1 17.06 -1.49 8.02
N THR A 2 15.75 -1.62 8.17
CA THR A 2 14.84 -1.64 7.04
C THR A 2 14.64 -0.22 6.47
N GLU A 3 14.41 -0.14 5.17
CA GLU A 3 14.22 1.15 4.50
C GLU A 3 12.74 1.40 4.24
N GLU A 4 12.27 2.60 4.60
CA GLU A 4 10.87 2.97 4.39
C GLU A 4 10.62 3.29 2.92
N VAL A 5 9.49 2.84 2.41
CA VAL A 5 9.13 3.06 1.02
C VAL A 5 7.87 3.92 0.90
N ILE A 6 7.95 4.96 0.08
CA ILE A 6 6.83 5.86 -0.13
C ILE A 6 6.39 5.83 -1.60
N VAL A 7 5.12 5.51 -1.84
CA VAL A 7 4.61 5.46 -3.20
C VAL A 7 3.26 6.16 -3.35
N ILE A 8 2.94 6.51 -4.57
CA ILE A 8 1.68 7.18 -4.88
C ILE A 8 0.83 6.31 -5.79
N ALA A 9 -0.41 6.06 -5.39
CA ALA A 9 -1.31 5.23 -6.18
C ALA A 9 -1.80 5.97 -7.41
N LYS A 10 -2.05 5.22 -8.48
CA LYS A 10 -2.52 5.79 -9.74
C LYS A 10 -3.94 5.34 -10.08
N TRP A 11 -4.42 4.29 -9.40
CA TRP A 11 -5.78 3.78 -9.60
C TRP A 11 -6.36 3.26 -8.30
N ASP A 12 -7.67 3.38 -8.15
CA ASP A 12 -8.35 2.93 -6.94
C ASP A 12 -8.33 1.40 -6.81
N TYR A 13 -7.86 0.92 -5.67
CA TYR A 13 -7.80 -0.51 -5.40
C TYR A 13 -8.48 -0.83 -4.07
N THR A 14 -9.29 -1.88 -4.06
CA THR A 14 -9.99 -2.28 -2.84
C THR A 14 -9.34 -3.53 -2.26
N ALA A 15 -8.88 -3.42 -1.03
CA ALA A 15 -8.22 -4.52 -0.35
C ALA A 15 -9.07 -5.78 -0.35
N GLN A 16 -8.41 -6.94 -0.48
CA GLN A 16 -9.12 -8.22 -0.51
C GLN A 16 -8.51 -9.21 0.49
N GLN A 17 -8.16 -8.71 1.65
CA GLN A 17 -7.59 -9.52 2.73
C GLN A 17 -8.23 -9.19 4.08
N ASP A 18 -7.84 -9.92 5.13
CA ASP A 18 -8.39 -9.71 6.46
C ASP A 18 -7.78 -8.51 7.17
N GLN A 19 -6.48 -8.32 6.97
CA GLN A 19 -5.76 -7.20 7.59
C GLN A 19 -5.09 -6.37 6.50
N GLU A 20 -5.90 -5.55 5.84
CA GLU A 20 -5.44 -4.71 4.74
C GLU A 20 -6.05 -3.31 4.78
N LEU A 21 -5.68 -2.51 3.79
CA LEU A 21 -6.17 -1.14 3.68
C LEU A 21 -6.52 -0.81 2.23
N ASP A 22 -7.66 -0.13 2.04
CA ASP A 22 -8.11 0.27 0.71
C ASP A 22 -7.37 1.52 0.27
N ILE A 23 -7.17 1.67 -1.03
CA ILE A 23 -6.48 2.84 -1.58
C ILE A 23 -7.29 3.47 -2.69
N LYS A 24 -6.95 4.70 -3.05
CA LYS A 24 -7.66 5.42 -4.10
C LYS A 24 -6.78 5.65 -5.32
N LYS A 25 -7.34 6.34 -6.30
CA LYS A 25 -6.64 6.62 -7.54
C LYS A 25 -5.39 7.45 -7.35
N ASN A 26 -5.52 8.57 -6.65
CA ASN A 26 -4.38 9.46 -6.42
C ASN A 26 -3.85 9.41 -4.99
N GLU A 27 -4.54 8.70 -4.10
CA GLU A 27 -4.10 8.60 -2.69
C GLU A 27 -2.65 8.09 -2.60
N ARG A 28 -1.93 8.58 -1.59
CA ARG A 28 -0.54 8.18 -1.39
C ARG A 28 -0.40 7.27 -0.18
N LEU A 29 0.21 6.09 -0.39
CA LEU A 29 0.41 5.14 0.69
C LEU A 29 1.90 4.93 0.95
N TRP A 30 2.23 4.49 2.17
CA TRP A 30 3.62 4.25 2.55
C TRP A 30 3.91 2.74 2.60
N LEU A 31 4.66 2.25 1.60
CA LEU A 31 4.96 0.83 1.52
C LEU A 31 5.91 0.38 2.63
N LEU A 32 5.67 -0.84 3.11
CA LEU A 32 6.45 -1.41 4.18
C LEU A 32 7.28 -2.60 3.68
N ASP A 33 6.70 -3.34 2.74
CA ASP A 33 7.36 -4.50 2.16
C ASP A 33 6.77 -4.82 0.79
N ASP A 34 7.60 -4.68 -0.25
CA ASP A 34 7.15 -4.95 -1.61
C ASP A 34 7.81 -6.19 -2.22
N SER A 35 8.60 -6.91 -1.44
CA SER A 35 9.29 -8.10 -1.94
C SER A 35 8.30 -9.22 -2.25
N LYS A 36 7.28 -9.37 -1.40
CA LYS A 36 6.28 -10.41 -1.57
C LYS A 36 5.21 -10.00 -2.59
N THR A 37 4.51 -11.00 -3.13
CA THR A 37 3.43 -10.73 -4.08
C THR A 37 2.41 -9.81 -3.46
N TRP A 38 2.21 -9.98 -2.15
CA TRP A 38 1.31 -9.14 -1.38
C TRP A 38 2.12 -8.04 -0.72
N TRP A 39 1.68 -6.80 -0.85
CA TRP A 39 2.43 -5.69 -0.29
C TRP A 39 1.79 -5.16 0.99
N ARG A 40 2.64 -4.91 1.97
CA ARG A 40 2.18 -4.37 3.24
C ARG A 40 2.34 -2.85 3.21
N VAL A 41 1.28 -2.14 3.57
CA VAL A 41 1.33 -0.68 3.53
C VAL A 41 0.69 -0.04 4.77
N ARG A 42 1.08 1.19 5.04
CA ARG A 42 0.59 1.93 6.21
C ARG A 42 -0.10 3.22 5.78
N ASN A 43 -1.20 3.54 6.47
CA ASN A 43 -1.96 4.75 6.16
C ASN A 43 -1.88 5.78 7.28
N ALA A 44 -2.24 7.03 6.98
CA ALA A 44 -2.21 8.12 7.95
C ALA A 44 -3.04 7.80 9.19
N ALA A 45 -3.94 6.82 9.09
CA ALA A 45 -4.78 6.42 10.22
C ALA A 45 -4.02 5.51 11.20
N ASN A 46 -2.72 5.31 10.98
CA ASN A 46 -1.91 4.45 11.84
C ASN A 46 -2.35 3.00 11.73
N ARG A 47 -2.93 2.66 10.58
CA ARG A 47 -3.38 1.31 10.31
C ARG A 47 -2.53 0.70 9.20
N THR A 48 -2.24 -0.60 9.30
CA THR A 48 -1.43 -1.26 8.30
C THR A 48 -2.07 -2.58 7.87
N GLY A 49 -1.66 -3.10 6.72
CA GLY A 49 -2.22 -4.35 6.24
C GLY A 49 -1.58 -4.82 4.93
N TYR A 50 -2.09 -5.92 4.36
CA TYR A 50 -1.52 -6.49 3.12
C TYR A 50 -2.45 -6.34 1.90
N VAL A 51 -1.99 -5.56 0.93
CA VAL A 51 -2.74 -5.34 -0.32
C VAL A 51 -1.82 -5.36 -1.55
N PRO A 52 -1.95 -6.36 -2.43
CA PRO A 52 -1.13 -6.43 -3.66
C PRO A 52 -1.60 -5.41 -4.70
N SER A 53 -1.64 -4.15 -4.30
CA SER A 53 -2.08 -3.09 -5.20
C SER A 53 -1.05 -2.79 -6.28
N ASN A 54 -1.06 -3.60 -7.33
CA ASN A 54 -0.15 -3.40 -8.46
C ASN A 54 -0.45 -2.07 -9.16
N TYR A 55 -1.62 -1.49 -8.87
CA TYR A 55 -2.03 -0.23 -9.47
C TYR A 55 -1.23 0.96 -8.95
N VAL A 56 -0.38 0.74 -7.94
CA VAL A 56 0.42 1.83 -7.39
C VAL A 56 1.89 1.65 -7.74
N GLU A 57 2.58 2.76 -7.93
CA GLU A 57 3.99 2.74 -8.27
C GLU A 57 4.75 3.78 -7.46
N ARG A 58 6.07 3.63 -7.41
CA ARG A 58 6.92 4.56 -6.66
C ARG A 58 6.96 5.92 -7.36
N LYS A 59 6.93 6.98 -6.56
CA LYS A 59 6.98 8.34 -7.11
C LYS A 59 7.32 9.34 -6.02
N MET A 1 16.65 -1.94 11.10
CA MET A 1 15.18 -1.68 10.90
C MET A 1 14.75 -1.94 9.46
N THR A 2 13.44 -2.03 9.24
CA THR A 2 12.90 -2.27 7.92
C THR A 2 12.87 -0.98 7.09
N GLU A 3 13.24 -1.09 5.82
CA GLU A 3 13.27 0.07 4.93
C GLU A 3 11.86 0.37 4.39
N GLU A 4 11.49 1.64 4.42
CA GLU A 4 10.18 2.07 3.94
C GLU A 4 10.26 2.65 2.54
N VAL A 5 9.29 2.29 1.71
CA VAL A 5 9.23 2.77 0.34
C VAL A 5 7.98 3.64 0.14
N ILE A 6 8.15 4.79 -0.49
CA ILE A 6 7.05 5.71 -0.72
C ILE A 6 6.56 5.64 -2.16
N VAL A 7 5.30 5.28 -2.34
CA VAL A 7 4.70 5.19 -3.66
C VAL A 7 3.34 5.89 -3.69
N ILE A 8 2.87 6.24 -4.89
CA ILE A 8 1.59 6.92 -5.03
C ILE A 8 0.62 6.09 -5.87
N ALA A 9 -0.55 5.82 -5.28
CA ALA A 9 -1.57 5.02 -5.95
C ALA A 9 -2.32 5.84 -7.00
N LYS A 10 -2.25 5.39 -8.26
CA LYS A 10 -2.91 6.08 -9.37
C LYS A 10 -4.33 5.54 -9.64
N TRP A 11 -4.72 4.47 -8.96
CA TRP A 11 -6.05 3.87 -9.13
C TRP A 11 -6.56 3.35 -7.80
N ASP A 12 -7.88 3.47 -7.58
CA ASP A 12 -8.50 3.04 -6.35
C ASP A 12 -8.55 1.52 -6.24
N TYR A 13 -7.94 0.98 -5.18
CA TYR A 13 -7.92 -0.46 -4.96
C TYR A 13 -8.42 -0.80 -3.56
N THR A 14 -9.27 -1.82 -3.46
CA THR A 14 -9.82 -2.23 -2.18
C THR A 14 -9.13 -3.50 -1.67
N ALA A 15 -8.90 -3.54 -0.37
CA ALA A 15 -8.23 -4.68 0.26
C ALA A 15 -8.95 -5.99 -0.05
N GLN A 16 -8.19 -7.02 -0.40
CA GLN A 16 -8.78 -8.33 -0.68
C GLN A 16 -8.99 -9.14 0.60
N GLN A 17 -8.53 -8.59 1.73
CA GLN A 17 -8.68 -9.23 3.03
C GLN A 17 -8.91 -8.17 4.10
N ASP A 18 -9.25 -8.59 5.31
CA ASP A 18 -9.51 -7.65 6.40
C ASP A 18 -8.22 -7.06 6.97
N GLN A 19 -7.13 -7.84 6.88
CA GLN A 19 -5.84 -7.41 7.39
C GLN A 19 -5.10 -6.48 6.42
N GLU A 20 -5.63 -6.29 5.22
CA GLU A 20 -4.98 -5.42 4.25
C GLU A 20 -5.40 -3.97 4.44
N LEU A 21 -4.85 -3.08 3.62
CA LEU A 21 -5.15 -1.65 3.72
C LEU A 21 -5.68 -1.09 2.40
N ASP A 22 -6.84 -0.43 2.45
CA ASP A 22 -7.46 0.16 1.27
C ASP A 22 -6.64 1.36 0.77
N ILE A 23 -6.68 1.59 -0.54
CA ILE A 23 -5.96 2.70 -1.14
C ILE A 23 -6.86 3.43 -2.14
N LYS A 24 -6.45 4.63 -2.54
CA LYS A 24 -7.24 5.42 -3.50
C LYS A 24 -6.44 5.70 -4.77
N LYS A 25 -7.14 6.16 -5.79
CA LYS A 25 -6.52 6.46 -7.08
C LYS A 25 -5.57 7.64 -7.02
N ASN A 26 -5.59 8.39 -5.92
CA ASN A 26 -4.70 9.53 -5.78
C ASN A 26 -4.15 9.63 -4.36
N GLU A 27 -4.18 8.53 -3.63
CA GLU A 27 -3.68 8.51 -2.27
C GLU A 27 -2.24 7.97 -2.23
N ARG A 28 -1.43 8.57 -1.38
CA ARG A 28 -0.04 8.16 -1.22
C ARG A 28 0.12 7.25 -0.02
N LEU A 29 0.59 6.03 -0.25
CA LEU A 29 0.78 5.06 0.82
C LEU A 29 2.26 4.75 1.05
N TRP A 30 2.59 4.45 2.30
CA TRP A 30 3.97 4.13 2.67
C TRP A 30 4.15 2.62 2.80
N LEU A 31 4.92 2.04 1.87
CA LEU A 31 5.18 0.60 1.88
C LEU A 31 6.13 0.23 3.01
N LEU A 32 5.95 -0.97 3.55
CA LEU A 32 6.78 -1.44 4.64
C LEU A 32 7.71 -2.57 4.19
N ASP A 33 7.26 -3.36 3.21
CA ASP A 33 8.04 -4.47 2.70
C ASP A 33 8.05 -4.50 1.19
N ASP A 34 6.88 -4.74 0.62
CA ASP A 34 6.70 -4.83 -0.83
C ASP A 34 7.71 -5.77 -1.50
N SER A 35 8.35 -6.64 -0.72
CA SER A 35 9.31 -7.58 -1.27
C SER A 35 8.59 -8.76 -1.94
N LYS A 36 7.48 -9.17 -1.35
CA LYS A 36 6.68 -10.29 -1.85
C LYS A 36 5.60 -9.82 -2.80
N THR A 37 4.89 -10.78 -3.39
CA THR A 37 3.79 -10.46 -4.29
C THR A 37 2.73 -9.64 -3.55
N TRP A 38 2.66 -9.84 -2.23
CA TRP A 38 1.74 -9.09 -1.39
C TRP A 38 2.50 -7.97 -0.71
N TRP A 39 2.00 -6.74 -0.84
CA TRP A 39 2.71 -5.59 -0.29
C TRP A 39 2.05 -4.99 0.95
N ARG A 40 2.84 -4.81 2.00
CA ARG A 40 2.35 -4.20 3.24
C ARG A 40 2.51 -2.68 3.13
N VAL A 41 1.50 -1.94 3.54
CA VAL A 41 1.55 -0.49 3.46
C VAL A 41 0.81 0.16 4.64
N ARG A 42 1.09 1.44 4.90
CA ARG A 42 0.45 2.15 6.01
C ARG A 42 -0.32 3.37 5.51
N ASN A 43 -1.46 3.64 6.16
CA ASN A 43 -2.30 4.77 5.80
C ASN A 43 -2.35 5.81 6.92
N ALA A 44 -2.74 7.04 6.57
CA ALA A 44 -2.83 8.13 7.54
C ALA A 44 -3.76 7.78 8.71
N ALA A 45 -4.63 6.80 8.50
CA ALA A 45 -5.56 6.37 9.52
C ALA A 45 -4.91 5.42 10.53
N ASN A 46 -3.59 5.21 10.42
CA ASN A 46 -2.86 4.32 11.29
C ASN A 46 -3.26 2.86 11.05
N ARG A 47 -3.73 2.58 9.84
CA ARG A 47 -4.13 1.24 9.46
C ARG A 47 -3.16 0.69 8.42
N THR A 48 -2.63 -0.50 8.66
CA THR A 48 -1.68 -1.11 7.74
C THR A 48 -2.13 -2.51 7.31
N GLY A 49 -1.74 -2.92 6.11
CA GLY A 49 -2.13 -4.25 5.63
C GLY A 49 -1.45 -4.64 4.32
N TYR A 50 -1.64 -5.90 3.90
CA TYR A 50 -1.03 -6.41 2.67
C TYR A 50 -1.99 -6.35 1.47
N VAL A 51 -1.72 -5.43 0.54
CA VAL A 51 -2.55 -5.30 -0.66
C VAL A 51 -1.70 -5.36 -1.93
N PRO A 52 -1.83 -6.43 -2.74
CA PRO A 52 -1.07 -6.53 -3.99
C PRO A 52 -1.60 -5.57 -5.05
N SER A 53 -1.83 -4.32 -4.66
CA SER A 53 -2.35 -3.32 -5.57
C SER A 53 -1.29 -2.88 -6.55
N ASN A 54 -1.12 -3.66 -7.61
CA ASN A 54 -0.15 -3.32 -8.65
C ASN A 54 -0.50 -1.95 -9.25
N TYR A 55 -1.75 -1.52 -9.05
CA TYR A 55 -2.24 -0.25 -9.54
C TYR A 55 -1.42 0.94 -9.04
N VAL A 56 -0.62 0.73 -7.99
CA VAL A 56 0.19 1.80 -7.45
C VAL A 56 1.67 1.58 -7.75
N GLU A 57 2.37 2.66 -8.06
CA GLU A 57 3.79 2.59 -8.39
C GLU A 57 4.56 3.71 -7.70
N ARG A 58 5.87 3.55 -7.61
CA ARG A 58 6.74 4.54 -6.98
C ARG A 58 6.82 5.80 -7.83
N LYS A 59 6.79 6.96 -7.17
CA LYS A 59 6.86 8.24 -7.85
C LYS A 59 8.07 9.05 -7.39
N MET A 1 15.78 0.42 12.04
CA MET A 1 15.69 -1.04 11.74
C MET A 1 14.87 -1.30 10.49
N THR A 2 13.65 -0.76 10.45
CA THR A 2 12.77 -0.95 9.31
C THR A 2 12.83 0.25 8.35
N GLU A 3 12.86 -0.06 7.05
CA GLU A 3 12.92 0.99 6.03
C GLU A 3 11.52 1.34 5.53
N GLU A 4 11.27 2.63 5.34
CA GLU A 4 9.96 3.09 4.88
C GLU A 4 9.97 3.40 3.39
N VAL A 5 8.89 3.01 2.72
CA VAL A 5 8.75 3.22 1.28
C VAL A 5 7.54 4.12 1.01
N ILE A 6 7.77 5.18 0.23
CA ILE A 6 6.69 6.11 -0.11
C ILE A 6 6.31 5.99 -1.59
N VAL A 7 5.05 5.65 -1.85
CA VAL A 7 4.57 5.51 -3.21
C VAL A 7 3.22 6.21 -3.39
N ILE A 8 2.88 6.49 -4.65
CA ILE A 8 1.61 7.16 -4.96
C ILE A 8 0.70 6.26 -5.78
N ALA A 9 -0.49 5.99 -5.25
CA ALA A 9 -1.46 5.15 -5.93
C ALA A 9 -2.12 5.90 -7.08
N LYS A 10 -2.08 5.31 -8.28
CA LYS A 10 -2.66 5.92 -9.47
C LYS A 10 -4.05 5.36 -9.81
N TRP A 11 -4.44 4.27 -9.14
CA TRP A 11 -5.75 3.65 -9.37
C TRP A 11 -6.35 3.16 -8.06
N ASP A 12 -7.67 3.25 -7.95
CA ASP A 12 -8.37 2.83 -6.73
C ASP A 12 -8.40 1.31 -6.60
N TYR A 13 -7.87 0.81 -5.49
CA TYR A 13 -7.85 -0.63 -5.23
C TYR A 13 -8.44 -0.95 -3.86
N THR A 14 -9.23 -2.02 -3.79
CA THR A 14 -9.86 -2.42 -2.54
C THR A 14 -9.14 -3.62 -1.94
N ALA A 15 -8.88 -3.55 -0.63
CA ALA A 15 -8.20 -4.64 0.07
C ALA A 15 -8.94 -5.96 -0.10
N GLN A 16 -8.19 -7.04 -0.23
CA GLN A 16 -8.79 -8.37 -0.42
C GLN A 16 -9.07 -9.06 0.92
N GLN A 17 -8.65 -8.43 2.02
CA GLN A 17 -8.90 -8.99 3.34
C GLN A 17 -9.05 -7.88 4.38
N ASP A 18 -9.33 -8.25 5.62
CA ASP A 18 -9.49 -7.27 6.69
C ASP A 18 -8.15 -6.74 7.15
N GLN A 19 -7.15 -7.59 7.10
CA GLN A 19 -5.80 -7.22 7.50
C GLN A 19 -5.24 -6.12 6.61
N GLU A 20 -5.58 -6.17 5.32
CA GLU A 20 -5.09 -5.16 4.38
C GLU A 20 -5.92 -3.88 4.43
N LEU A 21 -5.51 -2.90 3.61
CA LEU A 21 -6.18 -1.61 3.58
C LEU A 21 -6.62 -1.23 2.17
N ASP A 22 -7.54 -0.29 2.09
CA ASP A 22 -8.03 0.20 0.81
C ASP A 22 -7.20 1.39 0.35
N ILE A 23 -7.05 1.54 -0.96
CA ILE A 23 -6.29 2.65 -1.51
C ILE A 23 -7.10 3.34 -2.61
N LYS A 24 -6.69 4.56 -2.96
CA LYS A 24 -7.40 5.33 -3.97
C LYS A 24 -6.50 5.63 -5.17
N LYS A 25 -7.12 6.04 -6.27
CA LYS A 25 -6.40 6.34 -7.50
C LYS A 25 -5.43 7.50 -7.34
N ASN A 26 -5.53 8.24 -6.26
CA ASN A 26 -4.63 9.38 -6.04
C ASN A 26 -4.15 9.46 -4.59
N GLU A 27 -4.49 8.48 -3.77
CA GLU A 27 -4.07 8.47 -2.37
C GLU A 27 -2.62 8.05 -2.26
N ARG A 28 -1.92 8.60 -1.27
CA ARG A 28 -0.52 8.29 -1.06
C ARG A 28 -0.38 7.19 -0.01
N LEU A 29 0.22 6.08 -0.42
CA LEU A 29 0.41 4.94 0.47
C LEU A 29 1.89 4.70 0.74
N TRP A 30 2.18 4.31 1.98
CA TRP A 30 3.55 4.03 2.39
C TRP A 30 3.81 2.54 2.47
N LEU A 31 4.59 2.02 1.54
CA LEU A 31 4.90 0.60 1.49
C LEU A 31 5.97 0.22 2.50
N LEU A 32 5.90 -1.02 2.97
CA LEU A 32 6.87 -1.52 3.94
C LEU A 32 7.71 -2.66 3.33
N ASP A 33 7.12 -3.39 2.38
CA ASP A 33 7.81 -4.49 1.71
C ASP A 33 7.11 -4.84 0.40
N ASP A 34 7.83 -4.69 -0.71
CA ASP A 34 7.28 -4.97 -2.03
C ASP A 34 7.89 -6.22 -2.66
N SER A 35 8.78 -6.90 -1.94
CA SER A 35 9.43 -8.10 -2.45
C SER A 35 8.42 -9.21 -2.71
N LYS A 36 7.44 -9.34 -1.82
CA LYS A 36 6.40 -10.36 -1.95
C LYS A 36 5.30 -9.93 -2.90
N THR A 37 4.55 -10.91 -3.39
CA THR A 37 3.43 -10.64 -4.29
C THR A 37 2.44 -9.73 -3.57
N TRP A 38 2.31 -9.95 -2.26
CA TRP A 38 1.44 -9.13 -1.43
C TRP A 38 2.27 -8.03 -0.80
N TRP A 39 1.80 -6.79 -0.87
CA TRP A 39 2.57 -5.67 -0.34
C TRP A 39 2.02 -5.13 0.97
N ARG A 40 2.91 -4.94 1.93
CA ARG A 40 2.52 -4.39 3.22
C ARG A 40 2.57 -2.86 3.12
N VAL A 41 1.52 -2.20 3.58
CA VAL A 41 1.45 -0.75 3.48
C VAL A 41 0.84 -0.12 4.74
N ARG A 42 1.11 1.17 4.94
CA ARG A 42 0.60 1.90 6.08
C ARG A 42 -0.19 3.13 5.62
N ASN A 43 -1.29 3.42 6.32
CA ASN A 43 -2.13 4.57 5.97
C ASN A 43 -2.04 5.67 7.02
N ALA A 44 -2.45 6.88 6.63
CA ALA A 44 -2.43 8.02 7.55
C ALA A 44 -3.25 7.76 8.81
N ALA A 45 -4.17 6.79 8.73
CA ALA A 45 -5.02 6.44 9.86
C ALA A 45 -4.29 5.55 10.88
N ASN A 46 -2.98 5.31 10.66
CA ASN A 46 -2.20 4.46 11.54
C ASN A 46 -2.59 2.99 11.40
N ARG A 47 -3.10 2.64 10.22
CA ARG A 47 -3.51 1.27 9.94
C ARG A 47 -2.60 0.66 8.88
N THR A 48 -2.15 -0.57 9.11
CA THR A 48 -1.26 -1.24 8.17
C THR A 48 -1.84 -2.59 7.73
N GLY A 49 -1.55 -2.98 6.49
CA GLY A 49 -2.06 -4.24 5.97
C GLY A 49 -1.31 -4.70 4.72
N TYR A 50 -1.71 -5.84 4.15
CA TYR A 50 -1.05 -6.38 2.96
C TYR A 50 -1.93 -6.37 1.71
N VAL A 51 -1.77 -5.35 0.87
CA VAL A 51 -2.54 -5.27 -0.38
C VAL A 51 -1.63 -5.42 -1.59
N PRO A 52 -1.85 -6.41 -2.47
CA PRO A 52 -1.03 -6.58 -3.68
C PRO A 52 -1.44 -5.60 -4.77
N SER A 53 -1.67 -4.34 -4.40
CA SER A 53 -2.08 -3.32 -5.35
C SER A 53 -0.95 -2.94 -6.28
N ASN A 54 -0.81 -3.67 -7.38
CA ASN A 54 0.22 -3.38 -8.36
C ASN A 54 -0.07 -2.04 -9.07
N TYR A 55 -1.29 -1.52 -8.87
CA TYR A 55 -1.70 -0.27 -9.46
C TYR A 55 -0.96 0.93 -8.85
N VAL A 56 -0.22 0.72 -7.77
CA VAL A 56 0.52 1.81 -7.14
C VAL A 56 2.02 1.56 -7.23
N GLU A 57 2.76 2.63 -7.46
CA GLU A 57 4.21 2.54 -7.57
C GLU A 57 4.87 3.81 -7.03
N ARG A 58 6.16 3.71 -6.73
CA ARG A 58 6.91 4.85 -6.21
C ARG A 58 7.10 5.92 -7.27
N LYS A 59 6.95 7.19 -6.87
CA LYS A 59 7.09 8.30 -7.80
C LYS A 59 6.09 8.20 -8.95
N MET A 1 19.40 1.64 0.75
CA MET A 1 17.94 1.42 0.58
C MET A 1 17.21 1.44 1.91
N THR A 2 16.25 2.35 2.04
CA THR A 2 15.47 2.47 3.27
C THR A 2 14.45 1.34 3.38
N GLU A 3 14.01 1.07 4.61
CA GLU A 3 13.04 0.00 4.85
C GLU A 3 11.65 0.42 4.36
N GLU A 4 11.39 1.72 4.37
CA GLU A 4 10.12 2.25 3.93
C GLU A 4 10.22 2.86 2.55
N VAL A 5 9.34 2.45 1.67
CA VAL A 5 9.31 2.94 0.30
C VAL A 5 8.12 3.87 0.09
N ILE A 6 8.38 5.03 -0.51
CA ILE A 6 7.32 6.00 -0.77
C ILE A 6 6.80 5.88 -2.19
N VAL A 7 5.51 5.57 -2.31
CA VAL A 7 4.89 5.42 -3.63
C VAL A 7 3.55 6.14 -3.67
N ILE A 8 3.05 6.39 -4.89
CA ILE A 8 1.78 7.07 -5.07
C ILE A 8 0.80 6.20 -5.84
N ALA A 9 -0.41 6.08 -5.32
CA ALA A 9 -1.43 5.27 -5.96
C ALA A 9 -2.01 5.99 -7.17
N LYS A 10 -2.47 5.22 -8.15
CA LYS A 10 -3.03 5.78 -9.38
C LYS A 10 -4.51 5.38 -9.54
N TRP A 11 -4.96 4.40 -8.77
CA TRP A 11 -6.35 3.94 -8.86
C TRP A 11 -6.84 3.45 -7.50
N ASP A 12 -8.15 3.59 -7.27
CA ASP A 12 -8.75 3.17 -6.01
C ASP A 12 -8.86 1.64 -5.94
N TYR A 13 -8.25 1.06 -4.92
CA TYR A 13 -8.27 -0.38 -4.72
C TYR A 13 -8.74 -0.74 -3.32
N THR A 14 -9.60 -1.74 -3.23
CA THR A 14 -10.11 -2.20 -1.95
C THR A 14 -9.35 -3.43 -1.48
N ALA A 15 -9.02 -3.47 -0.20
CA ALA A 15 -8.29 -4.58 0.40
C ALA A 15 -8.95 -5.92 0.07
N GLN A 16 -8.15 -6.87 -0.42
CA GLN A 16 -8.66 -8.20 -0.75
C GLN A 16 -9.20 -8.89 0.52
N GLN A 17 -8.71 -8.46 1.67
CA GLN A 17 -9.12 -9.01 2.95
C GLN A 17 -9.27 -7.90 3.99
N ASP A 18 -9.78 -8.23 5.16
CA ASP A 18 -9.96 -7.23 6.21
C ASP A 18 -8.62 -6.81 6.82
N GLN A 19 -7.67 -7.74 6.82
CA GLN A 19 -6.35 -7.47 7.39
C GLN A 19 -5.53 -6.52 6.50
N GLU A 20 -5.94 -6.36 5.26
CA GLU A 20 -5.22 -5.47 4.34
C GLU A 20 -5.72 -4.05 4.48
N LEU A 21 -5.15 -3.14 3.70
CA LEU A 21 -5.52 -1.73 3.76
C LEU A 21 -6.07 -1.26 2.42
N ASP A 22 -7.07 -0.38 2.47
CA ASP A 22 -7.66 0.16 1.25
C ASP A 22 -6.89 1.37 0.76
N ILE A 23 -6.92 1.61 -0.55
CA ILE A 23 -6.22 2.73 -1.14
C ILE A 23 -7.12 3.46 -2.14
N LYS A 24 -6.75 4.70 -2.48
CA LYS A 24 -7.54 5.49 -3.42
C LYS A 24 -6.77 5.75 -4.71
N LYS A 25 -7.39 6.52 -5.59
CA LYS A 25 -6.79 6.84 -6.88
C LYS A 25 -5.51 7.65 -6.75
N ASN A 26 -5.56 8.75 -6.01
CA ASN A 26 -4.39 9.60 -5.85
C ASN A 26 -3.81 9.55 -4.43
N GLU A 27 -4.40 8.76 -3.55
CA GLU A 27 -3.91 8.65 -2.18
C GLU A 27 -2.45 8.20 -2.14
N ARG A 28 -1.69 8.75 -1.20
CA ARG A 28 -0.28 8.42 -1.04
C ARG A 28 -0.12 7.33 0.00
N LEU A 29 0.49 6.22 -0.40
CA LEU A 29 0.67 5.08 0.48
C LEU A 29 2.14 4.86 0.86
N TRP A 30 2.36 4.40 2.10
CA TRP A 30 3.69 4.11 2.60
C TRP A 30 3.93 2.59 2.66
N LEU A 31 4.77 2.08 1.76
CA LEU A 31 5.06 0.65 1.72
C LEU A 31 5.94 0.21 2.90
N LEU A 32 5.72 -1.03 3.34
CA LEU A 32 6.47 -1.59 4.46
C LEU A 32 7.37 -2.73 4.00
N ASP A 33 6.96 -3.42 2.94
CA ASP A 33 7.74 -4.54 2.41
C ASP A 33 7.38 -4.82 0.95
N ASP A 34 8.36 -4.64 0.07
CA ASP A 34 8.15 -4.86 -1.37
C ASP A 34 8.88 -6.11 -1.87
N SER A 35 9.44 -6.91 -0.96
CA SER A 35 10.17 -8.11 -1.35
C SER A 35 9.21 -9.24 -1.71
N LYS A 36 8.08 -9.28 -1.02
CA LYS A 36 7.07 -10.31 -1.25
C LYS A 36 6.16 -9.93 -2.41
N THR A 37 5.52 -10.95 -3.00
CA THR A 37 4.60 -10.72 -4.11
C THR A 37 3.48 -9.80 -3.66
N TRP A 38 3.07 -9.98 -2.39
CA TRP A 38 2.06 -9.13 -1.79
C TRP A 38 2.76 -8.02 -1.02
N TRP A 39 2.34 -6.78 -1.26
CA TRP A 39 2.98 -5.66 -0.60
C TRP A 39 2.19 -5.14 0.57
N ARG A 40 2.88 -4.89 1.68
CA ARG A 40 2.25 -4.36 2.87
C ARG A 40 2.35 -2.84 2.84
N VAL A 41 1.25 -2.16 3.11
CA VAL A 41 1.25 -0.72 3.06
C VAL A 41 0.42 -0.11 4.19
N ARG A 42 0.85 1.06 4.67
CA ARG A 42 0.16 1.74 5.75
C ARG A 42 -0.35 3.09 5.29
N ASN A 43 -1.42 3.58 5.94
CA ASN A 43 -2.00 4.87 5.59
C ASN A 43 -2.04 5.83 6.77
N ALA A 44 -2.40 7.08 6.51
CA ALA A 44 -2.48 8.11 7.55
C ALA A 44 -3.52 7.78 8.62
N ALA A 45 -4.40 6.82 8.32
CA ALA A 45 -5.43 6.41 9.27
C ALA A 45 -4.88 5.47 10.36
N ASN A 46 -3.57 5.26 10.38
CA ASN A 46 -2.93 4.39 11.35
C ASN A 46 -3.35 2.93 11.14
N ARG A 47 -3.78 2.61 9.93
CA ARG A 47 -4.19 1.26 9.58
C ARG A 47 -3.30 0.74 8.45
N THR A 48 -2.74 -0.45 8.63
CA THR A 48 -1.88 -1.02 7.61
C THR A 48 -2.18 -2.50 7.38
N GLY A 49 -1.84 -2.98 6.20
CA GLY A 49 -2.08 -4.37 5.86
C GLY A 49 -1.36 -4.82 4.60
N TYR A 50 -1.64 -6.05 4.15
CA TYR A 50 -1.00 -6.60 2.95
C TYR A 50 -1.91 -6.51 1.72
N VAL A 51 -1.57 -5.61 0.81
CA VAL A 51 -2.34 -5.42 -0.41
C VAL A 51 -1.47 -5.55 -1.65
N PRO A 52 -1.75 -6.50 -2.56
CA PRO A 52 -0.98 -6.66 -3.79
C PRO A 52 -1.47 -5.70 -4.89
N SER A 53 -1.80 -4.47 -4.50
CA SER A 53 -2.30 -3.47 -5.43
C SER A 53 -1.21 -3.03 -6.40
N ASN A 54 -1.12 -3.73 -7.53
CA ASN A 54 -0.14 -3.37 -8.55
C ASN A 54 -0.49 -2.01 -9.16
N TYR A 55 -1.71 -1.51 -8.89
CA TYR A 55 -2.18 -0.22 -9.39
C TYR A 55 -1.29 0.94 -8.89
N VAL A 56 -0.46 0.67 -7.89
CA VAL A 56 0.42 1.71 -7.34
C VAL A 56 1.89 1.40 -7.67
N GLU A 57 2.67 2.47 -7.87
CA GLU A 57 4.09 2.31 -8.21
C GLU A 57 4.90 3.45 -7.58
N ARG A 58 6.22 3.28 -7.55
CA ARG A 58 7.11 4.29 -6.98
C ARG A 58 7.12 5.54 -7.86
N LYS A 59 7.16 6.71 -7.21
CA LYS A 59 7.19 7.98 -7.93
C LYS A 59 5.94 8.13 -8.81
N MET A 1 17.67 -1.01 5.74
CA MET A 1 17.47 -1.35 7.18
C MET A 1 16.34 -0.54 7.80
N THR A 2 15.20 -1.20 8.02
CA THR A 2 14.02 -0.57 8.61
C THR A 2 13.68 0.75 7.92
N GLU A 3 13.89 0.82 6.62
CA GLU A 3 13.61 2.03 5.84
C GLU A 3 12.20 2.01 5.28
N GLU A 4 11.48 3.11 5.45
CA GLU A 4 10.11 3.22 4.95
C GLU A 4 10.09 3.58 3.48
N VAL A 5 9.07 3.11 2.77
CA VAL A 5 8.93 3.36 1.35
C VAL A 5 7.68 4.21 1.08
N ILE A 6 7.84 5.27 0.31
CA ILE A 6 6.72 6.15 -0.01
C ILE A 6 6.38 6.09 -1.50
N VAL A 7 5.15 5.67 -1.80
CA VAL A 7 4.69 5.55 -3.18
C VAL A 7 3.31 6.19 -3.35
N ILE A 8 2.95 6.50 -4.60
CA ILE A 8 1.65 7.11 -4.88
C ILE A 8 0.80 6.21 -5.77
N ALA A 9 -0.44 5.98 -5.35
CA ALA A 9 -1.36 5.13 -6.08
C ALA A 9 -1.93 5.85 -7.31
N LYS A 10 -2.20 5.09 -8.36
CA LYS A 10 -2.74 5.64 -9.59
C LYS A 10 -4.18 5.18 -9.85
N TRP A 11 -4.60 4.11 -9.17
CA TRP A 11 -5.95 3.56 -9.33
C TRP A 11 -6.49 3.04 -8.00
N ASP A 12 -7.74 3.40 -7.71
CA ASP A 12 -8.39 2.98 -6.47
C ASP A 12 -8.47 1.46 -6.36
N TYR A 13 -7.95 0.93 -5.26
CA TYR A 13 -7.96 -0.51 -5.01
C TYR A 13 -8.55 -0.82 -3.64
N THR A 14 -9.33 -1.90 -3.57
CA THR A 14 -9.94 -2.31 -2.32
C THR A 14 -9.24 -3.54 -1.76
N ALA A 15 -9.03 -3.55 -0.45
CA ALA A 15 -8.36 -4.66 0.21
C ALA A 15 -9.06 -5.99 -0.06
N GLN A 16 -8.29 -7.01 -0.43
CA GLN A 16 -8.85 -8.33 -0.69
C GLN A 16 -9.42 -8.95 0.59
N GLN A 17 -8.88 -8.50 1.72
CA GLN A 17 -9.31 -8.98 3.03
C GLN A 17 -9.46 -7.81 4.00
N ASP A 18 -10.03 -8.07 5.17
CA ASP A 18 -10.21 -7.02 6.17
C ASP A 18 -8.89 -6.63 6.80
N GLN A 19 -7.95 -7.57 6.84
CA GLN A 19 -6.64 -7.31 7.44
C GLN A 19 -5.81 -6.35 6.58
N GLU A 20 -6.14 -6.23 5.30
CA GLU A 20 -5.42 -5.34 4.40
C GLU A 20 -5.92 -3.92 4.54
N LEU A 21 -5.34 -3.01 3.76
CA LEU A 21 -5.71 -1.60 3.80
C LEU A 21 -6.27 -1.13 2.46
N ASP A 22 -7.31 -0.31 2.52
CA ASP A 22 -7.93 0.22 1.31
C ASP A 22 -7.17 1.44 0.81
N ILE A 23 -7.03 1.55 -0.51
CA ILE A 23 -6.33 2.68 -1.11
C ILE A 23 -7.20 3.36 -2.16
N LYS A 24 -6.82 4.56 -2.58
CA LYS A 24 -7.60 5.30 -3.57
C LYS A 24 -6.82 5.48 -4.86
N LYS A 25 -7.44 6.17 -5.83
CA LYS A 25 -6.83 6.41 -7.13
C LYS A 25 -5.58 7.26 -7.05
N ASN A 26 -5.68 8.41 -6.38
CA ASN A 26 -4.55 9.33 -6.26
C ASN A 26 -3.94 9.34 -4.85
N GLU A 27 -4.57 8.63 -3.91
CA GLU A 27 -4.05 8.59 -2.53
C GLU A 27 -2.61 8.06 -2.51
N ARG A 28 -1.82 8.57 -1.57
CA ARG A 28 -0.44 8.16 -1.41
C ARG A 28 -0.29 7.17 -0.27
N LEU A 29 0.29 6.00 -0.55
CA LEU A 29 0.47 4.99 0.47
C LEU A 29 1.95 4.74 0.75
N TRP A 30 2.24 4.34 1.99
CA TRP A 30 3.61 4.07 2.41
C TRP A 30 3.85 2.56 2.46
N LEU A 31 4.74 2.09 1.60
CA LEU A 31 5.06 0.66 1.51
C LEU A 31 6.01 0.21 2.61
N LEU A 32 5.82 -1.04 3.05
CA LEU A 32 6.63 -1.62 4.10
C LEU A 32 7.56 -2.70 3.55
N ASP A 33 7.07 -3.44 2.56
CA ASP A 33 7.86 -4.51 1.94
C ASP A 33 7.33 -4.85 0.55
N ASP A 34 8.17 -4.65 -0.47
CA ASP A 34 7.79 -4.93 -1.85
C ASP A 34 8.48 -6.18 -2.40
N SER A 35 9.23 -6.89 -1.56
CA SER A 35 9.93 -8.09 -1.99
C SER A 35 8.96 -9.22 -2.31
N LYS A 36 7.89 -9.33 -1.53
CA LYS A 36 6.89 -10.38 -1.72
C LYS A 36 5.88 -10.02 -2.78
N THR A 37 5.26 -11.05 -3.35
CA THR A 37 4.21 -10.86 -4.34
C THR A 37 3.11 -9.97 -3.77
N TRP A 38 2.92 -10.07 -2.44
CA TRP A 38 1.94 -9.25 -1.76
C TRP A 38 2.67 -8.11 -1.04
N TRP A 39 2.15 -6.91 -1.17
CA TRP A 39 2.79 -5.75 -0.57
C TRP A 39 2.10 -5.27 0.70
N ARG A 40 2.90 -4.93 1.70
CA ARG A 40 2.38 -4.42 2.96
C ARG A 40 2.46 -2.90 2.91
N VAL A 41 1.36 -2.23 3.26
CA VAL A 41 1.34 -0.77 3.20
C VAL A 41 0.60 -0.16 4.39
N ARG A 42 1.02 1.03 4.81
CA ARG A 42 0.41 1.72 5.94
C ARG A 42 -0.09 3.11 5.53
N ASN A 43 -1.19 3.55 6.14
CA ASN A 43 -1.77 4.85 5.82
C ASN A 43 -1.67 5.83 6.99
N ALA A 44 -2.01 7.10 6.72
CA ALA A 44 -1.97 8.14 7.76
C ALA A 44 -2.91 7.82 8.93
N ALA A 45 -3.83 6.88 8.73
CA ALA A 45 -4.77 6.50 9.77
C ALA A 45 -4.14 5.52 10.77
N ASN A 46 -2.85 5.25 10.63
CA ASN A 46 -2.15 4.32 11.51
C ASN A 46 -2.61 2.88 11.28
N ARG A 47 -3.16 2.62 10.10
CA ARG A 47 -3.62 1.29 9.75
C ARG A 47 -2.82 0.75 8.58
N THR A 48 -2.29 -0.46 8.74
CA THR A 48 -1.49 -1.08 7.68
C THR A 48 -1.90 -2.53 7.46
N GLY A 49 -1.71 -3.01 6.22
CA GLY A 49 -2.06 -4.39 5.91
C GLY A 49 -1.37 -4.89 4.65
N TYR A 50 -1.74 -6.09 4.20
CA TYR A 50 -1.15 -6.68 3.01
C TYR A 50 -2.07 -6.52 1.80
N VAL A 51 -1.71 -5.59 0.92
CA VAL A 51 -2.50 -5.33 -0.28
C VAL A 51 -1.65 -5.46 -1.54
N PRO A 52 -1.89 -6.47 -2.39
CA PRO A 52 -1.12 -6.63 -3.64
C PRO A 52 -1.58 -5.63 -4.69
N SER A 53 -1.76 -4.37 -4.29
CA SER A 53 -2.21 -3.33 -5.18
C SER A 53 -1.11 -2.92 -6.15
N ASN A 54 -0.94 -3.68 -7.21
CA ASN A 54 0.05 -3.35 -8.23
C ASN A 54 -0.30 -2.03 -8.92
N TYR A 55 -1.54 -1.57 -8.70
CA TYR A 55 -2.01 -0.32 -9.29
C TYR A 55 -1.23 0.90 -8.80
N VAL A 56 -0.38 0.74 -7.79
CA VAL A 56 0.41 1.85 -7.26
C VAL A 56 1.88 1.70 -7.61
N GLU A 57 2.52 2.82 -7.94
CA GLU A 57 3.93 2.83 -8.30
C GLU A 57 4.69 3.88 -7.50
N ARG A 58 6.00 3.72 -7.40
CA ARG A 58 6.83 4.67 -6.66
C ARG A 58 6.94 6.00 -7.39
N LYS A 59 6.67 7.08 -6.66
CA LYS A 59 6.75 8.43 -7.24
C LYS A 59 5.85 8.56 -8.47
N MET A 1 17.28 -3.39 10.01
CA MET A 1 16.26 -2.32 10.09
C MET A 1 15.26 -2.43 8.93
N THR A 2 14.02 -2.04 9.19
CA THR A 2 12.97 -2.09 8.18
C THR A 2 13.08 -0.92 7.21
N GLU A 3 13.01 -1.21 5.92
CA GLU A 3 13.10 -0.18 4.89
C GLU A 3 11.72 0.21 4.39
N GLU A 4 11.40 1.50 4.47
CA GLU A 4 10.11 2.02 4.03
C GLU A 4 10.20 2.61 2.63
N VAL A 5 9.21 2.32 1.80
CA VAL A 5 9.15 2.82 0.44
C VAL A 5 7.94 3.72 0.25
N ILE A 6 8.15 4.87 -0.36
CA ILE A 6 7.06 5.82 -0.59
C ILE A 6 6.58 5.75 -2.04
N VAL A 7 5.31 5.40 -2.21
CA VAL A 7 4.71 5.31 -3.54
C VAL A 7 3.38 6.03 -3.58
N ILE A 8 2.91 6.33 -4.78
CA ILE A 8 1.64 7.03 -4.95
C ILE A 8 0.69 6.20 -5.81
N ALA A 9 -0.51 5.99 -5.29
CA ALA A 9 -1.52 5.21 -6.01
C ALA A 9 -2.10 6.01 -7.16
N LYS A 10 -2.41 5.31 -8.24
CA LYS A 10 -3.00 5.92 -9.43
C LYS A 10 -4.47 5.53 -9.58
N TRP A 11 -4.87 4.47 -8.89
CA TRP A 11 -6.25 4.00 -8.97
C TRP A 11 -6.73 3.46 -7.61
N ASP A 12 -8.03 3.64 -7.34
CA ASP A 12 -8.62 3.17 -6.09
C ASP A 12 -8.69 1.65 -6.03
N TYR A 13 -8.08 1.08 -5.00
CA TYR A 13 -8.06 -0.36 -4.81
C TYR A 13 -8.52 -0.72 -3.40
N THR A 14 -9.39 -1.72 -3.30
CA THR A 14 -9.90 -2.17 -2.02
C THR A 14 -9.16 -3.41 -1.55
N ALA A 15 -8.88 -3.47 -0.25
CA ALA A 15 -8.16 -4.60 0.33
C ALA A 15 -8.84 -5.93 -0.02
N GLN A 16 -8.03 -6.89 -0.48
CA GLN A 16 -8.55 -8.20 -0.83
C GLN A 16 -9.05 -8.94 0.42
N GLN A 17 -8.59 -8.48 1.59
CA GLN A 17 -8.99 -9.07 2.86
C GLN A 17 -9.15 -7.96 3.91
N ASP A 18 -9.62 -8.33 5.09
CA ASP A 18 -9.82 -7.35 6.15
C ASP A 18 -8.50 -6.95 6.81
N GLN A 19 -7.49 -7.82 6.69
CA GLN A 19 -6.19 -7.56 7.28
C GLN A 19 -5.33 -6.64 6.38
N GLU A 20 -5.81 -6.34 5.19
CA GLU A 20 -5.07 -5.49 4.26
C GLU A 20 -5.50 -4.03 4.42
N LEU A 21 -4.89 -3.16 3.62
CA LEU A 21 -5.18 -1.73 3.68
C LEU A 21 -5.79 -1.23 2.37
N ASP A 22 -6.77 -0.34 2.48
CA ASP A 22 -7.44 0.23 1.32
C ASP A 22 -6.67 1.44 0.79
N ILE A 23 -6.75 1.66 -0.53
CA ILE A 23 -6.08 2.79 -1.15
C ILE A 23 -7.03 3.50 -2.13
N LYS A 24 -6.67 4.72 -2.52
CA LYS A 24 -7.51 5.50 -3.43
C LYS A 24 -6.79 5.75 -4.76
N LYS A 25 -7.45 6.53 -5.64
CA LYS A 25 -6.90 6.85 -6.95
C LYS A 25 -5.62 7.67 -6.87
N ASN A 26 -5.64 8.72 -6.07
CA ASN A 26 -4.47 9.60 -5.95
C ASN A 26 -3.82 9.53 -4.56
N GLU A 27 -4.42 8.80 -3.64
CA GLU A 27 -3.89 8.69 -2.29
C GLU A 27 -2.46 8.13 -2.29
N ARG A 28 -1.62 8.65 -1.40
CA ARG A 28 -0.23 8.20 -1.30
C ARG A 28 -0.07 7.21 -0.15
N LEU A 29 0.49 6.05 -0.45
CA LEU A 29 0.68 5.01 0.55
C LEU A 29 2.16 4.75 0.83
N TRP A 30 2.48 4.40 2.07
CA TRP A 30 3.86 4.13 2.47
C TRP A 30 4.09 2.62 2.63
N LEU A 31 4.82 2.04 1.68
CA LEU A 31 5.12 0.60 1.70
C LEU A 31 6.14 0.26 2.79
N LEU A 32 6.00 -0.95 3.33
CA LEU A 32 6.91 -1.42 4.37
C LEU A 32 7.77 -2.58 3.86
N ASP A 33 7.24 -3.34 2.89
CA ASP A 33 7.96 -4.47 2.32
C ASP A 33 7.38 -4.83 0.96
N ASP A 34 8.21 -4.69 -0.09
CA ASP A 34 7.77 -5.00 -1.44
C ASP A 34 8.46 -6.25 -2.01
N SER A 35 9.18 -6.97 -1.16
CA SER A 35 9.87 -8.18 -1.60
C SER A 35 8.89 -9.30 -1.92
N LYS A 36 7.83 -9.38 -1.15
CA LYS A 36 6.81 -10.40 -1.33
C LYS A 36 5.77 -9.98 -2.36
N THR A 37 5.12 -10.96 -2.97
CA THR A 37 4.08 -10.71 -3.96
C THR A 37 3.03 -9.77 -3.35
N TRP A 38 2.79 -9.94 -2.06
CA TRP A 38 1.86 -9.10 -1.32
C TRP A 38 2.65 -7.99 -0.64
N TRP A 39 2.17 -6.76 -0.72
CA TRP A 39 2.90 -5.64 -0.15
C TRP A 39 2.23 -5.07 1.10
N ARG A 40 3.05 -4.85 2.14
CA ARG A 40 2.56 -4.26 3.36
C ARG A 40 2.63 -2.75 3.24
N VAL A 41 1.57 -2.06 3.65
CA VAL A 41 1.54 -0.63 3.53
C VAL A 41 0.77 0.03 4.68
N ARG A 42 1.06 1.31 4.94
CA ARG A 42 0.40 2.03 6.02
C ARG A 42 -0.34 3.26 5.51
N ASN A 43 -1.49 3.55 6.11
CA ASN A 43 -2.30 4.70 5.71
C ASN A 43 -2.35 5.75 6.81
N ALA A 44 -2.74 6.97 6.44
CA ALA A 44 -2.83 8.08 7.38
C ALA A 44 -3.78 7.75 8.54
N ALA A 45 -4.67 6.80 8.31
CA ALA A 45 -5.63 6.38 9.34
C ALA A 45 -4.99 5.46 10.38
N ASN A 46 -3.66 5.26 10.28
CA ASN A 46 -2.94 4.40 11.21
C ASN A 46 -3.32 2.93 11.01
N ARG A 47 -3.81 2.61 9.81
CA ARG A 47 -4.20 1.26 9.47
C ARG A 47 -3.19 0.66 8.49
N THR A 48 -2.68 -0.52 8.81
CA THR A 48 -1.70 -1.18 7.94
C THR A 48 -2.22 -2.53 7.46
N GLY A 49 -1.78 -2.94 6.27
CA GLY A 49 -2.21 -4.21 5.72
C GLY A 49 -1.42 -4.65 4.49
N TYR A 50 -1.65 -5.88 4.03
CA TYR A 50 -0.95 -6.41 2.87
C TYR A 50 -1.84 -6.39 1.63
N VAL A 51 -1.57 -5.47 0.71
CA VAL A 51 -2.34 -5.38 -0.52
C VAL A 51 -1.45 -5.49 -1.75
N PRO A 52 -1.65 -6.51 -2.61
CA PRO A 52 -0.86 -6.67 -3.84
C PRO A 52 -1.31 -5.69 -4.94
N SER A 53 -1.77 -4.50 -4.53
CA SER A 53 -2.24 -3.49 -5.47
C SER A 53 -1.16 -3.09 -6.46
N ASN A 54 -1.25 -3.63 -7.66
CA ASN A 54 -0.30 -3.30 -8.71
C ASN A 54 -0.69 -1.97 -9.37
N TYR A 55 -1.85 -1.42 -8.98
CA TYR A 55 -2.35 -0.16 -9.51
C TYR A 55 -1.53 1.03 -8.99
N VAL A 56 -0.62 0.77 -8.03
CA VAL A 56 0.20 1.83 -7.46
C VAL A 56 1.68 1.54 -7.73
N GLU A 57 2.43 2.60 -7.99
CA GLU A 57 3.86 2.47 -8.26
C GLU A 57 4.63 3.63 -7.64
N ARG A 58 5.94 3.44 -7.46
CA ARG A 58 6.79 4.46 -6.88
C ARG A 58 6.96 5.65 -7.82
N LYS A 59 6.83 6.86 -7.29
CA LYS A 59 6.98 8.07 -8.09
C LYS A 59 8.44 8.34 -8.40
N MET A 1 15.82 -1.76 12.19
CA MET A 1 15.13 -0.63 11.51
C MET A 1 14.64 -1.04 10.13
N THR A 2 13.33 -1.05 9.96
CA THR A 2 12.72 -1.43 8.68
C THR A 2 12.85 -0.30 7.66
N GLU A 3 12.81 -0.65 6.38
CA GLU A 3 12.91 0.33 5.31
C GLU A 3 11.53 0.77 4.82
N GLU A 4 11.34 2.08 4.72
CA GLU A 4 10.06 2.63 4.28
C GLU A 4 10.12 3.04 2.81
N VAL A 5 9.04 2.78 2.09
CA VAL A 5 8.93 3.12 0.69
C VAL A 5 7.80 4.11 0.46
N ILE A 6 8.07 5.17 -0.29
CA ILE A 6 7.07 6.19 -0.57
C ILE A 6 6.51 6.05 -1.99
N VAL A 7 5.24 5.63 -2.08
CA VAL A 7 4.60 5.46 -3.38
C VAL A 7 3.25 6.19 -3.44
N ILE A 8 2.76 6.41 -4.65
CA ILE A 8 1.47 7.09 -4.85
C ILE A 8 0.53 6.24 -5.67
N ALA A 9 -0.64 5.94 -5.11
CA ALA A 9 -1.63 5.12 -5.79
C ALA A 9 -2.37 5.91 -6.88
N LYS A 10 -2.21 5.47 -8.13
CA LYS A 10 -2.86 6.13 -9.26
C LYS A 10 -4.23 5.54 -9.60
N TRP A 11 -4.61 4.47 -8.92
CA TRP A 11 -5.91 3.82 -9.15
C TRP A 11 -6.49 3.28 -7.84
N ASP A 12 -7.80 3.40 -7.69
CA ASP A 12 -8.48 2.94 -6.47
C ASP A 12 -8.49 1.41 -6.38
N TYR A 13 -7.90 0.89 -5.31
CA TYR A 13 -7.84 -0.55 -5.08
C TYR A 13 -8.38 -0.89 -3.69
N THR A 14 -9.23 -1.91 -3.63
CA THR A 14 -9.80 -2.34 -2.36
C THR A 14 -9.10 -3.58 -1.82
N ALA A 15 -8.91 -3.62 -0.50
CA ALA A 15 -8.24 -4.74 0.15
C ALA A 15 -8.93 -6.07 -0.17
N GLN A 16 -8.13 -7.08 -0.48
CA GLN A 16 -8.67 -8.41 -0.76
C GLN A 16 -8.92 -9.19 0.54
N GLN A 17 -8.54 -8.60 1.67
CA GLN A 17 -8.74 -9.22 2.97
C GLN A 17 -9.07 -8.15 4.01
N ASP A 18 -9.51 -8.56 5.19
CA ASP A 18 -9.89 -7.60 6.22
C ASP A 18 -8.68 -6.94 6.87
N GLN A 19 -7.61 -7.71 7.01
CA GLN A 19 -6.38 -7.21 7.61
C GLN A 19 -5.58 -6.31 6.67
N GLU A 20 -5.98 -6.24 5.39
CA GLU A 20 -5.27 -5.40 4.44
C GLU A 20 -5.74 -3.96 4.54
N LEU A 21 -5.17 -3.10 3.68
CA LEU A 21 -5.51 -1.69 3.69
C LEU A 21 -6.03 -1.22 2.34
N ASP A 22 -7.06 -0.39 2.37
CA ASP A 22 -7.66 0.15 1.15
C ASP A 22 -6.86 1.35 0.67
N ILE A 23 -6.84 1.55 -0.64
CA ILE A 23 -6.13 2.67 -1.24
C ILE A 23 -6.99 3.36 -2.29
N LYS A 24 -6.65 4.60 -2.63
CA LYS A 24 -7.42 5.35 -3.63
C LYS A 24 -6.57 5.67 -4.85
N LYS A 25 -7.23 6.13 -5.91
CA LYS A 25 -6.56 6.45 -7.16
C LYS A 25 -5.63 7.66 -7.05
N ASN A 26 -5.70 8.39 -5.95
CA ASN A 26 -4.84 9.54 -5.77
C ASN A 26 -4.36 9.65 -4.32
N GLU A 27 -4.28 8.51 -3.65
CA GLU A 27 -3.83 8.48 -2.26
C GLU A 27 -2.38 7.99 -2.18
N ARG A 28 -1.59 8.67 -1.37
CA ARG A 28 -0.20 8.30 -1.19
C ARG A 28 -0.05 7.24 -0.11
N LEU A 29 0.48 6.09 -0.49
CA LEU A 29 0.67 4.97 0.43
C LEU A 29 2.14 4.72 0.71
N TRP A 30 2.44 4.36 1.96
CA TRP A 30 3.81 4.07 2.36
C TRP A 30 4.02 2.57 2.49
N LEU A 31 4.72 1.98 1.51
CA LEU A 31 4.98 0.54 1.53
C LEU A 31 6.14 0.20 2.45
N LEU A 32 6.08 -0.98 3.05
CA LEU A 32 7.12 -1.45 3.96
C LEU A 32 7.93 -2.59 3.34
N ASP A 33 7.30 -3.33 2.43
CA ASP A 33 7.95 -4.46 1.78
C ASP A 33 7.28 -4.80 0.45
N ASP A 34 7.99 -4.63 -0.64
CA ASP A 34 7.46 -4.91 -1.98
C ASP A 34 8.16 -6.11 -2.63
N SER A 35 8.85 -6.92 -1.83
CA SER A 35 9.54 -8.09 -2.35
C SER A 35 8.56 -9.24 -2.58
N LYS A 36 7.58 -9.36 -1.69
CA LYS A 36 6.58 -10.42 -1.78
C LYS A 36 5.44 -10.03 -2.70
N THR A 37 4.68 -11.04 -3.14
CA THR A 37 3.52 -10.82 -3.98
C THR A 37 2.59 -9.84 -3.28
N TRP A 38 2.44 -10.06 -1.98
CA TRP A 38 1.62 -9.21 -1.14
C TRP A 38 2.48 -8.09 -0.55
N TRP A 39 1.99 -6.88 -0.62
CA TRP A 39 2.74 -5.72 -0.13
C TRP A 39 2.19 -5.17 1.18
N ARG A 40 3.10 -4.94 2.15
CA ARG A 40 2.71 -4.35 3.43
C ARG A 40 2.73 -2.84 3.30
N VAL A 41 1.68 -2.18 3.77
CA VAL A 41 1.60 -0.72 3.65
C VAL A 41 0.83 -0.07 4.81
N ARG A 42 1.12 1.20 5.08
CA ARG A 42 0.46 1.93 6.16
C ARG A 42 -0.22 3.21 5.65
N ASN A 43 -1.32 3.57 6.29
CA ASN A 43 -2.07 4.78 5.90
C ASN A 43 -1.98 5.86 6.98
N ALA A 44 -2.35 7.08 6.60
CA ALA A 44 -2.35 8.21 7.54
C ALA A 44 -3.35 7.96 8.66
N ALA A 45 -4.28 7.03 8.44
CA ALA A 45 -5.30 6.67 9.42
C ALA A 45 -4.75 5.70 10.48
N ASN A 46 -3.44 5.41 10.43
CA ASN A 46 -2.81 4.49 11.37
C ASN A 46 -3.28 3.06 11.16
N ARG A 47 -3.72 2.75 9.94
CA ARG A 47 -4.17 1.41 9.60
C ARG A 47 -3.18 0.77 8.62
N THR A 48 -2.73 -0.43 8.93
CA THR A 48 -1.78 -1.13 8.08
C THR A 48 -2.39 -2.43 7.53
N GLY A 49 -1.90 -2.88 6.38
CA GLY A 49 -2.42 -4.12 5.78
C GLY A 49 -1.63 -4.59 4.58
N TYR A 50 -1.90 -5.82 4.13
CA TYR A 50 -1.20 -6.40 2.98
C TYR A 50 -2.06 -6.37 1.71
N VAL A 51 -1.74 -5.48 0.78
CA VAL A 51 -2.48 -5.40 -0.48
C VAL A 51 -1.54 -5.46 -1.68
N PRO A 52 -1.61 -6.53 -2.50
CA PRO A 52 -0.77 -6.66 -3.70
C PRO A 52 -1.20 -5.70 -4.83
N SER A 53 -1.63 -4.49 -4.47
CA SER A 53 -2.08 -3.51 -5.44
C SER A 53 -0.96 -3.03 -6.32
N ASN A 54 -0.79 -3.67 -7.47
CA ASN A 54 0.22 -3.27 -8.42
C ASN A 54 -0.16 -1.94 -9.08
N TYR A 55 -1.41 -1.49 -8.84
CA TYR A 55 -1.92 -0.26 -9.39
C TYR A 55 -1.16 0.96 -8.84
N VAL A 56 -0.37 0.76 -7.79
CA VAL A 56 0.41 1.85 -7.20
C VAL A 56 1.89 1.56 -7.35
N GLU A 57 2.68 2.62 -7.58
CA GLU A 57 4.12 2.46 -7.75
C GLU A 57 4.86 3.70 -7.24
N ARG A 58 6.16 3.52 -6.97
CA ARG A 58 6.99 4.61 -6.47
C ARG A 58 7.26 5.63 -7.58
N LYS A 59 7.13 6.92 -7.25
CA LYS A 59 7.39 7.99 -8.22
C LYS A 59 6.56 7.81 -9.49
N MET A 1 12.99 -5.67 5.93
CA MET A 1 13.80 -4.45 5.67
C MET A 1 13.43 -3.32 6.63
N THR A 2 14.42 -2.51 7.00
CA THR A 2 14.21 -1.40 7.90
C THR A 2 13.93 -0.09 7.15
N GLU A 3 13.95 -0.14 5.81
CA GLU A 3 13.71 1.05 5.00
C GLU A 3 12.26 1.08 4.50
N GLU A 4 11.65 2.27 4.54
CA GLU A 4 10.28 2.45 4.09
C GLU A 4 10.23 3.04 2.70
N VAL A 5 9.30 2.54 1.89
CA VAL A 5 9.12 3.01 0.53
C VAL A 5 7.81 3.79 0.41
N ILE A 6 7.90 5.01 -0.14
CA ILE A 6 6.72 5.85 -0.31
C ILE A 6 6.25 5.88 -1.75
N VAL A 7 5.02 5.46 -1.99
CA VAL A 7 4.48 5.43 -3.34
C VAL A 7 3.08 6.04 -3.38
N ILE A 8 2.64 6.46 -4.58
CA ILE A 8 1.33 7.07 -4.76
C ILE A 8 0.45 6.22 -5.69
N ALA A 9 -0.71 5.81 -5.18
CA ALA A 9 -1.63 4.98 -5.96
C ALA A 9 -2.37 5.79 -7.02
N LYS A 10 -2.21 5.37 -8.27
CA LYS A 10 -2.84 6.03 -9.41
C LYS A 10 -4.22 5.44 -9.74
N TRP A 11 -4.63 4.40 -9.02
CA TRP A 11 -5.94 3.76 -9.26
C TRP A 11 -6.55 3.26 -7.95
N ASP A 12 -7.87 3.37 -7.83
CA ASP A 12 -8.58 2.94 -6.64
C ASP A 12 -8.63 1.42 -6.54
N TYR A 13 -8.11 0.89 -5.42
CA TYR A 13 -8.07 -0.55 -5.20
C TYR A 13 -8.66 -0.91 -3.83
N THR A 14 -9.42 -2.00 -3.79
CA THR A 14 -10.04 -2.45 -2.55
C THR A 14 -9.25 -3.60 -1.94
N ALA A 15 -9.04 -3.54 -0.63
CA ALA A 15 -8.29 -4.56 0.09
C ALA A 15 -8.91 -5.94 -0.11
N GLN A 16 -8.07 -6.94 -0.39
CA GLN A 16 -8.57 -8.31 -0.60
C GLN A 16 -9.16 -8.85 0.69
N GLN A 17 -8.57 -8.45 1.82
CA GLN A 17 -9.04 -8.88 3.13
C GLN A 17 -9.24 -7.68 4.03
N ASP A 18 -9.89 -7.91 5.17
CA ASP A 18 -10.15 -6.82 6.12
C ASP A 18 -8.85 -6.33 6.75
N GLN A 19 -7.92 -7.24 6.95
CA GLN A 19 -6.63 -6.90 7.55
C GLN A 19 -5.85 -5.94 6.67
N GLU A 20 -6.13 -5.96 5.37
CA GLU A 20 -5.45 -5.07 4.43
C GLU A 20 -6.10 -3.69 4.47
N LEU A 21 -5.60 -2.78 3.65
CA LEU A 21 -6.10 -1.43 3.60
C LEU A 21 -6.54 -1.02 2.20
N ASP A 22 -7.58 -0.21 2.13
CA ASP A 22 -8.09 0.27 0.85
C ASP A 22 -7.29 1.47 0.39
N ILE A 23 -7.19 1.65 -0.92
CA ILE A 23 -6.45 2.77 -1.49
C ILE A 23 -7.29 3.46 -2.55
N LYS A 24 -6.89 4.65 -2.94
CA LYS A 24 -7.60 5.41 -3.95
C LYS A 24 -6.71 5.70 -5.14
N LYS A 25 -7.34 6.14 -6.22
CA LYS A 25 -6.62 6.44 -7.45
C LYS A 25 -5.70 7.65 -7.31
N ASN A 26 -5.83 8.40 -6.23
CA ASN A 26 -4.97 9.55 -6.00
C ASN A 26 -4.47 9.59 -4.57
N GLU A 27 -4.48 8.45 -3.90
CA GLU A 27 -4.02 8.38 -2.51
C GLU A 27 -2.61 7.80 -2.45
N ARG A 28 -1.81 8.32 -1.53
CA ARG A 28 -0.44 7.87 -1.37
C ARG A 28 -0.31 6.95 -0.16
N LEU A 29 0.28 5.78 -0.38
CA LEU A 29 0.44 4.80 0.69
C LEU A 29 1.92 4.57 1.00
N TRP A 30 2.20 4.20 2.25
CA TRP A 30 3.57 3.93 2.69
C TRP A 30 3.87 2.43 2.72
N LEU A 31 4.71 1.98 1.79
CA LEU A 31 5.08 0.56 1.70
C LEU A 31 6.05 0.16 2.80
N LEU A 32 5.92 -1.08 3.27
CA LEU A 32 6.78 -1.60 4.33
C LEU A 32 7.69 -2.70 3.79
N ASP A 33 7.22 -3.42 2.77
CA ASP A 33 8.01 -4.51 2.18
C ASP A 33 7.48 -4.85 0.78
N ASP A 34 8.33 -4.70 -0.22
CA ASP A 34 7.96 -4.99 -1.60
C ASP A 34 8.58 -6.30 -2.11
N SER A 35 9.33 -7.01 -1.26
CA SER A 35 9.97 -8.24 -1.66
C SER A 35 8.96 -9.34 -2.00
N LYS A 36 7.88 -9.39 -1.24
CA LYS A 36 6.84 -10.40 -1.45
C LYS A 36 5.87 -10.01 -2.55
N THR A 37 5.20 -11.02 -3.11
CA THR A 37 4.21 -10.80 -4.15
C THR A 37 3.13 -9.86 -3.62
N TRP A 38 2.82 -10.02 -2.34
CA TRP A 38 1.84 -9.16 -1.67
C TRP A 38 2.61 -8.11 -0.88
N TRP A 39 2.29 -6.85 -1.13
CA TRP A 39 2.99 -5.76 -0.47
C TRP A 39 2.27 -5.27 0.77
N ARG A 40 3.05 -4.99 1.81
CA ARG A 40 2.51 -4.46 3.04
C ARG A 40 2.59 -2.95 2.98
N VAL A 41 1.53 -2.27 3.40
CA VAL A 41 1.50 -0.82 3.34
C VAL A 41 0.82 -0.21 4.56
N ARG A 42 1.10 1.07 4.82
CA ARG A 42 0.53 1.76 5.96
C ARG A 42 -0.27 2.99 5.53
N ASN A 43 -1.35 3.29 6.24
CA ASN A 43 -2.21 4.44 5.91
C ASN A 43 -2.12 5.54 6.97
N ALA A 44 -2.56 6.74 6.60
CA ALA A 44 -2.53 7.90 7.50
C ALA A 44 -3.30 7.63 8.79
N ALA A 45 -4.24 6.69 8.73
CA ALA A 45 -5.04 6.33 9.91
C ALA A 45 -4.25 5.47 10.91
N ASN A 46 -2.95 5.27 10.65
CA ASN A 46 -2.10 4.46 11.51
C ASN A 46 -2.46 2.97 11.39
N ARG A 47 -3.01 2.60 10.23
CA ARG A 47 -3.38 1.22 9.98
C ARG A 47 -2.38 0.60 9.00
N THR A 48 -2.12 -0.68 9.17
CA THR A 48 -1.17 -1.38 8.30
C THR A 48 -1.73 -2.74 7.86
N GLY A 49 -1.35 -3.18 6.66
CA GLY A 49 -1.81 -4.45 6.15
C GLY A 49 -1.12 -4.87 4.87
N TYR A 50 -1.61 -5.95 4.26
CA TYR A 50 -1.04 -6.47 3.02
C TYR A 50 -1.95 -6.22 1.83
N VAL A 51 -1.54 -5.36 0.93
CA VAL A 51 -2.31 -5.06 -0.27
C VAL A 51 -1.48 -5.24 -1.52
N PRO A 52 -1.79 -6.24 -2.37
CA PRO A 52 -1.05 -6.48 -3.62
C PRO A 52 -1.41 -5.47 -4.72
N SER A 53 -1.76 -4.25 -4.30
CA SER A 53 -2.13 -3.20 -5.22
C SER A 53 -0.99 -2.82 -6.15
N ASN A 54 -0.89 -3.54 -7.27
CA ASN A 54 0.15 -3.25 -8.25
C ASN A 54 -0.19 -1.95 -9.01
N TYR A 55 -1.40 -1.43 -8.77
CA TYR A 55 -1.86 -0.20 -9.42
C TYR A 55 -1.16 1.05 -8.87
N VAL A 56 -0.26 0.88 -7.91
CA VAL A 56 0.45 2.03 -7.35
C VAL A 56 1.94 2.00 -7.73
N GLU A 57 2.50 3.19 -7.95
CA GLU A 57 3.91 3.31 -8.32
C GLU A 57 4.59 4.42 -7.53
N ARG A 58 5.89 4.25 -7.27
CA ARG A 58 6.65 5.25 -6.54
C ARG A 58 6.86 6.50 -7.38
N LYS A 59 6.74 7.66 -6.74
CA LYS A 59 6.92 8.94 -7.43
C LYS A 59 6.97 10.09 -6.44
N MET A 1 19.35 2.90 4.03
CA MET A 1 19.07 3.19 5.46
C MET A 1 17.61 2.90 5.80
N THR A 2 16.71 3.64 5.17
CA THR A 2 15.28 3.46 5.41
C THR A 2 14.75 2.25 4.65
N GLU A 3 14.04 1.37 5.36
CA GLU A 3 13.48 0.17 4.75
C GLU A 3 12.06 0.41 4.23
N GLU A 4 11.52 1.61 4.45
CA GLU A 4 10.18 1.93 4.00
C GLU A 4 10.20 2.63 2.64
N VAL A 5 9.25 2.26 1.80
CA VAL A 5 9.15 2.83 0.46
C VAL A 5 7.86 3.65 0.33
N ILE A 6 7.98 4.89 -0.15
CA ILE A 6 6.82 5.75 -0.33
C ILE A 6 6.43 5.84 -1.79
N VAL A 7 5.19 5.45 -2.09
CA VAL A 7 4.70 5.49 -3.46
C VAL A 7 3.31 6.14 -3.53
N ILE A 8 2.91 6.56 -4.72
CA ILE A 8 1.60 7.19 -4.90
C ILE A 8 0.72 6.34 -5.82
N ALA A 9 -0.50 6.05 -5.36
CA ALA A 9 -1.42 5.23 -6.15
C ALA A 9 -1.98 6.02 -7.33
N LYS A 10 -2.22 5.32 -8.43
CA LYS A 10 -2.77 5.94 -9.64
C LYS A 10 -4.20 5.49 -9.89
N TRP A 11 -4.60 4.35 -9.32
CA TRP A 11 -5.95 3.83 -9.49
C TRP A 11 -6.49 3.29 -8.16
N ASP A 12 -7.78 3.52 -7.95
CA ASP A 12 -8.45 3.09 -6.72
C ASP A 12 -8.49 1.57 -6.61
N TYR A 13 -8.01 1.07 -5.48
CA TYR A 13 -7.99 -0.38 -5.22
C TYR A 13 -8.63 -0.68 -3.87
N THR A 14 -9.40 -1.77 -3.83
CA THR A 14 -10.06 -2.19 -2.61
C THR A 14 -9.31 -3.35 -1.96
N ALA A 15 -9.11 -3.26 -0.65
CA ALA A 15 -8.41 -4.31 0.09
C ALA A 15 -9.01 -5.69 -0.18
N GLN A 16 -8.16 -6.64 -0.55
CA GLN A 16 -8.60 -8.01 -0.86
C GLN A 16 -9.12 -8.75 0.38
N GLN A 17 -8.66 -8.31 1.55
CA GLN A 17 -9.06 -8.92 2.81
C GLN A 17 -9.12 -7.85 3.91
N ASP A 18 -9.65 -8.23 5.07
CA ASP A 18 -9.75 -7.30 6.19
C ASP A 18 -8.39 -6.90 6.73
N GLN A 19 -7.45 -7.84 6.70
CA GLN A 19 -6.09 -7.59 7.19
C GLN A 19 -5.44 -6.43 6.45
N GLU A 20 -5.67 -6.38 5.14
CA GLU A 20 -5.12 -5.32 4.32
C GLU A 20 -5.99 -4.08 4.36
N LEU A 21 -5.59 -3.04 3.63
CA LEU A 21 -6.31 -1.76 3.66
C LEU A 21 -6.78 -1.33 2.28
N ASP A 22 -7.73 -0.40 2.28
CA ASP A 22 -8.29 0.15 1.06
C ASP A 22 -7.48 1.37 0.63
N ILE A 23 -7.31 1.54 -0.67
CA ILE A 23 -6.58 2.68 -1.21
C ILE A 23 -7.42 3.40 -2.26
N LYS A 24 -7.04 4.61 -2.60
CA LYS A 24 -7.79 5.38 -3.60
C LYS A 24 -6.97 5.58 -4.87
N LYS A 25 -7.57 6.28 -5.82
CA LYS A 25 -6.93 6.54 -7.11
C LYS A 25 -5.65 7.35 -6.97
N ASN A 26 -5.72 8.48 -6.29
CA ASN A 26 -4.56 9.35 -6.12
C ASN A 26 -3.95 9.28 -4.70
N GLU A 27 -4.62 8.58 -3.79
CA GLU A 27 -4.14 8.46 -2.42
C GLU A 27 -2.70 7.95 -2.38
N ARG A 28 -1.93 8.43 -1.41
CA ARG A 28 -0.54 8.04 -1.26
C ARG A 28 -0.41 7.03 -0.13
N LEU A 29 0.21 5.89 -0.43
CA LEU A 29 0.39 4.84 0.56
C LEU A 29 1.86 4.62 0.87
N TRP A 30 2.15 4.26 2.13
CA TRP A 30 3.52 4.02 2.57
C TRP A 30 3.82 2.52 2.62
N LEU A 31 4.69 2.07 1.73
CA LEU A 31 5.07 0.65 1.66
C LEU A 31 6.05 0.28 2.77
N LEU A 32 5.90 -0.94 3.29
CA LEU A 32 6.76 -1.44 4.35
C LEU A 32 7.66 -2.57 3.84
N ASP A 33 7.18 -3.29 2.83
CA ASP A 33 7.94 -4.40 2.26
C ASP A 33 7.43 -4.75 0.86
N ASP A 34 8.30 -4.66 -0.13
CA ASP A 34 7.94 -4.97 -1.52
C ASP A 34 8.59 -6.27 -2.00
N SER A 35 9.29 -6.97 -1.10
CA SER A 35 9.96 -8.22 -1.47
C SER A 35 8.96 -9.34 -1.76
N LYS A 36 7.87 -9.34 -1.00
CA LYS A 36 6.83 -10.35 -1.15
C LYS A 36 5.86 -10.00 -2.26
N THR A 37 5.19 -11.02 -2.78
CA THR A 37 4.19 -10.83 -3.83
C THR A 37 3.13 -9.85 -3.34
N TRP A 38 2.83 -9.94 -2.05
CA TRP A 38 1.88 -9.04 -1.41
C TRP A 38 2.67 -7.96 -0.69
N TRP A 39 2.29 -6.71 -0.89
CA TRP A 39 3.02 -5.61 -0.28
C TRP A 39 2.33 -5.05 0.94
N ARG A 40 3.11 -4.83 2.00
CA ARG A 40 2.58 -4.27 3.23
C ARG A 40 2.63 -2.76 3.16
N VAL A 41 1.53 -2.12 3.50
CA VAL A 41 1.46 -0.67 3.44
C VAL A 41 0.85 -0.08 4.71
N ARG A 42 1.06 1.23 4.89
CA ARG A 42 0.53 1.93 6.06
C ARG A 42 -0.28 3.14 5.62
N ASN A 43 -1.38 3.38 6.32
CA ASN A 43 -2.25 4.52 6.00
C ASN A 43 -2.16 5.62 7.05
N ALA A 44 -2.63 6.82 6.68
CA ALA A 44 -2.60 7.97 7.60
C ALA A 44 -3.39 7.68 8.87
N ALA A 45 -4.32 6.73 8.80
CA ALA A 45 -5.13 6.36 9.96
C ALA A 45 -4.35 5.49 10.95
N ASN A 46 -3.06 5.26 10.69
CA ASN A 46 -2.20 4.44 11.56
C ASN A 46 -2.53 2.96 11.39
N ARG A 47 -3.08 2.60 10.24
CA ARG A 47 -3.44 1.22 9.94
C ARG A 47 -2.45 0.63 8.95
N THR A 48 -2.11 -0.64 9.12
CA THR A 48 -1.16 -1.30 8.22
C THR A 48 -1.68 -2.67 7.76
N GLY A 49 -1.34 -3.05 6.54
CA GLY A 49 -1.78 -4.32 5.99
C GLY A 49 -1.10 -4.67 4.68
N TYR A 50 -1.40 -5.86 4.13
CA TYR A 50 -0.77 -6.30 2.87
C TYR A 50 -1.73 -6.18 1.68
N VAL A 51 -1.56 -5.11 0.91
CA VAL A 51 -2.38 -4.89 -0.27
C VAL A 51 -1.60 -5.12 -1.56
N PRO A 52 -1.90 -6.18 -2.33
CA PRO A 52 -1.21 -6.44 -3.61
C PRO A 52 -1.64 -5.46 -4.71
N SER A 53 -1.97 -4.22 -4.33
CA SER A 53 -2.41 -3.21 -5.27
C SER A 53 -1.31 -2.84 -6.24
N ASN A 54 -1.28 -3.52 -7.38
CA ASN A 54 -0.29 -3.24 -8.41
C ASN A 54 -0.62 -1.91 -9.12
N TYR A 55 -1.78 -1.33 -8.81
CA TYR A 55 -2.22 -0.08 -9.39
C TYR A 55 -1.34 1.10 -8.96
N VAL A 56 -0.47 0.88 -7.99
CA VAL A 56 0.41 1.94 -7.50
C VAL A 56 1.87 1.61 -7.80
N GLU A 57 2.65 2.64 -8.12
CA GLU A 57 4.06 2.47 -8.43
C GLU A 57 4.88 3.59 -7.79
N ARG A 58 6.17 3.33 -7.58
CA ARG A 58 7.05 4.32 -6.98
C ARG A 58 7.50 5.35 -8.01
N LYS A 59 7.40 6.62 -7.66
CA LYS A 59 7.81 7.70 -8.56
C LYS A 59 8.58 8.78 -7.80
N MET A 1 14.07 -4.04 5.37
CA MET A 1 13.13 -4.24 6.51
C MET A 1 12.98 -2.96 7.33
N THR A 2 14.10 -2.29 7.60
CA THR A 2 14.09 -1.06 8.37
C THR A 2 13.92 0.17 7.47
N GLU A 3 13.82 -0.04 6.15
CA GLU A 3 13.65 1.06 5.22
C GLU A 3 12.20 1.21 4.77
N GLU A 4 11.70 2.44 4.79
CA GLU A 4 10.32 2.70 4.38
C GLU A 4 10.27 3.21 2.94
N VAL A 5 9.30 2.73 2.18
CA VAL A 5 9.14 3.12 0.79
C VAL A 5 7.88 3.97 0.62
N ILE A 6 8.02 5.11 -0.06
CA ILE A 6 6.88 6.00 -0.29
C ILE A 6 6.39 5.90 -1.73
N VAL A 7 5.12 5.54 -1.91
CA VAL A 7 4.54 5.41 -3.25
C VAL A 7 3.19 6.12 -3.34
N ILE A 8 2.76 6.38 -4.58
CA ILE A 8 1.48 7.04 -4.81
C ILE A 8 0.59 6.19 -5.71
N ALA A 9 -0.59 5.83 -5.20
CA ALA A 9 -1.54 5.01 -5.93
C ALA A 9 -2.24 5.80 -7.03
N LYS A 10 -2.24 5.25 -8.26
CA LYS A 10 -2.86 5.90 -9.41
C LYS A 10 -4.30 5.39 -9.66
N TRP A 11 -4.73 4.37 -8.91
CA TRP A 11 -6.08 3.83 -9.07
C TRP A 11 -6.62 3.31 -7.73
N ASP A 12 -7.91 3.53 -7.50
CA ASP A 12 -8.55 3.10 -6.26
C ASP A 12 -8.69 1.58 -6.20
N TYR A 13 -8.11 0.99 -5.15
CA TYR A 13 -8.16 -0.46 -4.95
C TYR A 13 -8.68 -0.78 -3.55
N THR A 14 -9.54 -1.79 -3.47
CA THR A 14 -10.10 -2.20 -2.19
C THR A 14 -9.35 -3.40 -1.63
N ALA A 15 -9.12 -3.38 -0.33
CA ALA A 15 -8.42 -4.46 0.36
C ALA A 15 -9.05 -5.82 0.08
N GLN A 16 -8.22 -6.76 -0.34
CA GLN A 16 -8.69 -8.12 -0.64
C GLN A 16 -9.28 -8.76 0.61
N GLN A 17 -8.71 -8.41 1.75
CA GLN A 17 -9.14 -8.93 3.04
C GLN A 17 -9.22 -7.79 4.06
N ASP A 18 -9.93 -8.00 5.16
CA ASP A 18 -10.06 -6.97 6.18
C ASP A 18 -8.71 -6.56 6.74
N GLN A 19 -7.82 -7.51 6.86
CA GLN A 19 -6.47 -7.25 7.39
C GLN A 19 -5.68 -6.34 6.47
N GLU A 20 -6.07 -6.25 5.20
CA GLU A 20 -5.37 -5.41 4.25
C GLU A 20 -5.83 -3.96 4.39
N LEU A 21 -5.27 -3.09 3.58
CA LEU A 21 -5.59 -1.68 3.62
C LEU A 21 -6.14 -1.18 2.28
N ASP A 22 -7.08 -0.24 2.35
CA ASP A 22 -7.69 0.33 1.16
C ASP A 22 -6.86 1.50 0.63
N ILE A 23 -6.84 1.65 -0.69
CA ILE A 23 -6.10 2.73 -1.32
C ILE A 23 -6.98 3.46 -2.33
N LYS A 24 -6.57 4.65 -2.75
CA LYS A 24 -7.34 5.42 -3.72
C LYS A 24 -6.52 5.72 -4.96
N LYS A 25 -7.20 6.21 -5.99
CA LYS A 25 -6.56 6.53 -7.26
C LYS A 25 -5.58 7.68 -7.17
N ASN A 26 -5.65 8.45 -6.09
CA ASN A 26 -4.74 9.58 -5.93
C ASN A 26 -4.24 9.68 -4.50
N GLU A 27 -4.27 8.56 -3.77
CA GLU A 27 -3.82 8.54 -2.40
C GLU A 27 -2.40 7.99 -2.31
N ARG A 28 -1.59 8.61 -1.46
CA ARG A 28 -0.22 8.19 -1.26
C ARG A 28 -0.12 7.21 -0.10
N LEU A 29 0.39 6.02 -0.38
CA LEU A 29 0.54 5.00 0.66
C LEU A 29 2.01 4.70 0.93
N TRP A 30 2.31 4.31 2.16
CA TRP A 30 3.68 4.00 2.55
C TRP A 30 3.92 2.50 2.62
N LEU A 31 4.76 1.99 1.73
CA LEU A 31 5.07 0.56 1.68
C LEU A 31 6.08 0.19 2.76
N LEU A 32 5.90 -1.01 3.33
CA LEU A 32 6.78 -1.51 4.37
C LEU A 32 7.68 -2.63 3.83
N ASP A 33 7.18 -3.34 2.83
CA ASP A 33 7.95 -4.44 2.23
C ASP A 33 7.43 -4.76 0.83
N ASP A 34 8.29 -4.57 -0.16
CA ASP A 34 7.93 -4.83 -1.55
C ASP A 34 8.60 -6.10 -2.10
N SER A 35 9.36 -6.79 -1.25
CA SER A 35 10.05 -8.00 -1.68
C SER A 35 9.06 -9.12 -1.99
N LYS A 36 8.00 -9.20 -1.19
CA LYS A 36 6.99 -10.24 -1.36
C LYS A 36 5.99 -9.92 -2.46
N THR A 37 5.34 -10.96 -2.93
CA THR A 37 4.31 -10.85 -3.96
C THR A 37 3.23 -9.90 -3.47
N TRP A 38 2.91 -10.03 -2.19
CA TRP A 38 1.94 -9.15 -1.54
C TRP A 38 2.68 -8.03 -0.82
N TRP A 39 2.24 -6.80 -1.01
CA TRP A 39 2.93 -5.65 -0.41
C TRP A 39 2.21 -5.13 0.82
N ARG A 40 3.00 -4.81 1.86
CA ARG A 40 2.47 -4.25 3.09
C ARG A 40 2.56 -2.73 2.99
N VAL A 41 1.53 -2.02 3.42
CA VAL A 41 1.53 -0.58 3.33
C VAL A 41 0.86 0.05 4.57
N ARG A 42 1.10 1.36 4.79
CA ARG A 42 0.55 2.03 5.95
C ARG A 42 -0.25 3.28 5.55
N ASN A 43 -1.34 3.53 6.28
CA ASN A 43 -2.19 4.69 6.01
C ASN A 43 -2.10 5.74 7.11
N ALA A 44 -2.58 6.95 6.80
CA ALA A 44 -2.58 8.04 7.78
C ALA A 44 -3.42 7.68 9.00
N ALA A 45 -4.34 6.73 8.83
CA ALA A 45 -5.20 6.27 9.92
C ALA A 45 -4.48 5.29 10.84
N ASN A 46 -3.18 5.07 10.61
CA ASN A 46 -2.39 4.16 11.42
C ASN A 46 -2.84 2.71 11.21
N ARG A 47 -3.40 2.43 10.04
CA ARG A 47 -3.84 1.10 9.68
C ARG A 47 -2.94 0.54 8.60
N THR A 48 -2.40 -0.64 8.82
CA THR A 48 -1.50 -1.26 7.85
C THR A 48 -2.03 -2.63 7.42
N GLY A 49 -1.67 -3.04 6.20
CA GLY A 49 -2.11 -4.32 5.68
C GLY A 49 -1.38 -4.72 4.42
N TYR A 50 -1.61 -5.95 3.95
CA TYR A 50 -0.97 -6.44 2.74
C TYR A 50 -1.91 -6.38 1.55
N VAL A 51 -1.66 -5.44 0.65
CA VAL A 51 -2.48 -5.27 -0.54
C VAL A 51 -1.65 -5.45 -1.80
N PRO A 52 -1.90 -6.51 -2.61
CA PRO A 52 -1.17 -6.70 -3.86
C PRO A 52 -1.66 -5.75 -4.97
N SER A 53 -1.89 -4.49 -4.61
CA SER A 53 -2.36 -3.49 -5.54
C SER A 53 -1.28 -3.12 -6.53
N ASN A 54 -1.21 -3.85 -7.64
CA ASN A 54 -0.24 -3.54 -8.67
C ASN A 54 -0.56 -2.18 -9.31
N TYR A 55 -1.77 -1.68 -9.05
CA TYR A 55 -2.22 -0.40 -9.59
C TYR A 55 -1.37 0.77 -9.12
N VAL A 56 -0.55 0.58 -8.08
CA VAL A 56 0.30 1.65 -7.58
C VAL A 56 1.76 1.40 -7.95
N GLU A 57 2.47 2.47 -8.31
CA GLU A 57 3.87 2.37 -8.69
C GLU A 57 4.73 3.32 -7.88
N ARG A 58 6.00 2.95 -7.69
CA ARG A 58 6.92 3.78 -6.92
C ARG A 58 7.26 5.06 -7.69
N LYS A 59 7.35 6.17 -6.98
CA LYS A 59 7.68 7.46 -7.59
C LYS A 59 7.74 8.57 -6.54
N MET A 1 17.25 -3.16 10.49
CA MET A 1 17.01 -1.82 9.89
C MET A 1 15.90 -1.86 8.85
N THR A 2 14.77 -1.26 9.20
CA THR A 2 13.62 -1.22 8.30
C THR A 2 13.54 0.10 7.54
N GLU A 3 13.53 0.01 6.21
CA GLU A 3 13.45 1.20 5.37
C GLU A 3 12.02 1.44 4.91
N GLU A 4 11.53 2.65 5.12
CA GLU A 4 10.17 3.01 4.72
C GLU A 4 10.10 3.32 3.23
N VAL A 5 8.99 2.95 2.60
CA VAL A 5 8.77 3.19 1.19
C VAL A 5 7.59 4.14 0.99
N ILE A 6 7.78 5.14 0.12
CA ILE A 6 6.73 6.11 -0.16
C ILE A 6 6.28 6.00 -1.62
N VAL A 7 5.03 5.59 -1.83
CA VAL A 7 4.51 5.45 -3.19
C VAL A 7 3.15 6.15 -3.34
N ILE A 8 2.74 6.37 -4.59
CA ILE A 8 1.47 7.03 -4.87
C ILE A 8 0.56 6.15 -5.73
N ALA A 9 -0.63 5.87 -5.21
CA ALA A 9 -1.60 5.02 -5.91
C ALA A 9 -2.33 5.80 -7.00
N LYS A 10 -2.20 5.33 -8.24
CA LYS A 10 -2.82 5.96 -9.40
C LYS A 10 -4.22 5.39 -9.70
N TRP A 11 -4.60 4.32 -9.01
CA TRP A 11 -5.91 3.70 -9.22
C TRP A 11 -6.50 3.19 -7.90
N ASP A 12 -7.81 3.31 -7.75
CA ASP A 12 -8.49 2.89 -6.53
C ASP A 12 -8.54 1.37 -6.40
N TYR A 13 -7.96 0.86 -5.33
CA TYR A 13 -7.92 -0.58 -5.07
C TYR A 13 -8.43 -0.89 -3.66
N THR A 14 -9.29 -1.89 -3.56
CA THR A 14 -9.85 -2.30 -2.28
C THR A 14 -9.14 -3.53 -1.75
N ALA A 15 -8.86 -3.54 -0.45
CA ALA A 15 -8.17 -4.65 0.19
C ALA A 15 -8.91 -5.97 -0.03
N GLN A 16 -8.17 -7.01 -0.43
CA GLN A 16 -8.80 -8.32 -0.65
C GLN A 16 -9.24 -8.95 0.67
N GLN A 17 -8.72 -8.43 1.77
CA GLN A 17 -9.07 -8.92 3.11
C GLN A 17 -9.18 -7.74 4.08
N ASP A 18 -9.64 -7.99 5.29
CA ASP A 18 -9.77 -6.92 6.28
C ASP A 18 -8.40 -6.51 6.81
N GLN A 19 -7.51 -7.48 6.91
CA GLN A 19 -6.17 -7.25 7.41
C GLN A 19 -5.37 -6.32 6.49
N GLU A 20 -5.81 -6.18 5.25
CA GLU A 20 -5.10 -5.32 4.28
C GLU A 20 -5.59 -3.88 4.41
N LEU A 21 -5.03 -2.99 3.59
CA LEU A 21 -5.35 -1.57 3.66
C LEU A 21 -5.89 -1.04 2.32
N ASP A 22 -7.02 -0.32 2.40
CA ASP A 22 -7.66 0.26 1.22
C ASP A 22 -6.84 1.44 0.69
N ILE A 23 -6.77 1.57 -0.64
CA ILE A 23 -6.05 2.65 -1.28
C ILE A 23 -6.94 3.36 -2.31
N LYS A 24 -6.52 4.55 -2.74
CA LYS A 24 -7.30 5.30 -3.72
C LYS A 24 -6.47 5.59 -4.97
N LYS A 25 -7.16 6.03 -6.01
CA LYS A 25 -6.52 6.34 -7.29
C LYS A 25 -5.59 7.54 -7.21
N ASN A 26 -5.65 8.30 -6.13
CA ASN A 26 -4.78 9.46 -5.99
C ASN A 26 -4.31 9.61 -4.55
N GLU A 27 -4.22 8.48 -3.84
CA GLU A 27 -3.78 8.49 -2.45
C GLU A 27 -2.35 7.98 -2.33
N ARG A 28 -1.58 8.62 -1.46
CA ARG A 28 -0.19 8.24 -1.25
C ARG A 28 -0.06 7.24 -0.12
N LEU A 29 0.45 6.05 -0.44
CA LEU A 29 0.62 5.00 0.55
C LEU A 29 2.09 4.72 0.82
N TRP A 30 2.38 4.27 2.05
CA TRP A 30 3.75 3.97 2.44
C TRP A 30 3.98 2.47 2.55
N LEU A 31 4.71 1.91 1.58
CA LEU A 31 5.00 0.48 1.57
C LEU A 31 6.08 0.12 2.58
N LEU A 32 5.99 -1.09 3.11
CA LEU A 32 6.96 -1.58 4.09
C LEU A 32 7.80 -2.71 3.49
N ASP A 33 7.21 -3.47 2.57
CA ASP A 33 7.90 -4.57 1.92
C ASP A 33 7.26 -4.89 0.57
N ASP A 34 8.01 -4.66 -0.51
CA ASP A 34 7.50 -4.90 -1.86
C ASP A 34 8.14 -6.15 -2.49
N SER A 35 8.99 -6.85 -1.74
CA SER A 35 9.64 -8.05 -2.27
C SER A 35 8.64 -9.15 -2.54
N LYS A 36 7.64 -9.27 -1.67
CA LYS A 36 6.61 -10.29 -1.82
C LYS A 36 5.52 -9.87 -2.79
N THR A 37 4.81 -10.86 -3.33
CA THR A 37 3.71 -10.59 -4.26
C THR A 37 2.68 -9.69 -3.57
N TRP A 38 2.53 -9.90 -2.27
CA TRP A 38 1.63 -9.09 -1.46
C TRP A 38 2.43 -7.99 -0.79
N TRP A 39 1.95 -6.75 -0.90
CA TRP A 39 2.67 -5.61 -0.35
C TRP A 39 2.06 -5.08 0.94
N ARG A 40 2.92 -4.86 1.93
CA ARG A 40 2.49 -4.31 3.22
C ARG A 40 2.58 -2.80 3.15
N VAL A 41 1.52 -2.11 3.55
CA VAL A 41 1.49 -0.66 3.47
C VAL A 41 0.78 -0.02 4.66
N ARG A 42 1.11 1.25 4.91
CA ARG A 42 0.53 1.99 6.04
C ARG A 42 -0.16 3.27 5.58
N ASN A 43 -1.30 3.58 6.22
CA ASN A 43 -2.06 4.80 5.87
C ASN A 43 -2.05 5.79 7.03
N ALA A 44 -2.37 7.05 6.72
CA ALA A 44 -2.41 8.11 7.73
C ALA A 44 -3.35 7.77 8.88
N ALA A 45 -4.27 6.82 8.65
CA ALA A 45 -5.21 6.40 9.69
C ALA A 45 -4.57 5.45 10.70
N ASN A 46 -3.26 5.21 10.60
CA ASN A 46 -2.55 4.32 11.50
C ASN A 46 -3.00 2.87 11.30
N ARG A 47 -3.47 2.57 10.09
CA ARG A 47 -3.91 1.22 9.76
C ARG A 47 -3.02 0.65 8.67
N THR A 48 -2.45 -0.52 8.94
CA THR A 48 -1.56 -1.17 7.98
C THR A 48 -2.14 -2.49 7.49
N GLY A 49 -1.79 -2.88 6.27
CA GLY A 49 -2.28 -4.11 5.72
C GLY A 49 -1.50 -4.58 4.50
N TYR A 50 -1.74 -5.83 4.08
CA TYR A 50 -1.04 -6.39 2.93
C TYR A 50 -1.91 -6.39 1.68
N VAL A 51 -1.68 -5.45 0.78
CA VAL A 51 -2.42 -5.39 -0.47
C VAL A 51 -1.49 -5.53 -1.67
N PRO A 52 -1.72 -6.52 -2.56
CA PRO A 52 -0.89 -6.69 -3.76
C PRO A 52 -1.30 -5.75 -4.89
N SER A 53 -1.83 -4.57 -4.52
CA SER A 53 -2.27 -3.58 -5.48
C SER A 53 -1.13 -3.16 -6.39
N ASN A 54 -1.00 -3.83 -7.52
CA ASN A 54 0.02 -3.47 -8.48
C ASN A 54 -0.31 -2.12 -9.13
N TYR A 55 -1.55 -1.66 -8.91
CA TYR A 55 -2.04 -0.41 -9.45
C TYR A 55 -1.26 0.80 -8.91
N VAL A 56 -0.48 0.61 -7.84
CA VAL A 56 0.30 1.70 -7.25
C VAL A 56 1.80 1.44 -7.44
N GLU A 57 2.53 2.51 -7.70
CA GLU A 57 3.98 2.41 -7.90
C GLU A 57 4.69 3.59 -7.25
N ARG A 58 5.97 3.42 -6.95
CA ARG A 58 6.75 4.48 -6.33
C ARG A 58 6.98 5.62 -7.30
N LYS A 59 6.85 6.85 -6.81
CA LYS A 59 7.04 8.03 -7.64
C LYS A 59 7.39 9.25 -6.78
N MET A 1 16.75 1.28 12.61
CA MET A 1 15.34 0.82 12.49
C MET A 1 15.00 0.41 11.05
N THR A 2 13.75 0.04 10.83
CA THR A 2 13.30 -0.36 9.51
C THR A 2 13.17 0.83 8.57
N GLU A 3 13.27 0.58 7.27
CA GLU A 3 13.17 1.64 6.28
C GLU A 3 11.73 1.79 5.78
N GLU A 4 11.27 3.03 5.66
CA GLU A 4 9.92 3.31 5.20
C GLU A 4 9.91 3.66 3.71
N VAL A 5 8.90 3.16 3.01
CA VAL A 5 8.76 3.40 1.59
C VAL A 5 7.50 4.22 1.30
N ILE A 6 7.67 5.30 0.55
CA ILE A 6 6.56 6.17 0.20
C ILE A 6 6.14 5.96 -1.26
N VAL A 7 4.90 5.48 -1.46
CA VAL A 7 4.42 5.25 -2.81
C VAL A 7 3.03 5.86 -3.02
N ILE A 8 2.65 6.01 -4.28
CA ILE A 8 1.35 6.57 -4.63
C ILE A 8 0.55 5.62 -5.51
N ALA A 9 -0.72 5.45 -5.16
CA ALA A 9 -1.60 4.55 -5.89
C ALA A 9 -2.14 5.22 -7.17
N LYS A 10 -2.17 4.46 -8.26
CA LYS A 10 -2.66 4.98 -9.55
C LYS A 10 -4.08 4.50 -9.88
N TRP A 11 -4.73 3.81 -8.94
CA TRP A 11 -6.10 3.34 -9.15
C TRP A 11 -6.75 2.97 -7.81
N ASP A 12 -8.08 3.09 -7.75
CA ASP A 12 -8.82 2.79 -6.53
C ASP A 12 -9.03 1.29 -6.34
N TYR A 13 -8.40 0.75 -5.30
CA TYR A 13 -8.50 -0.67 -5.00
C TYR A 13 -8.93 -0.89 -3.54
N THR A 14 -9.71 -1.95 -3.32
CA THR A 14 -10.17 -2.30 -1.98
C THR A 14 -9.42 -3.51 -1.47
N ALA A 15 -8.98 -3.44 -0.21
CA ALA A 15 -8.23 -4.53 0.42
C ALA A 15 -8.97 -5.86 0.31
N GLN A 16 -8.22 -6.93 0.04
CA GLN A 16 -8.81 -8.26 -0.06
C GLN A 16 -9.39 -8.68 1.28
N GLN A 17 -8.76 -8.21 2.35
CA GLN A 17 -9.19 -8.51 3.72
C GLN A 17 -9.15 -7.26 4.58
N ASP A 18 -9.80 -7.32 5.74
CA ASP A 18 -9.82 -6.19 6.66
C ASP A 18 -8.42 -5.86 7.16
N GLN A 19 -7.56 -6.88 7.20
CA GLN A 19 -6.19 -6.69 7.64
C GLN A 19 -5.39 -5.83 6.67
N GLU A 20 -5.81 -5.84 5.41
CA GLU A 20 -5.12 -5.05 4.37
C GLU A 20 -5.72 -3.65 4.30
N LEU A 21 -5.17 -2.80 3.45
CA LEU A 21 -5.65 -1.43 3.31
C LEU A 21 -5.92 -1.10 1.85
N ASP A 22 -6.99 -0.34 1.63
CA ASP A 22 -7.39 0.05 0.29
C ASP A 22 -6.55 1.23 -0.21
N ILE A 23 -6.49 1.39 -1.53
CA ILE A 23 -5.74 2.47 -2.15
C ILE A 23 -6.63 3.22 -3.13
N LYS A 24 -6.30 4.48 -3.40
CA LYS A 24 -7.10 5.29 -4.33
C LYS A 24 -6.31 5.59 -5.60
N LYS A 25 -6.99 6.18 -6.58
CA LYS A 25 -6.36 6.49 -7.86
C LYS A 25 -5.29 7.58 -7.75
N ASN A 26 -5.25 8.29 -6.62
CA ASN A 26 -4.27 9.34 -6.44
C ASN A 26 -3.92 9.54 -4.97
N GLU A 27 -4.02 8.47 -4.19
CA GLU A 27 -3.70 8.53 -2.78
C GLU A 27 -2.29 8.01 -2.50
N ARG A 28 -1.60 8.66 -1.57
CA ARG A 28 -0.25 8.28 -1.19
C ARG A 28 -0.25 7.29 -0.02
N LEU A 29 0.33 6.12 -0.23
CA LEU A 29 0.41 5.10 0.80
C LEU A 29 1.85 4.82 1.18
N TRP A 30 2.08 4.45 2.44
CA TRP A 30 3.43 4.15 2.92
C TRP A 30 3.66 2.65 2.97
N LEU A 31 4.47 2.16 2.04
CA LEU A 31 4.77 0.73 1.94
C LEU A 31 5.93 0.31 2.83
N LEU A 32 5.91 -0.95 3.26
CA LEU A 32 6.96 -1.51 4.11
C LEU A 32 7.74 -2.60 3.38
N ASP A 33 7.13 -3.19 2.36
CA ASP A 33 7.78 -4.26 1.59
C ASP A 33 7.07 -4.48 0.27
N ASP A 34 7.81 -4.31 -0.83
CA ASP A 34 7.25 -4.48 -2.17
C ASP A 34 7.94 -5.63 -2.92
N SER A 35 8.60 -6.52 -2.17
CA SER A 35 9.31 -7.65 -2.78
C SER A 35 8.34 -8.80 -3.09
N LYS A 36 7.34 -8.98 -2.24
CA LYS A 36 6.36 -10.04 -2.41
C LYS A 36 5.21 -9.61 -3.30
N THR A 37 4.48 -10.58 -3.83
CA THR A 37 3.33 -10.31 -4.68
C THR A 37 2.33 -9.44 -3.93
N TRP A 38 2.26 -9.67 -2.62
CA TRP A 38 1.39 -8.89 -1.75
C TRP A 38 2.23 -7.84 -1.05
N TRP A 39 1.81 -6.59 -1.16
CA TRP A 39 2.58 -5.50 -0.57
C TRP A 39 2.02 -5.05 0.77
N ARG A 40 2.92 -4.91 1.75
CA ARG A 40 2.54 -4.45 3.07
C ARG A 40 2.59 -2.93 3.10
N VAL A 41 1.50 -2.31 3.50
CA VAL A 41 1.45 -0.85 3.52
C VAL A 41 0.78 -0.31 4.79
N ARG A 42 1.00 0.97 5.05
CA ARG A 42 0.43 1.63 6.23
C ARG A 42 -0.24 2.94 5.82
N ASN A 43 -1.29 3.30 6.53
CA ASN A 43 -2.02 4.54 6.23
C ASN A 43 -1.96 5.54 7.38
N ALA A 44 -2.44 6.75 7.13
CA ALA A 44 -2.46 7.82 8.12
C ALA A 44 -3.31 7.45 9.34
N ALA A 45 -4.19 6.46 9.16
CA ALA A 45 -5.06 6.02 10.25
C ALA A 45 -4.34 5.10 11.23
N ASN A 46 -3.02 4.93 11.06
CA ASN A 46 -2.22 4.05 11.91
C ASN A 46 -2.61 2.60 11.72
N ARG A 47 -3.16 2.28 10.55
CA ARG A 47 -3.55 0.92 10.22
C ARG A 47 -2.64 0.38 9.13
N THR A 48 -2.08 -0.80 9.36
CA THR A 48 -1.18 -1.42 8.39
C THR A 48 -1.80 -2.69 7.83
N GLY A 49 -1.33 -3.13 6.66
CA GLY A 49 -1.88 -4.33 6.06
C GLY A 49 -1.14 -4.74 4.78
N TYR A 50 -1.56 -5.87 4.21
CA TYR A 50 -0.93 -6.39 2.99
C TYR A 50 -1.91 -6.42 1.80
N VAL A 51 -1.68 -5.55 0.82
CA VAL A 51 -2.52 -5.50 -0.37
C VAL A 51 -1.66 -5.69 -1.64
N PRO A 52 -2.03 -6.65 -2.53
CA PRO A 52 -1.28 -6.88 -3.76
C PRO A 52 -1.57 -5.81 -4.82
N SER A 53 -1.30 -4.56 -4.46
CA SER A 53 -1.54 -3.46 -5.37
C SER A 53 -0.61 -3.51 -6.58
N ASN A 54 -1.09 -4.12 -7.66
CA ASN A 54 -0.30 -4.22 -8.87
C ASN A 54 0.05 -2.84 -9.40
N TYR A 55 -0.98 -2.07 -9.71
CA TYR A 55 -0.79 -0.71 -10.21
C TYR A 55 -0.60 0.32 -9.10
N VAL A 56 0.66 0.61 -8.85
CA VAL A 56 1.06 1.61 -7.87
C VAL A 56 2.44 2.15 -8.23
N GLU A 57 2.64 3.44 -8.06
CA GLU A 57 3.91 4.06 -8.42
C GLU A 57 4.55 4.74 -7.22
N ARG A 58 5.86 4.51 -7.05
CA ARG A 58 6.60 5.11 -5.95
C ARG A 58 6.94 6.57 -6.25
N LYS A 59 6.69 7.44 -5.27
CA LYS A 59 6.98 8.87 -5.44
C LYS A 59 7.27 9.52 -4.10
N MET A 1 15.88 6.48 8.52
CA MET A 1 14.95 5.33 8.40
C MET A 1 14.59 5.06 6.95
N THR A 2 15.37 4.22 6.28
CA THR A 2 15.12 3.87 4.89
C THR A 2 14.19 2.66 4.75
N GLU A 3 13.75 2.11 5.89
CA GLU A 3 12.87 0.95 5.86
C GLU A 3 11.51 1.30 5.27
N GLU A 4 11.08 2.53 5.51
CA GLU A 4 9.80 3.01 5.01
C GLU A 4 9.87 3.33 3.53
N VAL A 5 8.84 2.93 2.81
CA VAL A 5 8.76 3.17 1.37
C VAL A 5 7.61 4.10 1.05
N ILE A 6 7.88 5.15 0.26
CA ILE A 6 6.86 6.11 -0.11
C ILE A 6 6.43 5.94 -1.56
N VAL A 7 5.16 5.58 -1.76
CA VAL A 7 4.63 5.38 -3.11
C VAL A 7 3.31 6.13 -3.29
N ILE A 8 2.94 6.35 -4.55
CA ILE A 8 1.69 7.04 -4.86
C ILE A 8 0.79 6.17 -5.74
N ALA A 9 -0.43 5.97 -5.29
CA ALA A 9 -1.39 5.17 -6.03
C ALA A 9 -1.94 5.93 -7.23
N LYS A 10 -2.20 5.19 -8.32
CA LYS A 10 -2.71 5.79 -9.54
C LYS A 10 -4.17 5.37 -9.79
N TRP A 11 -4.55 4.22 -9.26
CA TRP A 11 -5.91 3.70 -9.42
C TRP A 11 -6.45 3.22 -8.09
N ASP A 12 -7.71 3.55 -7.82
CA ASP A 12 -8.35 3.16 -6.56
C ASP A 12 -8.43 1.65 -6.40
N TYR A 13 -7.84 1.15 -5.32
CA TYR A 13 -7.84 -0.29 -5.04
C TYR A 13 -8.37 -0.56 -3.64
N THR A 14 -9.20 -1.58 -3.51
CA THR A 14 -9.77 -1.95 -2.22
C THR A 14 -9.12 -3.22 -1.69
N ALA A 15 -8.81 -3.22 -0.40
CA ALA A 15 -8.19 -4.38 0.24
C ALA A 15 -8.97 -5.65 -0.02
N GLN A 16 -8.26 -6.77 -0.22
CA GLN A 16 -8.92 -8.04 -0.48
C GLN A 16 -9.25 -8.77 0.83
N GLN A 17 -8.74 -8.25 1.95
CA GLN A 17 -9.01 -8.85 3.26
C GLN A 17 -9.02 -7.78 4.35
N ASP A 18 -9.51 -8.15 5.53
CA ASP A 18 -9.58 -7.20 6.64
C ASP A 18 -8.19 -6.83 7.15
N GLN A 19 -7.25 -7.75 7.00
CA GLN A 19 -5.88 -7.51 7.44
C GLN A 19 -5.11 -6.60 6.47
N GLU A 20 -5.68 -6.36 5.28
CA GLU A 20 -5.02 -5.51 4.29
C GLU A 20 -5.44 -4.04 4.49
N LEU A 21 -4.91 -3.14 3.67
CA LEU A 21 -5.23 -1.72 3.78
C LEU A 21 -5.83 -1.17 2.50
N ASP A 22 -6.90 -0.39 2.64
CA ASP A 22 -7.56 0.21 1.48
C ASP A 22 -6.79 1.42 0.97
N ILE A 23 -6.79 1.60 -0.34
CA ILE A 23 -6.09 2.72 -0.97
C ILE A 23 -7.01 3.42 -1.97
N LYS A 24 -6.64 4.63 -2.38
CA LYS A 24 -7.46 5.39 -3.34
C LYS A 24 -6.74 5.56 -4.67
N LYS A 25 -7.37 6.27 -5.58
CA LYS A 25 -6.83 6.50 -6.91
C LYS A 25 -5.54 7.31 -6.89
N ASN A 26 -5.56 8.46 -6.21
CA ASN A 26 -4.39 9.33 -6.15
C ASN A 26 -3.75 9.35 -4.76
N GLU A 27 -4.37 8.70 -3.78
CA GLU A 27 -3.83 8.67 -2.43
C GLU A 27 -2.40 8.11 -2.41
N ARG A 28 -1.56 8.66 -1.53
CA ARG A 28 -0.19 8.20 -1.39
C ARG A 28 -0.06 7.22 -0.24
N LEU A 29 0.47 6.04 -0.55
CA LEU A 29 0.63 5.00 0.46
C LEU A 29 2.10 4.74 0.77
N TRP A 30 2.37 4.37 2.03
CA TRP A 30 3.74 4.09 2.46
C TRP A 30 3.98 2.60 2.60
N LEU A 31 4.70 2.03 1.64
CA LEU A 31 5.00 0.59 1.61
C LEU A 31 6.03 0.20 2.67
N LEU A 32 5.88 -1.01 3.18
CA LEU A 32 6.78 -1.54 4.20
C LEU A 32 7.67 -2.65 3.63
N ASP A 33 7.17 -3.33 2.60
CA ASP A 33 7.91 -4.43 1.97
C ASP A 33 7.38 -4.74 0.57
N ASP A 34 8.23 -4.56 -0.44
CA ASP A 34 7.84 -4.81 -1.83
C ASP A 34 8.45 -6.11 -2.38
N SER A 35 9.16 -6.86 -1.52
CA SER A 35 9.79 -8.10 -1.95
C SER A 35 8.76 -9.17 -2.27
N LYS A 36 7.67 -9.19 -1.52
CA LYS A 36 6.61 -10.18 -1.71
C LYS A 36 5.61 -9.77 -2.77
N THR A 37 4.95 -10.76 -3.35
CA THR A 37 3.91 -10.52 -4.35
C THR A 37 2.84 -9.62 -3.75
N TRP A 38 2.63 -9.76 -2.43
CA TRP A 38 1.66 -8.93 -1.73
C TRP A 38 2.41 -7.82 -1.02
N TRP A 39 1.94 -6.59 -1.15
CA TRP A 39 2.64 -5.46 -0.56
C TRP A 39 2.03 -4.98 0.75
N ARG A 40 2.87 -4.85 1.77
CA ARG A 40 2.43 -4.36 3.07
C ARG A 40 2.51 -2.84 3.08
N VAL A 41 1.39 -2.18 3.35
CA VAL A 41 1.39 -0.72 3.33
C VAL A 41 0.58 -0.13 4.49
N ARG A 42 0.97 1.07 4.92
CA ARG A 42 0.30 1.74 6.01
C ARG A 42 -0.22 3.11 5.55
N ASN A 43 -1.36 3.52 6.10
CA ASN A 43 -1.97 4.80 5.73
C ASN A 43 -2.00 5.76 6.91
N ALA A 44 -2.24 7.04 6.61
CA ALA A 44 -2.29 8.07 7.65
C ALA A 44 -3.35 7.75 8.71
N ALA A 45 -4.29 6.86 8.38
CA ALA A 45 -5.35 6.48 9.31
C ALA A 45 -4.85 5.48 10.37
N ASN A 46 -3.55 5.19 10.37
CA ASN A 46 -2.97 4.25 11.33
C ASN A 46 -3.36 2.81 11.02
N ARG A 47 -3.73 2.56 9.76
CA ARG A 47 -4.12 1.24 9.32
C ARG A 47 -3.13 0.74 8.28
N THR A 48 -2.62 -0.48 8.47
CA THR A 48 -1.66 -1.05 7.54
C THR A 48 -1.90 -2.53 7.30
N GLY A 49 -1.68 -2.97 6.06
CA GLY A 49 -1.89 -4.37 5.72
C GLY A 49 -1.25 -4.78 4.39
N TYR A 50 -1.38 -6.07 4.04
CA TYR A 50 -0.81 -6.58 2.79
C TYR A 50 -1.84 -6.55 1.66
N VAL A 51 -1.59 -5.71 0.65
CA VAL A 51 -2.49 -5.62 -0.50
C VAL A 51 -1.73 -5.79 -1.81
N PRO A 52 -2.08 -6.79 -2.64
CA PRO A 52 -1.42 -7.00 -3.94
C PRO A 52 -1.83 -5.93 -4.97
N SER A 53 -2.13 -4.71 -4.50
CA SER A 53 -2.54 -3.63 -5.35
C SER A 53 -1.42 -3.22 -6.28
N ASN A 54 -1.30 -3.91 -7.40
CA ASN A 54 -0.28 -3.58 -8.39
C ASN A 54 -0.59 -2.23 -9.06
N TYR A 55 -1.79 -1.70 -8.80
CA TYR A 55 -2.24 -0.44 -9.36
C TYR A 55 -1.41 0.75 -8.86
N VAL A 56 -0.57 0.53 -7.84
CA VAL A 56 0.25 1.61 -7.30
C VAL A 56 1.73 1.31 -7.53
N GLU A 57 2.48 2.37 -7.86
CA GLU A 57 3.91 2.25 -8.10
C GLU A 57 4.68 3.39 -7.45
N ARG A 58 5.93 3.12 -7.06
CA ARG A 58 6.75 4.13 -6.43
C ARG A 58 7.14 5.22 -7.42
N LYS A 59 7.14 6.47 -6.95
CA LYS A 59 7.49 7.60 -7.80
C LYS A 59 6.57 7.69 -9.01
N MET A 1 18.24 2.95 8.30
CA MET A 1 17.31 4.06 7.95
C MET A 1 17.07 4.13 6.44
N THR A 2 16.21 5.05 6.03
CA THR A 2 15.89 5.23 4.62
C THR A 2 15.34 3.94 4.02
N GLU A 3 14.81 3.06 4.86
CA GLU A 3 14.24 1.80 4.40
C GLU A 3 12.74 1.95 4.11
N GLU A 4 12.18 3.09 4.51
CA GLU A 4 10.76 3.36 4.29
C GLU A 4 10.48 3.56 2.82
N VAL A 5 9.37 3.01 2.36
CA VAL A 5 8.97 3.11 0.97
C VAL A 5 7.74 3.99 0.81
N ILE A 6 7.86 5.05 0.03
CA ILE A 6 6.76 5.98 -0.20
C ILE A 6 6.29 5.93 -1.66
N VAL A 7 5.04 5.56 -1.87
CA VAL A 7 4.50 5.47 -3.22
C VAL A 7 3.15 6.17 -3.33
N ILE A 8 2.75 6.47 -4.55
CA ILE A 8 1.47 7.12 -4.81
C ILE A 8 0.59 6.27 -5.69
N ALA A 9 -0.61 5.96 -5.20
CA ALA A 9 -1.55 5.13 -5.94
C ALA A 9 -2.20 5.90 -7.08
N LYS A 10 -2.12 5.35 -8.28
CA LYS A 10 -2.67 6.00 -9.47
C LYS A 10 -4.07 5.46 -9.82
N TRP A 11 -4.48 4.38 -9.16
CA TRP A 11 -5.81 3.78 -9.41
C TRP A 11 -6.38 3.21 -8.11
N ASP A 12 -7.70 3.34 -7.95
CA ASP A 12 -8.38 2.87 -6.75
C ASP A 12 -8.35 1.34 -6.65
N TYR A 13 -7.86 0.84 -5.52
CA TYR A 13 -7.77 -0.59 -5.28
C TYR A 13 -8.41 -0.96 -3.94
N THR A 14 -9.16 -2.06 -3.93
CA THR A 14 -9.83 -2.52 -2.71
C THR A 14 -9.07 -3.68 -2.09
N ALA A 15 -8.98 -3.69 -0.76
CA ALA A 15 -8.28 -4.74 -0.04
C ALA A 15 -8.93 -6.10 -0.29
N GLN A 16 -8.11 -7.12 -0.51
CA GLN A 16 -8.62 -8.47 -0.74
C GLN A 16 -8.88 -9.19 0.59
N GLN A 17 -8.53 -8.54 1.69
CA GLN A 17 -8.75 -9.11 3.02
C GLN A 17 -9.10 -8.01 4.03
N ASP A 18 -9.48 -8.40 5.23
CA ASP A 18 -9.84 -7.44 6.28
C ASP A 18 -8.60 -6.79 6.88
N GLN A 19 -7.50 -7.53 6.90
CA GLN A 19 -6.25 -7.04 7.46
C GLN A 19 -5.56 -6.05 6.53
N GLU A 20 -6.01 -5.97 5.28
CA GLU A 20 -5.40 -5.05 4.33
C GLU A 20 -6.07 -3.69 4.39
N LEU A 21 -5.56 -2.76 3.59
CA LEU A 21 -6.08 -1.39 3.57
C LEU A 21 -6.50 -0.96 2.18
N ASP A 22 -7.63 -0.26 2.10
CA ASP A 22 -8.12 0.22 0.81
C ASP A 22 -7.34 1.46 0.38
N ILE A 23 -7.15 1.60 -0.93
CA ILE A 23 -6.43 2.75 -1.47
C ILE A 23 -7.23 3.40 -2.59
N LYS A 24 -6.90 4.64 -2.92
CA LYS A 24 -7.60 5.36 -3.97
C LYS A 24 -6.67 5.65 -5.15
N LYS A 25 -7.26 6.04 -6.28
CA LYS A 25 -6.49 6.33 -7.48
C LYS A 25 -5.54 7.51 -7.32
N ASN A 26 -5.68 8.26 -6.23
CA ASN A 26 -4.79 9.40 -6.00
C ASN A 26 -4.36 9.48 -4.54
N GLU A 27 -4.36 8.34 -3.87
CA GLU A 27 -3.95 8.29 -2.46
C GLU A 27 -2.51 7.82 -2.32
N ARG A 28 -1.76 8.46 -1.43
CA ARG A 28 -0.38 8.12 -1.20
C ARG A 28 -0.24 7.14 -0.04
N LEU A 29 0.33 5.98 -0.32
CA LEU A 29 0.52 4.94 0.69
C LEU A 29 2.00 4.68 0.96
N TRP A 30 2.31 4.29 2.19
CA TRP A 30 3.69 4.01 2.57
C TRP A 30 3.95 2.50 2.64
N LEU A 31 4.70 1.99 1.67
CA LEU A 31 5.01 0.55 1.62
C LEU A 31 6.10 0.18 2.62
N LEU A 32 6.02 -1.04 3.11
CA LEU A 32 7.00 -1.55 4.08
C LEU A 32 7.83 -2.68 3.48
N ASP A 33 7.24 -3.41 2.54
CA ASP A 33 7.92 -4.53 1.89
C ASP A 33 7.23 -4.88 0.57
N ASP A 34 7.97 -4.76 -0.53
CA ASP A 34 7.43 -5.05 -1.86
C ASP A 34 8.05 -6.32 -2.46
N SER A 35 8.91 -6.99 -1.71
CA SER A 35 9.57 -8.20 -2.20
C SER A 35 8.56 -9.32 -2.41
N LYS A 36 7.57 -9.40 -1.56
CA LYS A 36 6.54 -10.43 -1.64
C LYS A 36 5.44 -10.05 -2.61
N THR A 37 4.72 -11.06 -3.10
CA THR A 37 3.61 -10.83 -4.01
C THR A 37 2.60 -9.90 -3.35
N TRP A 38 2.47 -10.05 -2.03
CA TRP A 38 1.58 -9.20 -1.24
C TRP A 38 2.42 -8.09 -0.62
N TRP A 39 1.96 -6.86 -0.73
CA TRP A 39 2.71 -5.73 -0.20
C TRP A 39 2.15 -5.18 1.10
N ARG A 40 3.02 -4.94 2.07
CA ARG A 40 2.62 -4.37 3.34
C ARG A 40 2.67 -2.86 3.23
N VAL A 41 1.59 -2.19 3.65
CA VAL A 41 1.55 -0.74 3.56
C VAL A 41 0.85 -0.14 4.78
N ARG A 42 1.17 1.12 5.07
CA ARG A 42 0.59 1.81 6.20
C ARG A 42 -0.15 3.07 5.73
N ASN A 43 -1.24 3.38 6.43
CA ASN A 43 -2.05 4.55 6.07
C ASN A 43 -1.99 5.63 7.14
N ALA A 44 -2.38 6.85 6.77
CA ALA A 44 -2.37 7.98 7.69
C ALA A 44 -3.24 7.72 8.93
N ALA A 45 -4.18 6.79 8.81
CA ALA A 45 -5.05 6.44 9.92
C ALA A 45 -4.35 5.54 10.94
N ASN A 46 -3.06 5.30 10.75
CA ASN A 46 -2.29 4.44 11.64
C ASN A 46 -2.67 2.97 11.46
N ARG A 47 -3.18 2.64 10.28
CA ARG A 47 -3.57 1.27 9.97
C ARG A 47 -2.60 0.65 8.97
N THR A 48 -2.21 -0.59 9.20
CA THR A 48 -1.28 -1.29 8.32
C THR A 48 -1.89 -2.61 7.82
N GLY A 49 -1.45 -3.05 6.64
CA GLY A 49 -1.96 -4.30 6.07
C GLY A 49 -1.25 -4.70 4.79
N TYR A 50 -1.65 -5.82 4.21
CA TYR A 50 -1.03 -6.31 2.97
C TYR A 50 -1.99 -6.19 1.78
N VAL A 51 -1.64 -5.33 0.83
CA VAL A 51 -2.46 -5.13 -0.36
C VAL A 51 -1.63 -5.19 -1.64
N PRO A 52 -1.80 -6.21 -2.48
CA PRO A 52 -1.06 -6.33 -3.74
C PRO A 52 -1.59 -5.35 -4.80
N SER A 53 -1.82 -4.11 -4.39
CA SER A 53 -2.33 -3.08 -5.28
C SER A 53 -1.28 -2.70 -6.32
N ASN A 54 -1.06 -3.56 -7.29
CA ASN A 54 -0.10 -3.29 -8.36
C ASN A 54 -0.41 -1.95 -9.04
N TYR A 55 -1.64 -1.47 -8.85
CA TYR A 55 -2.08 -0.21 -9.42
C TYR A 55 -1.25 0.97 -8.92
N VAL A 56 -0.47 0.76 -7.86
CA VAL A 56 0.35 1.83 -7.31
C VAL A 56 1.83 1.59 -7.56
N GLU A 57 2.56 2.67 -7.77
CA GLU A 57 3.99 2.58 -8.03
C GLU A 57 4.74 3.71 -7.35
N ARG A 58 6.06 3.58 -7.23
CA ARG A 58 6.88 4.60 -6.60
C ARG A 58 6.92 5.85 -7.47
N LYS A 59 6.84 7.02 -6.83
CA LYS A 59 6.88 8.29 -7.55
C LYS A 59 6.90 9.46 -6.57
N MET A 1 15.38 -4.25 11.71
CA MET A 1 15.20 -2.84 11.24
C MET A 1 14.10 -2.75 10.19
N THR A 2 13.18 -1.82 10.38
CA THR A 2 12.07 -1.64 9.45
C THR A 2 12.33 -0.47 8.49
N GLU A 3 12.37 -0.78 7.20
CA GLU A 3 12.60 0.25 6.18
C GLU A 3 11.29 0.75 5.60
N GLU A 4 11.20 2.06 5.40
CA GLU A 4 9.99 2.67 4.85
C GLU A 4 10.13 2.94 3.36
N VAL A 5 9.07 2.66 2.62
CA VAL A 5 9.04 2.87 1.18
C VAL A 5 7.94 3.87 0.80
N ILE A 6 8.28 4.85 -0.02
CA ILE A 6 7.33 5.87 -0.45
C ILE A 6 6.78 5.59 -1.84
N VAL A 7 5.51 5.25 -1.92
CA VAL A 7 4.87 4.97 -3.21
C VAL A 7 3.58 5.77 -3.37
N ILE A 8 3.18 5.99 -4.63
CA ILE A 8 1.96 6.75 -4.93
C ILE A 8 0.99 5.90 -5.76
N ALA A 9 -0.24 5.79 -5.28
CA ALA A 9 -1.26 5.01 -5.95
C ALA A 9 -1.76 5.71 -7.22
N LYS A 10 -2.04 4.93 -8.26
CA LYS A 10 -2.52 5.46 -9.53
C LYS A 10 -3.96 5.05 -9.81
N TRP A 11 -4.39 3.94 -9.21
CA TRP A 11 -5.77 3.45 -9.40
C TRP A 11 -6.35 3.00 -8.07
N ASP A 12 -7.60 3.37 -7.83
CA ASP A 12 -8.28 3.02 -6.60
C ASP A 12 -8.37 1.50 -6.41
N TYR A 13 -7.80 1.01 -5.32
CA TYR A 13 -7.80 -0.42 -5.03
C TYR A 13 -8.35 -0.70 -3.62
N THR A 14 -9.18 -1.74 -3.51
CA THR A 14 -9.76 -2.12 -2.24
C THR A 14 -9.11 -3.40 -1.71
N ALA A 15 -8.86 -3.43 -0.40
CA ALA A 15 -8.25 -4.58 0.24
C ALA A 15 -9.04 -5.86 0.00
N GLN A 16 -8.34 -6.94 -0.32
CA GLN A 16 -9.00 -8.23 -0.57
C GLN A 16 -9.17 -9.02 0.73
N GLN A 17 -8.71 -8.46 1.85
CA GLN A 17 -8.83 -9.10 3.15
C GLN A 17 -9.03 -8.05 4.24
N ASP A 18 -9.41 -8.48 5.43
CA ASP A 18 -9.62 -7.56 6.54
C ASP A 18 -8.29 -7.07 7.12
N GLN A 19 -7.22 -7.81 6.87
CA GLN A 19 -5.90 -7.44 7.39
C GLN A 19 -5.14 -6.50 6.44
N GLU A 20 -5.68 -6.28 5.24
CA GLU A 20 -5.01 -5.40 4.27
C GLU A 20 -5.46 -3.96 4.47
N LEU A 21 -4.89 -3.05 3.67
CA LEU A 21 -5.20 -1.64 3.79
C LEU A 21 -5.79 -1.08 2.48
N ASP A 22 -6.92 -0.41 2.60
CA ASP A 22 -7.58 0.19 1.45
C ASP A 22 -6.79 1.39 0.93
N ILE A 23 -6.75 1.54 -0.39
CA ILE A 23 -6.04 2.64 -1.03
C ILE A 23 -6.92 3.32 -2.06
N LYS A 24 -6.56 4.54 -2.46
CA LYS A 24 -7.36 5.27 -3.44
C LYS A 24 -6.59 5.39 -4.76
N LYS A 25 -7.20 6.08 -5.71
CA LYS A 25 -6.60 6.27 -7.02
C LYS A 25 -5.31 7.09 -6.97
N ASN A 26 -5.35 8.23 -6.30
CA ASN A 26 -4.19 9.11 -6.20
C ASN A 26 -3.64 9.22 -4.78
N GLU A 27 -4.27 8.54 -3.82
CA GLU A 27 -3.82 8.59 -2.44
C GLU A 27 -2.36 8.15 -2.31
N ARG A 28 -1.63 8.80 -1.40
CA ARG A 28 -0.24 8.48 -1.16
C ARG A 28 -0.11 7.44 -0.06
N LEU A 29 0.51 6.32 -0.39
CA LEU A 29 0.68 5.23 0.55
C LEU A 29 2.14 4.98 0.89
N TRP A 30 2.40 4.67 2.17
CA TRP A 30 3.74 4.38 2.64
C TRP A 30 3.92 2.88 2.77
N LEU A 31 4.66 2.28 1.84
CA LEU A 31 4.89 0.84 1.84
C LEU A 31 6.03 0.43 2.74
N LEU A 32 5.94 -0.78 3.27
CA LEU A 32 6.97 -1.34 4.13
C LEU A 32 7.76 -2.43 3.41
N ASP A 33 7.18 -2.99 2.33
CA ASP A 33 7.85 -4.03 1.55
C ASP A 33 7.11 -4.30 0.23
N ASP A 34 7.85 -4.21 -0.87
CA ASP A 34 7.27 -4.45 -2.19
C ASP A 34 7.89 -5.68 -2.87
N SER A 35 8.79 -6.37 -2.18
CA SER A 35 9.45 -7.56 -2.73
C SER A 35 8.45 -8.67 -3.00
N LYS A 36 7.49 -8.83 -2.10
CA LYS A 36 6.47 -9.88 -2.23
C LYS A 36 5.35 -9.46 -3.15
N THR A 37 4.62 -10.45 -3.67
CA THR A 37 3.48 -10.19 -4.54
C THR A 37 2.47 -9.34 -3.78
N TRP A 38 2.36 -9.61 -2.49
CA TRP A 38 1.48 -8.86 -1.61
C TRP A 38 2.30 -7.74 -0.96
N TRP A 39 1.82 -6.51 -1.07
CA TRP A 39 2.55 -5.37 -0.52
C TRP A 39 1.99 -4.89 0.81
N ARG A 40 2.89 -4.64 1.77
CA ARG A 40 2.50 -4.16 3.10
C ARG A 40 2.54 -2.64 3.12
N VAL A 41 1.44 -2.01 3.53
CA VAL A 41 1.39 -0.56 3.54
C VAL A 41 0.67 -0.02 4.80
N ARG A 42 0.91 1.27 5.07
CA ARG A 42 0.30 1.96 6.20
C ARG A 42 -0.40 3.21 5.70
N ASN A 43 -1.50 3.59 6.33
CA ASN A 43 -2.24 4.79 5.92
C ASN A 43 -2.28 5.85 7.02
N ALA A 44 -2.80 7.03 6.67
CA ALA A 44 -2.90 8.13 7.62
C ALA A 44 -3.80 7.77 8.80
N ALA A 45 -4.69 6.80 8.60
CA ALA A 45 -5.61 6.36 9.65
C ALA A 45 -4.92 5.45 10.67
N ASN A 46 -3.60 5.26 10.53
CA ASN A 46 -2.84 4.41 11.43
C ASN A 46 -3.20 2.94 11.25
N ARG A 47 -3.67 2.61 10.05
CA ARG A 47 -4.04 1.24 9.71
C ARG A 47 -3.06 0.68 8.69
N THR A 48 -2.57 -0.52 8.94
CA THR A 48 -1.62 -1.15 8.04
C THR A 48 -2.13 -2.51 7.56
N GLY A 49 -1.78 -2.88 6.33
CA GLY A 49 -2.22 -4.16 5.81
C GLY A 49 -1.48 -4.57 4.54
N TYR A 50 -1.65 -5.83 4.12
CA TYR A 50 -0.99 -6.34 2.92
C TYR A 50 -1.94 -6.39 1.73
N VAL A 51 -1.79 -5.44 0.81
CA VAL A 51 -2.64 -5.40 -0.39
C VAL A 51 -1.81 -5.57 -1.65
N PRO A 52 -2.06 -6.62 -2.47
CA PRO A 52 -1.34 -6.83 -3.72
C PRO A 52 -1.81 -5.85 -4.81
N SER A 53 -2.01 -4.60 -4.43
CA SER A 53 -2.45 -3.58 -5.36
C SER A 53 -1.34 -3.23 -6.32
N ASN A 54 -1.28 -3.93 -7.45
CA ASN A 54 -0.27 -3.63 -8.45
C ASN A 54 -0.52 -2.25 -9.07
N TYR A 55 -1.71 -1.70 -8.82
CA TYR A 55 -2.10 -0.38 -9.32
C TYR A 55 -1.23 0.74 -8.76
N VAL A 56 -0.45 0.46 -7.71
CA VAL A 56 0.41 1.47 -7.12
C VAL A 56 1.89 1.12 -7.30
N GLU A 57 2.70 2.14 -7.59
CA GLU A 57 4.12 1.95 -7.79
C GLU A 57 4.91 3.00 -7.01
N ARG A 58 6.20 2.74 -6.83
CA ARG A 58 7.07 3.64 -6.10
C ARG A 58 7.52 4.82 -6.96
N LYS A 59 7.47 6.02 -6.40
CA LYS A 59 7.87 7.23 -7.11
C LYS A 59 9.08 7.87 -6.43
N MET A 1 20.25 2.82 4.18
CA MET A 1 19.19 2.18 3.35
C MET A 1 17.92 1.96 4.17
N THR A 2 16.89 2.75 3.88
CA THR A 2 15.62 2.65 4.57
C THR A 2 14.80 1.47 4.04
N GLU A 3 14.01 0.87 4.91
CA GLU A 3 13.16 -0.26 4.52
C GLU A 3 11.77 0.20 4.08
N GLU A 4 11.49 1.49 4.19
CA GLU A 4 10.19 2.03 3.80
C GLU A 4 10.25 2.65 2.41
N VAL A 5 9.20 2.41 1.62
CA VAL A 5 9.11 2.94 0.27
C VAL A 5 7.91 3.88 0.15
N ILE A 6 8.15 5.07 -0.39
CA ILE A 6 7.09 6.07 -0.56
C ILE A 6 6.54 6.06 -1.98
N VAL A 7 5.28 5.65 -2.13
CA VAL A 7 4.66 5.60 -3.44
C VAL A 7 3.27 6.25 -3.44
N ILE A 8 2.80 6.59 -4.63
CA ILE A 8 1.50 7.23 -4.79
C ILE A 8 0.58 6.37 -5.66
N ALA A 9 -0.59 6.04 -5.13
CA ALA A 9 -1.56 5.21 -5.86
C ALA A 9 -2.25 6.01 -6.95
N LYS A 10 -2.09 5.53 -8.18
CA LYS A 10 -2.69 6.16 -9.36
C LYS A 10 -4.05 5.56 -9.69
N TRP A 11 -4.40 4.46 -9.05
CA TRP A 11 -5.68 3.78 -9.30
C TRP A 11 -6.28 3.26 -8.00
N ASP A 12 -7.60 3.35 -7.89
CA ASP A 12 -8.31 2.89 -6.70
C ASP A 12 -8.34 1.37 -6.62
N TYR A 13 -7.82 0.83 -5.51
CA TYR A 13 -7.79 -0.62 -5.30
C TYR A 13 -8.41 -0.96 -3.94
N THR A 14 -9.22 -2.03 -3.93
CA THR A 14 -9.88 -2.47 -2.71
C THR A 14 -9.13 -3.66 -2.10
N ALA A 15 -8.94 -3.61 -0.78
CA ALA A 15 -8.23 -4.67 -0.07
C ALA A 15 -8.95 -6.01 -0.20
N GLN A 16 -8.17 -7.07 -0.43
CA GLN A 16 -8.74 -8.41 -0.58
C GLN A 16 -8.90 -9.13 0.78
N GLN A 17 -8.52 -8.47 1.86
CA GLN A 17 -8.65 -9.03 3.21
C GLN A 17 -8.78 -7.94 4.26
N ASP A 18 -9.27 -8.32 5.44
CA ASP A 18 -9.45 -7.38 6.55
C ASP A 18 -8.12 -6.82 7.03
N GLN A 19 -7.13 -7.68 7.08
CA GLN A 19 -5.80 -7.29 7.52
C GLN A 19 -5.22 -6.23 6.61
N GLU A 20 -5.59 -6.29 5.34
CA GLU A 20 -5.09 -5.33 4.36
C GLU A 20 -5.96 -4.07 4.34
N LEU A 21 -5.54 -3.08 3.55
CA LEU A 21 -6.24 -1.80 3.51
C LEU A 21 -6.59 -1.36 2.09
N ASP A 22 -7.57 -0.46 1.99
CA ASP A 22 -7.99 0.07 0.70
C ASP A 22 -7.16 1.28 0.30
N ILE A 23 -6.99 1.47 -1.00
CA ILE A 23 -6.24 2.61 -1.52
C ILE A 23 -7.04 3.29 -2.60
N LYS A 24 -6.70 4.54 -2.91
CA LYS A 24 -7.42 5.29 -3.93
C LYS A 24 -6.52 5.63 -5.12
N LYS A 25 -7.14 6.06 -6.20
CA LYS A 25 -6.43 6.41 -7.42
C LYS A 25 -5.53 7.62 -7.25
N ASN A 26 -5.68 8.35 -6.14
CA ASN A 26 -4.85 9.53 -5.91
C ASN A 26 -4.42 9.63 -4.44
N GLU A 27 -4.38 8.49 -3.76
CA GLU A 27 -3.99 8.44 -2.36
C GLU A 27 -2.55 7.98 -2.22
N ARG A 28 -1.84 8.62 -1.30
CA ARG A 28 -0.45 8.30 -1.05
C ARG A 28 -0.32 7.25 0.04
N LEU A 29 0.27 6.12 -0.31
CA LEU A 29 0.45 5.00 0.60
C LEU A 29 1.92 4.81 0.98
N TRP A 30 2.16 4.44 2.22
CA TRP A 30 3.53 4.19 2.71
C TRP A 30 3.82 2.69 2.69
N LEU A 31 4.63 2.25 1.74
CA LEU A 31 4.97 0.83 1.62
C LEU A 31 5.97 0.40 2.68
N LEU A 32 5.85 -0.87 3.08
CA LEU A 32 6.69 -1.45 4.12
C LEU A 32 7.56 -2.57 3.54
N ASP A 33 7.00 -3.32 2.58
CA ASP A 33 7.70 -4.42 1.94
C ASP A 33 7.04 -4.79 0.61
N ASP A 34 7.79 -4.62 -0.48
CA ASP A 34 7.27 -4.92 -1.81
C ASP A 34 7.93 -6.17 -2.43
N SER A 35 8.79 -6.84 -1.67
CA SER A 35 9.47 -8.03 -2.16
C SER A 35 8.49 -9.17 -2.39
N LYS A 36 7.52 -9.30 -1.49
CA LYS A 36 6.51 -10.36 -1.59
C LYS A 36 5.38 -9.99 -2.52
N THR A 37 4.66 -10.99 -3.02
CA THR A 37 3.52 -10.76 -3.90
C THR A 37 2.53 -9.84 -3.21
N TRP A 38 2.41 -10.00 -1.90
CA TRP A 38 1.53 -9.18 -1.09
C TRP A 38 2.35 -8.04 -0.48
N TRP A 39 1.87 -6.81 -0.62
CA TRP A 39 2.62 -5.65 -0.12
C TRP A 39 2.04 -5.09 1.15
N ARG A 40 2.89 -4.94 2.16
CA ARG A 40 2.46 -4.37 3.44
C ARG A 40 2.53 -2.86 3.35
N VAL A 41 1.43 -2.20 3.68
CA VAL A 41 1.38 -0.75 3.61
C VAL A 41 0.74 -0.14 4.85
N ARG A 42 0.98 1.15 5.05
CA ARG A 42 0.45 1.88 6.19
C ARG A 42 -0.36 3.09 5.70
N ASN A 43 -1.35 3.49 6.49
CA ASN A 43 -2.18 4.64 6.11
C ASN A 43 -2.09 5.76 7.15
N ALA A 44 -2.61 6.93 6.80
CA ALA A 44 -2.58 8.08 7.71
C ALA A 44 -3.35 7.79 8.99
N ALA A 45 -4.33 6.89 8.90
CA ALA A 45 -5.13 6.52 10.07
C ALA A 45 -4.37 5.58 11.03
N ASN A 46 -3.09 5.30 10.73
CA ASN A 46 -2.27 4.42 11.56
C ASN A 46 -2.70 2.96 11.38
N ARG A 47 -3.31 2.66 10.25
CA ARG A 47 -3.75 1.31 9.94
C ARG A 47 -2.82 0.72 8.89
N THR A 48 -2.41 -0.53 9.09
CA THR A 48 -1.51 -1.18 8.14
C THR A 48 -2.09 -2.50 7.63
N GLY A 49 -1.63 -2.96 6.46
CA GLY A 49 -2.14 -4.20 5.91
C GLY A 49 -1.40 -4.64 4.65
N TYR A 50 -1.73 -5.83 4.13
CA TYR A 50 -1.06 -6.37 2.94
C TYR A 50 -1.93 -6.34 1.68
N VAL A 51 -1.76 -5.31 0.85
CA VAL A 51 -2.51 -5.24 -0.41
C VAL A 51 -1.58 -5.31 -1.63
N PRO A 52 -1.70 -6.34 -2.49
CA PRO A 52 -0.88 -6.46 -3.70
C PRO A 52 -1.37 -5.51 -4.80
N SER A 53 -1.67 -4.27 -4.43
CA SER A 53 -2.16 -3.28 -5.37
C SER A 53 -1.05 -2.86 -6.31
N ASN A 54 -0.78 -3.68 -7.32
CA ASN A 54 0.26 -3.34 -8.29
C ASN A 54 -0.07 -2.01 -8.98
N TYR A 55 -1.33 -1.59 -8.88
CA TYR A 55 -1.79 -0.35 -9.48
C TYR A 55 -1.06 0.90 -8.95
N VAL A 56 -0.28 0.76 -7.86
CA VAL A 56 0.47 1.89 -7.29
C VAL A 56 1.96 1.73 -7.53
N GLU A 57 2.64 2.84 -7.78
CA GLU A 57 4.08 2.83 -8.01
C GLU A 57 4.73 4.08 -7.42
N ARG A 58 6.05 4.01 -7.21
CA ARG A 58 6.78 5.14 -6.64
C ARG A 58 6.88 6.29 -7.63
N LYS A 59 6.74 7.51 -7.12
CA LYS A 59 6.83 8.71 -7.95
C LYS A 59 6.91 9.96 -7.08
N MET A 1 15.63 3.38 11.97
CA MET A 1 15.77 1.91 12.11
C MET A 1 15.10 1.18 10.97
N THR A 2 13.77 1.21 10.93
CA THR A 2 13.00 0.54 9.88
C THR A 2 13.07 1.32 8.58
N GLU A 3 12.87 0.61 7.46
CA GLU A 3 12.91 1.24 6.14
C GLU A 3 11.50 1.56 5.65
N GLU A 4 11.25 2.84 5.41
CA GLU A 4 9.93 3.28 4.94
C GLU A 4 9.95 3.58 3.45
N VAL A 5 8.88 3.19 2.77
CA VAL A 5 8.75 3.42 1.33
C VAL A 5 7.58 4.35 1.05
N ILE A 6 7.79 5.35 0.20
CA ILE A 6 6.74 6.30 -0.15
C ILE A 6 6.37 6.18 -1.62
N VAL A 7 5.13 5.77 -1.88
CA VAL A 7 4.65 5.62 -3.25
C VAL A 7 3.30 6.31 -3.45
N ILE A 8 2.98 6.61 -4.70
CA ILE A 8 1.72 7.27 -5.02
C ILE A 8 0.82 6.35 -5.84
N ALA A 9 -0.40 6.14 -5.37
CA ALA A 9 -1.33 5.27 -6.08
C ALA A 9 -1.89 5.97 -7.31
N LYS A 10 -2.13 5.19 -8.36
CA LYS A 10 -2.66 5.72 -9.61
C LYS A 10 -4.09 5.21 -9.88
N TRP A 11 -4.43 4.06 -9.29
CA TRP A 11 -5.76 3.48 -9.45
C TRP A 11 -6.32 3.02 -8.11
N ASP A 12 -7.62 3.25 -7.91
CA ASP A 12 -8.27 2.89 -6.67
C ASP A 12 -8.33 1.39 -6.49
N TYR A 13 -7.75 0.91 -5.39
CA TYR A 13 -7.73 -0.51 -5.09
C TYR A 13 -8.28 -0.78 -3.68
N THR A 14 -9.12 -1.81 -3.58
CA THR A 14 -9.72 -2.17 -2.31
C THR A 14 -9.04 -3.39 -1.71
N ALA A 15 -8.95 -3.43 -0.38
CA ALA A 15 -8.32 -4.53 0.32
C ALA A 15 -9.00 -5.86 -0.03
N GLN A 16 -8.19 -6.90 -0.22
CA GLN A 16 -8.72 -8.22 -0.53
C GLN A 16 -9.12 -8.97 0.74
N GLN A 17 -8.77 -8.42 1.90
CA GLN A 17 -9.12 -9.02 3.19
C GLN A 17 -9.25 -7.94 4.25
N ASP A 18 -9.79 -8.29 5.41
CA ASP A 18 -9.98 -7.33 6.50
C ASP A 18 -8.65 -6.85 7.06
N GLN A 19 -7.68 -7.74 7.08
CA GLN A 19 -6.35 -7.43 7.59
C GLN A 19 -5.53 -6.60 6.60
N GLU A 20 -6.05 -6.39 5.39
CA GLU A 20 -5.33 -5.63 4.38
C GLU A 20 -5.65 -4.14 4.50
N LEU A 21 -5.04 -3.31 3.65
CA LEU A 21 -5.24 -1.87 3.71
C LEU A 21 -5.80 -1.29 2.42
N ASP A 22 -6.98 -0.70 2.51
CA ASP A 22 -7.62 -0.09 1.35
C ASP A 22 -6.86 1.14 0.88
N ILE A 23 -6.77 1.31 -0.43
CA ILE A 23 -6.09 2.45 -1.03
C ILE A 23 -7.00 3.15 -2.03
N LYS A 24 -6.64 4.36 -2.44
CA LYS A 24 -7.45 5.09 -3.41
C LYS A 24 -6.69 5.29 -4.72
N LYS A 25 -7.34 5.96 -5.65
CA LYS A 25 -6.76 6.21 -6.97
C LYS A 25 -5.52 7.08 -6.92
N ASN A 26 -5.60 8.19 -6.20
CA ASN A 26 -4.49 9.12 -6.09
C ASN A 26 -3.90 9.19 -4.67
N GLU A 27 -4.43 8.38 -3.76
CA GLU A 27 -3.95 8.37 -2.38
C GLU A 27 -2.47 8.01 -2.30
N ARG A 28 -1.78 8.57 -1.32
CA ARG A 28 -0.36 8.29 -1.13
C ARG A 28 -0.19 7.17 -0.11
N LEU A 29 0.46 6.10 -0.54
CA LEU A 29 0.65 4.94 0.30
C LEU A 29 2.11 4.70 0.65
N TRP A 30 2.36 4.35 1.92
CA TRP A 30 3.71 4.07 2.38
C TRP A 30 3.95 2.57 2.48
N LEU A 31 4.71 2.03 1.54
CA LEU A 31 5.00 0.60 1.51
C LEU A 31 6.09 0.22 2.52
N LEU A 32 6.05 -1.03 2.96
CA LEU A 32 7.03 -1.54 3.91
C LEU A 32 7.86 -2.67 3.29
N ASP A 33 7.26 -3.40 2.34
CA ASP A 33 7.93 -4.49 1.66
C ASP A 33 7.24 -4.79 0.33
N ASP A 34 7.97 -4.60 -0.76
CA ASP A 34 7.41 -4.83 -2.09
C ASP A 34 8.05 -6.05 -2.77
N SER A 35 8.82 -6.83 -2.03
CA SER A 35 9.47 -8.01 -2.59
C SER A 35 8.48 -9.14 -2.83
N LYS A 36 7.50 -9.25 -1.94
CA LYS A 36 6.49 -10.30 -2.03
C LYS A 36 5.36 -9.91 -2.96
N THR A 37 4.63 -10.91 -3.44
CA THR A 37 3.48 -10.68 -4.31
C THR A 37 2.46 -9.81 -3.58
N TRP A 38 2.39 -9.99 -2.26
CA TRP A 38 1.51 -9.21 -1.42
C TRP A 38 2.30 -8.05 -0.82
N TRP A 39 1.77 -6.85 -0.92
CA TRP A 39 2.49 -5.68 -0.42
C TRP A 39 1.95 -5.18 0.91
N ARG A 40 2.87 -4.87 1.82
CA ARG A 40 2.52 -4.33 3.11
C ARG A 40 2.64 -2.81 3.05
N VAL A 41 1.59 -2.12 3.45
CA VAL A 41 1.58 -0.67 3.37
C VAL A 41 0.86 -0.04 4.56
N ARG A 42 1.20 1.21 4.86
CA ARG A 42 0.59 1.92 5.97
C ARG A 42 -0.09 3.21 5.51
N ASN A 43 -1.22 3.54 6.13
CA ASN A 43 -1.96 4.75 5.80
C ASN A 43 -1.83 5.79 6.90
N ALA A 44 -2.13 7.05 6.56
CA ALA A 44 -2.05 8.15 7.53
C ALA A 44 -2.98 7.91 8.71
N ALA A 45 -4.02 7.12 8.49
CA ALA A 45 -4.98 6.81 9.54
C ALA A 45 -4.42 5.79 10.55
N ASN A 46 -3.16 5.38 10.38
CA ASN A 46 -2.52 4.42 11.28
C ASN A 46 -3.06 3.00 11.02
N ARG A 47 -3.55 2.77 9.81
CA ARG A 47 -4.08 1.47 9.44
C ARG A 47 -3.15 0.79 8.43
N THR A 48 -2.79 -0.45 8.72
CA THR A 48 -1.87 -1.19 7.84
C THR A 48 -2.48 -2.52 7.39
N GLY A 49 -1.92 -3.08 6.32
CA GLY A 49 -2.40 -4.35 5.81
C GLY A 49 -1.67 -4.82 4.56
N TYR A 50 -1.91 -6.07 4.16
CA TYR A 50 -1.26 -6.64 2.98
C TYR A 50 -2.16 -6.56 1.76
N VAL A 51 -1.81 -5.69 0.82
CA VAL A 51 -2.59 -5.54 -0.40
C VAL A 51 -1.70 -5.55 -1.64
N PRO A 52 -1.80 -6.56 -2.52
CA PRO A 52 -1.01 -6.60 -3.75
C PRO A 52 -1.48 -5.55 -4.76
N SER A 53 -1.73 -4.32 -4.29
CA SER A 53 -2.19 -3.25 -5.16
C SER A 53 -1.08 -2.81 -6.08
N ASN A 54 -0.82 -3.60 -7.11
CA ASN A 54 0.20 -3.25 -8.09
C ASN A 54 -0.11 -1.92 -8.76
N TYR A 55 -1.38 -1.49 -8.66
CA TYR A 55 -1.83 -0.24 -9.25
C TYR A 55 -1.06 0.97 -8.72
N VAL A 56 -0.33 0.82 -7.61
CA VAL A 56 0.43 1.92 -7.04
C VAL A 56 1.93 1.65 -7.16
N GLU A 57 2.69 2.71 -7.45
CA GLU A 57 4.13 2.59 -7.59
C GLU A 57 4.83 3.83 -7.04
N ARG A 58 6.13 3.70 -6.79
CA ARG A 58 6.93 4.81 -6.25
C ARG A 58 7.14 5.89 -7.33
N LYS A 59 7.07 7.15 -6.91
CA LYS A 59 7.24 8.26 -7.82
C LYS A 59 8.67 8.80 -7.77
N MET A 1 14.96 -4.74 10.83
CA MET A 1 14.98 -3.32 10.34
C MET A 1 14.21 -3.19 9.03
N THR A 2 13.06 -2.53 9.09
CA THR A 2 12.22 -2.33 7.92
C THR A 2 12.41 -0.92 7.35
N GLU A 3 12.52 -0.85 6.02
CA GLU A 3 12.71 0.43 5.34
C GLU A 3 11.37 0.99 4.86
N GLU A 4 11.18 2.28 5.00
CA GLU A 4 9.94 2.93 4.57
C GLU A 4 9.99 3.29 3.09
N VAL A 5 8.93 2.94 2.38
CA VAL A 5 8.83 3.20 0.96
C VAL A 5 7.65 4.13 0.69
N ILE A 6 7.89 5.22 -0.04
CA ILE A 6 6.84 6.17 -0.36
C ILE A 6 6.36 6.03 -1.80
N VAL A 7 5.12 5.59 -1.99
CA VAL A 7 4.57 5.43 -3.34
C VAL A 7 3.22 6.15 -3.49
N ILE A 8 2.81 6.38 -4.73
CA ILE A 8 1.56 7.06 -5.00
C ILE A 8 0.59 6.18 -5.80
N ALA A 9 -0.57 5.91 -5.23
CA ALA A 9 -1.57 5.09 -5.88
C ALA A 9 -2.29 5.89 -6.97
N LYS A 10 -2.20 5.41 -8.21
CA LYS A 10 -2.84 6.08 -9.35
C LYS A 10 -4.23 5.53 -9.62
N TRP A 11 -4.61 4.45 -8.95
CA TRP A 11 -5.92 3.82 -9.14
C TRP A 11 -6.48 3.31 -7.81
N ASP A 12 -7.80 3.46 -7.64
CA ASP A 12 -8.46 3.03 -6.42
C ASP A 12 -8.52 1.50 -6.33
N TYR A 13 -7.95 0.97 -5.25
CA TYR A 13 -7.92 -0.47 -5.04
C TYR A 13 -8.47 -0.83 -3.66
N THR A 14 -9.29 -1.87 -3.61
CA THR A 14 -9.88 -2.32 -2.36
C THR A 14 -9.18 -3.57 -1.86
N ALA A 15 -8.94 -3.63 -0.55
CA ALA A 15 -8.28 -4.75 0.08
C ALA A 15 -8.99 -6.07 -0.23
N GLN A 16 -8.22 -7.11 -0.54
CA GLN A 16 -8.80 -8.40 -0.83
C GLN A 16 -8.92 -9.27 0.44
N GLN A 17 -8.50 -8.71 1.58
CA GLN A 17 -8.60 -9.39 2.87
C GLN A 17 -8.96 -8.37 3.95
N ASP A 18 -9.36 -8.85 5.12
CA ASP A 18 -9.75 -7.96 6.21
C ASP A 18 -8.54 -7.33 6.90
N GLN A 19 -7.38 -7.95 6.74
CA GLN A 19 -6.15 -7.44 7.36
C GLN A 19 -5.40 -6.46 6.45
N GLU A 20 -5.87 -6.28 5.21
CA GLU A 20 -5.20 -5.38 4.28
C GLU A 20 -5.71 -3.95 4.43
N LEU A 21 -5.16 -3.06 3.62
CA LEU A 21 -5.51 -1.64 3.68
C LEU A 21 -6.01 -1.11 2.34
N ASP A 22 -7.14 -0.42 2.35
CA ASP A 22 -7.72 0.15 1.15
C ASP A 22 -6.93 1.37 0.67
N ILE A 23 -6.88 1.55 -0.64
CA ILE A 23 -6.17 2.68 -1.23
C ILE A 23 -7.04 3.39 -2.27
N LYS A 24 -6.64 4.61 -2.65
CA LYS A 24 -7.39 5.38 -3.63
C LYS A 24 -6.55 5.66 -4.86
N LYS A 25 -7.21 6.11 -5.91
CA LYS A 25 -6.54 6.42 -7.18
C LYS A 25 -5.58 7.60 -7.07
N ASN A 26 -5.64 8.33 -5.96
CA ASN A 26 -4.75 9.47 -5.78
C ASN A 26 -4.28 9.57 -4.33
N GLU A 27 -4.23 8.43 -3.66
CA GLU A 27 -3.80 8.38 -2.26
C GLU A 27 -2.35 7.94 -2.16
N ARG A 28 -1.64 8.57 -1.24
CA ARG A 28 -0.25 8.26 -1.01
C ARG A 28 -0.09 7.16 0.02
N LEU A 29 0.51 6.06 -0.41
CA LEU A 29 0.70 4.90 0.44
C LEU A 29 2.18 4.63 0.72
N TRP A 30 2.49 4.25 1.95
CA TRP A 30 3.87 3.97 2.35
C TRP A 30 4.11 2.46 2.45
N LEU A 31 4.79 1.91 1.47
CA LEU A 31 5.07 0.47 1.45
C LEU A 31 6.20 0.09 2.40
N LEU A 32 6.04 -1.06 3.05
CA LEU A 32 7.03 -1.56 4.00
C LEU A 32 7.83 -2.71 3.39
N ASP A 33 7.23 -3.43 2.45
CA ASP A 33 7.90 -4.55 1.78
C ASP A 33 7.24 -4.86 0.44
N ASP A 34 7.99 -4.67 -0.64
CA ASP A 34 7.48 -4.93 -1.97
C ASP A 34 8.10 -6.18 -2.61
N SER A 35 8.92 -6.90 -1.84
CA SER A 35 9.56 -8.11 -2.33
C SER A 35 8.55 -9.25 -2.49
N LYS A 36 7.56 -9.28 -1.61
CA LYS A 36 6.53 -10.31 -1.63
C LYS A 36 5.42 -9.96 -2.60
N THR A 37 4.69 -10.99 -3.04
CA THR A 37 3.57 -10.81 -3.94
C THR A 37 2.54 -9.88 -3.29
N TRP A 38 2.45 -9.98 -1.96
CA TRP A 38 1.55 -9.14 -1.18
C TRP A 38 2.36 -8.00 -0.59
N TRP A 39 1.86 -6.77 -0.73
CA TRP A 39 2.58 -5.61 -0.25
C TRP A 39 2.03 -5.03 1.04
N ARG A 40 2.91 -4.80 2.02
CA ARG A 40 2.52 -4.20 3.28
C ARG A 40 2.59 -2.69 3.16
N VAL A 41 1.58 -2.01 3.68
CA VAL A 41 1.55 -0.57 3.57
C VAL A 41 0.82 0.07 4.76
N ARG A 42 1.15 1.32 5.05
CA ARG A 42 0.54 2.05 6.15
C ARG A 42 -0.14 3.32 5.64
N ASN A 43 -1.26 3.66 6.27
CA ASN A 43 -2.01 4.87 5.89
C ASN A 43 -1.93 5.93 6.98
N ALA A 44 -2.29 7.16 6.63
CA ALA A 44 -2.26 8.27 7.58
C ALA A 44 -3.17 8.01 8.77
N ALA A 45 -4.19 7.18 8.56
CA ALA A 45 -5.13 6.84 9.62
C ALA A 45 -4.52 5.86 10.64
N ASN A 46 -3.24 5.51 10.46
CA ASN A 46 -2.55 4.58 11.34
C ASN A 46 -3.02 3.15 11.09
N ARG A 47 -3.51 2.90 9.88
CA ARG A 47 -3.97 1.57 9.50
C ARG A 47 -3.00 0.95 8.51
N THR A 48 -2.63 -0.30 8.77
CA THR A 48 -1.69 -1.01 7.91
C THR A 48 -2.27 -2.36 7.47
N GLY A 49 -1.90 -2.78 6.26
CA GLY A 49 -2.38 -4.05 5.73
C GLY A 49 -1.62 -4.51 4.49
N TYR A 50 -1.82 -5.77 4.08
CA TYR A 50 -1.13 -6.33 2.91
C TYR A 50 -2.02 -6.33 1.67
N VAL A 51 -1.74 -5.43 0.73
CA VAL A 51 -2.54 -5.37 -0.50
C VAL A 51 -1.66 -5.48 -1.76
N PRO A 52 -1.78 -6.55 -2.57
CA PRO A 52 -1.00 -6.68 -3.81
C PRO A 52 -1.49 -5.71 -4.89
N SER A 53 -1.90 -4.50 -4.51
CA SER A 53 -2.38 -3.51 -5.44
C SER A 53 -1.24 -3.02 -6.32
N ASN A 54 -0.92 -3.79 -7.35
CA ASN A 54 0.14 -3.41 -8.28
C ASN A 54 -0.16 -2.03 -8.90
N TYR A 55 -1.43 -1.63 -8.82
CA TYR A 55 -1.89 -0.35 -9.34
C TYR A 55 -1.09 0.84 -8.78
N VAL A 56 -0.36 0.64 -7.69
CA VAL A 56 0.43 1.72 -7.10
C VAL A 56 1.93 1.42 -7.16
N GLU A 57 2.72 2.46 -7.45
CA GLU A 57 4.17 2.33 -7.56
C GLU A 57 4.87 3.58 -7.06
N ARG A 58 6.16 3.46 -6.75
CA ARG A 58 6.95 4.58 -6.27
C ARG A 58 7.22 5.58 -7.39
N LYS A 59 7.18 6.87 -7.07
CA LYS A 59 7.44 7.92 -8.04
C LYS A 59 8.79 8.58 -7.78
N MET A 1 17.45 0.29 10.05
CA MET A 1 17.02 -1.13 10.19
C MET A 1 15.98 -1.48 9.14
N THR A 2 14.80 -0.86 9.26
CA THR A 2 13.70 -1.10 8.33
C THR A 2 13.66 -0.03 7.24
N GLU A 3 13.56 -0.47 5.99
CA GLU A 3 13.50 0.45 4.86
C GLU A 3 12.07 0.66 4.40
N GLU A 4 11.60 1.91 4.46
CA GLU A 4 10.24 2.24 4.06
C GLU A 4 10.22 2.82 2.64
N VAL A 5 9.25 2.38 1.86
CA VAL A 5 9.10 2.84 0.49
C VAL A 5 7.83 3.67 0.33
N ILE A 6 7.97 4.85 -0.26
CA ILE A 6 6.84 5.74 -0.47
C ILE A 6 6.35 5.69 -1.92
N VAL A 7 5.09 5.32 -2.10
CA VAL A 7 4.51 5.22 -3.44
C VAL A 7 3.18 5.97 -3.51
N ILE A 8 2.72 6.22 -4.73
CA ILE A 8 1.46 6.92 -4.94
C ILE A 8 0.51 6.07 -5.78
N ALA A 9 -0.68 5.80 -5.25
CA ALA A 9 -1.68 5.01 -5.94
C ALA A 9 -2.35 5.81 -7.06
N LYS A 10 -2.22 5.32 -8.29
CA LYS A 10 -2.82 5.97 -9.44
C LYS A 10 -4.24 5.47 -9.71
N TRP A 11 -4.67 4.44 -8.99
CA TRP A 11 -6.01 3.89 -9.17
C TRP A 11 -6.61 3.41 -7.84
N ASP A 12 -7.91 3.61 -7.68
CA ASP A 12 -8.61 3.20 -6.47
C ASP A 12 -8.68 1.69 -6.37
N TYR A 13 -8.14 1.13 -5.30
CA TYR A 13 -8.14 -0.32 -5.10
C TYR A 13 -8.70 -0.69 -3.74
N THR A 14 -9.50 -1.76 -3.70
CA THR A 14 -10.08 -2.23 -2.46
C THR A 14 -9.33 -3.44 -1.91
N ALA A 15 -9.11 -3.47 -0.60
CA ALA A 15 -8.40 -4.57 0.03
C ALA A 15 -9.09 -5.90 -0.23
N GLN A 16 -8.28 -6.92 -0.47
CA GLN A 16 -8.82 -8.27 -0.72
C GLN A 16 -8.96 -9.05 0.58
N GLN A 17 -8.58 -8.44 1.70
CA GLN A 17 -8.67 -9.07 3.01
C GLN A 17 -8.97 -8.03 4.07
N ASP A 18 -9.41 -8.47 5.24
CA ASP A 18 -9.73 -7.56 6.34
C ASP A 18 -8.50 -6.92 6.94
N GLN A 19 -7.36 -7.58 6.79
CA GLN A 19 -6.10 -7.08 7.32
C GLN A 19 -5.44 -6.06 6.40
N GLU A 20 -5.88 -6.00 5.15
CA GLU A 20 -5.32 -5.04 4.19
C GLU A 20 -6.02 -3.69 4.31
N LEU A 21 -5.55 -2.73 3.52
CA LEU A 21 -6.11 -1.40 3.53
C LEU A 21 -6.44 -0.95 2.12
N ASP A 22 -7.54 -0.22 1.97
CA ASP A 22 -7.96 0.27 0.67
C ASP A 22 -7.14 1.49 0.27
N ILE A 23 -7.06 1.73 -1.04
CA ILE A 23 -6.33 2.87 -1.55
C ILE A 23 -7.15 3.60 -2.61
N LYS A 24 -6.73 4.81 -2.95
CA LYS A 24 -7.45 5.61 -3.95
C LYS A 24 -6.57 5.87 -5.17
N LYS A 25 -7.21 6.31 -6.24
CA LYS A 25 -6.52 6.59 -7.48
C LYS A 25 -5.52 7.72 -7.36
N ASN A 26 -5.61 8.49 -6.28
CA ASN A 26 -4.69 9.60 -6.09
C ASN A 26 -4.23 9.69 -4.64
N GLU A 27 -4.26 8.55 -3.94
CA GLU A 27 -3.85 8.52 -2.54
C GLU A 27 -2.44 7.96 -2.41
N ARG A 28 -1.65 8.58 -1.53
CA ARG A 28 -0.28 8.17 -1.30
C ARG A 28 -0.20 7.21 -0.13
N LEU A 29 0.35 6.02 -0.36
CA LEU A 29 0.48 5.02 0.69
C LEU A 29 1.94 4.73 0.99
N TRP A 30 2.21 4.36 2.24
CA TRP A 30 3.58 4.05 2.67
C TRP A 30 3.81 2.55 2.74
N LEU A 31 4.64 2.03 1.86
CA LEU A 31 4.95 0.60 1.81
C LEU A 31 5.88 0.19 2.95
N LEU A 32 5.71 -1.04 3.41
CA LEU A 32 6.54 -1.57 4.50
C LEU A 32 7.47 -2.67 3.97
N ASP A 33 7.04 -3.34 2.91
CA ASP A 33 7.83 -4.41 2.30
C ASP A 33 7.36 -4.70 0.88
N ASP A 34 8.25 -4.49 -0.09
CA ASP A 34 7.91 -4.73 -1.49
C ASP A 34 8.63 -5.96 -2.06
N SER A 35 9.32 -6.69 -1.20
CA SER A 35 10.05 -7.89 -1.64
C SER A 35 9.10 -9.03 -1.98
N LYS A 36 8.01 -9.11 -1.23
CA LYS A 36 7.01 -10.16 -1.45
C LYS A 36 6.03 -9.79 -2.55
N THR A 37 5.40 -10.81 -3.13
CA THR A 37 4.41 -10.59 -4.17
C THR A 37 3.31 -9.70 -3.64
N TRP A 38 3.00 -9.88 -2.35
CA TRP A 38 2.00 -9.08 -1.67
C TRP A 38 2.70 -7.96 -0.90
N TRP A 39 2.26 -6.74 -1.12
CA TRP A 39 2.90 -5.59 -0.47
C TRP A 39 2.16 -5.12 0.77
N ARG A 40 2.93 -4.77 1.77
CA ARG A 40 2.38 -4.25 3.01
C ARG A 40 2.47 -2.74 3.01
N VAL A 41 1.40 -2.08 3.39
CA VAL A 41 1.37 -0.63 3.38
C VAL A 41 0.74 -0.07 4.66
N ARG A 42 1.00 1.21 4.92
CA ARG A 42 0.45 1.87 6.09
C ARG A 42 -0.28 3.14 5.67
N ASN A 43 -1.38 3.44 6.35
CA ASN A 43 -2.17 4.63 6.03
C ASN A 43 -2.08 5.67 7.15
N ALA A 44 -2.58 6.87 6.87
CA ALA A 44 -2.56 7.97 7.84
C ALA A 44 -3.36 7.60 9.10
N ALA A 45 -4.28 6.65 8.95
CA ALA A 45 -5.10 6.21 10.07
C ALA A 45 -4.30 5.34 11.05
N ASN A 46 -2.98 5.22 10.81
CA ASN A 46 -2.12 4.41 11.67
C ASN A 46 -2.46 2.93 11.54
N ARG A 47 -3.08 2.57 10.41
CA ARG A 47 -3.44 1.19 10.13
C ARG A 47 -2.58 0.62 9.02
N THR A 48 -2.13 -0.62 9.19
CA THR A 48 -1.28 -1.27 8.18
C THR A 48 -1.94 -2.55 7.67
N GLY A 49 -1.47 -3.02 6.52
CA GLY A 49 -2.02 -4.24 5.94
C GLY A 49 -1.31 -4.65 4.65
N TYR A 50 -1.68 -5.81 4.11
CA TYR A 50 -1.07 -6.31 2.89
C TYR A 50 -2.03 -6.22 1.71
N VAL A 51 -1.72 -5.34 0.76
CA VAL A 51 -2.55 -5.15 -0.41
C VAL A 51 -1.76 -5.39 -1.69
N PRO A 52 -2.02 -6.49 -2.42
CA PRO A 52 -1.31 -6.77 -3.69
C PRO A 52 -1.75 -5.85 -4.82
N SER A 53 -2.09 -4.61 -4.47
CA SER A 53 -2.53 -3.63 -5.46
C SER A 53 -1.37 -3.13 -6.30
N ASN A 54 -1.08 -3.86 -7.38
CA ASN A 54 0.00 -3.48 -8.28
C ASN A 54 -0.34 -2.17 -9.01
N TYR A 55 -1.59 -1.73 -8.85
CA TYR A 55 -2.05 -0.49 -9.47
C TYR A 55 -1.30 0.74 -8.95
N VAL A 56 -0.50 0.55 -7.90
CA VAL A 56 0.27 1.65 -7.33
C VAL A 56 1.77 1.38 -7.43
N GLU A 57 2.54 2.43 -7.70
CA GLU A 57 3.99 2.31 -7.83
C GLU A 57 4.68 3.58 -7.34
N ARG A 58 5.97 3.46 -7.01
CA ARG A 58 6.73 4.61 -6.53
C ARG A 58 7.01 5.59 -7.66
N LYS A 59 7.00 6.88 -7.34
CA LYS A 59 7.26 7.91 -8.33
C LYS A 59 8.19 8.98 -7.76
N MET A 1 19.94 5.81 5.67
CA MET A 1 18.61 6.12 5.08
C MET A 1 17.50 5.35 5.77
N THR A 2 16.27 5.83 5.64
CA THR A 2 15.12 5.18 6.24
C THR A 2 14.68 3.97 5.43
N GLU A 3 14.06 3.01 6.10
CA GLU A 3 13.59 1.80 5.44
C GLU A 3 12.15 1.95 4.94
N GLU A 4 11.50 3.07 5.29
CA GLU A 4 10.12 3.31 4.86
C GLU A 4 10.06 3.61 3.38
N VAL A 5 9.03 3.10 2.73
CA VAL A 5 8.83 3.30 1.29
C VAL A 5 7.61 4.17 1.04
N ILE A 6 7.77 5.19 0.21
CA ILE A 6 6.68 6.10 -0.12
C ILE A 6 6.30 6.01 -1.59
N VAL A 7 5.06 5.63 -1.86
CA VAL A 7 4.58 5.51 -3.24
C VAL A 7 3.23 6.20 -3.41
N ILE A 8 2.88 6.50 -4.65
CA ILE A 8 1.62 7.14 -4.95
C ILE A 8 0.74 6.23 -5.81
N ALA A 9 -0.49 6.02 -5.37
CA ALA A 9 -1.41 5.16 -6.08
C ALA A 9 -1.93 5.87 -7.33
N LYS A 10 -2.22 5.10 -8.38
CA LYS A 10 -2.73 5.64 -9.63
C LYS A 10 -4.16 5.19 -9.90
N TRP A 11 -4.60 4.13 -9.20
CA TRP A 11 -5.95 3.59 -9.37
C TRP A 11 -6.52 3.14 -8.03
N ASP A 12 -7.79 3.44 -7.81
CA ASP A 12 -8.46 3.10 -6.57
C ASP A 12 -8.54 1.58 -6.40
N TYR A 13 -8.01 1.10 -5.29
CA TYR A 13 -8.01 -0.34 -5.00
C TYR A 13 -8.58 -0.64 -3.62
N THR A 14 -9.37 -1.69 -3.55
CA THR A 14 -9.98 -2.12 -2.31
C THR A 14 -9.26 -3.34 -1.74
N ALA A 15 -9.05 -3.35 -0.44
CA ALA A 15 -8.37 -4.45 0.23
C ALA A 15 -9.04 -5.79 -0.06
N GLN A 16 -8.26 -6.76 -0.52
CA GLN A 16 -8.81 -8.08 -0.83
C GLN A 16 -9.38 -8.73 0.42
N GLN A 17 -8.72 -8.46 1.54
CA GLN A 17 -9.13 -9.00 2.83
C GLN A 17 -9.22 -7.87 3.87
N ASP A 18 -9.92 -8.12 4.96
CA ASP A 18 -10.07 -7.11 6.00
C ASP A 18 -8.73 -6.72 6.61
N GLN A 19 -7.84 -7.70 6.69
CA GLN A 19 -6.51 -7.48 7.24
C GLN A 19 -5.72 -6.49 6.41
N GLU A 20 -6.06 -6.37 5.13
CA GLU A 20 -5.38 -5.44 4.24
C GLU A 20 -5.92 -4.04 4.44
N LEU A 21 -5.36 -3.12 3.67
CA LEU A 21 -5.75 -1.72 3.75
C LEU A 21 -6.31 -1.22 2.43
N ASP A 22 -7.29 -0.32 2.52
CA ASP A 22 -7.92 0.25 1.33
C ASP A 22 -7.13 1.45 0.83
N ILE A 23 -7.07 1.61 -0.48
CA ILE A 23 -6.35 2.73 -1.09
C ILE A 23 -7.21 3.42 -2.14
N LYS A 24 -6.83 4.63 -2.52
CA LYS A 24 -7.59 5.38 -3.52
C LYS A 24 -6.78 5.53 -4.80
N LYS A 25 -7.42 6.13 -5.79
CA LYS A 25 -6.80 6.32 -7.10
C LYS A 25 -5.57 7.22 -7.04
N ASN A 26 -5.67 8.33 -6.33
CA ASN A 26 -4.56 9.27 -6.23
C ASN A 26 -3.94 9.29 -4.84
N GLU A 27 -4.47 8.48 -3.91
CA GLU A 27 -3.95 8.45 -2.55
C GLU A 27 -2.51 7.94 -2.52
N ARG A 28 -1.74 8.48 -1.61
CA ARG A 28 -0.36 8.11 -1.44
C ARG A 28 -0.19 7.14 -0.29
N LEU A 29 0.35 5.97 -0.59
CA LEU A 29 0.54 4.95 0.41
C LEU A 29 2.02 4.69 0.69
N TRP A 30 2.33 4.35 1.94
CA TRP A 30 3.71 4.08 2.34
C TRP A 30 3.96 2.58 2.47
N LEU A 31 4.73 2.03 1.53
CA LEU A 31 5.03 0.61 1.53
C LEU A 31 6.05 0.25 2.61
N LEU A 32 5.97 -0.98 3.11
CA LEU A 32 6.89 -1.46 4.14
C LEU A 32 7.79 -2.57 3.59
N ASP A 33 7.28 -3.31 2.60
CA ASP A 33 8.04 -4.39 1.99
C ASP A 33 7.46 -4.74 0.63
N ASP A 34 8.26 -4.58 -0.42
CA ASP A 34 7.82 -4.89 -1.78
C ASP A 34 8.45 -6.17 -2.32
N SER A 35 9.28 -6.84 -1.51
CA SER A 35 9.95 -8.07 -1.94
C SER A 35 8.95 -9.18 -2.23
N LYS A 36 7.89 -9.24 -1.42
CA LYS A 36 6.86 -10.26 -1.57
C LYS A 36 5.85 -9.91 -2.65
N THR A 37 5.16 -10.94 -3.15
CA THR A 37 4.12 -10.75 -4.16
C THR A 37 3.05 -9.83 -3.59
N TRP A 38 2.80 -10.00 -2.30
CA TRP A 38 1.84 -9.17 -1.58
C TRP A 38 2.59 -8.05 -0.88
N TRP A 39 2.15 -6.82 -1.07
CA TRP A 39 2.83 -5.68 -0.47
C TRP A 39 2.17 -5.19 0.79
N ARG A 40 3.00 -4.85 1.78
CA ARG A 40 2.53 -4.33 3.05
C ARG A 40 2.61 -2.82 3.03
N VAL A 41 1.54 -2.16 3.45
CA VAL A 41 1.51 -0.72 3.42
C VAL A 41 0.83 -0.11 4.66
N ARG A 42 1.18 1.13 4.97
CA ARG A 42 0.62 1.83 6.12
C ARG A 42 0.00 3.15 5.70
N ASN A 43 -1.15 3.49 6.29
CA ASN A 43 -1.82 4.77 5.96
C ASN A 43 -1.73 5.77 7.10
N ALA A 44 -2.17 6.99 6.82
CA ALA A 44 -2.17 8.07 7.82
C ALA A 44 -3.05 7.72 9.00
N ALA A 45 -4.03 6.85 8.78
CA ALA A 45 -4.94 6.43 9.83
C ALA A 45 -4.28 5.48 10.84
N ASN A 46 -2.96 5.23 10.67
CA ASN A 46 -2.23 4.34 11.57
C ASN A 46 -2.65 2.89 11.39
N ARG A 47 -3.18 2.57 10.21
CA ARG A 47 -3.62 1.22 9.90
C ARG A 47 -2.73 0.62 8.82
N THR A 48 -2.34 -0.63 9.01
CA THR A 48 -1.47 -1.31 8.06
C THR A 48 -2.08 -2.62 7.56
N GLY A 49 -1.64 -3.05 6.40
CA GLY A 49 -2.13 -4.29 5.84
C GLY A 49 -1.39 -4.70 4.57
N TYR A 50 -1.69 -5.88 4.06
CA TYR A 50 -1.04 -6.38 2.86
C TYR A 50 -1.97 -6.25 1.67
N VAL A 51 -1.65 -5.35 0.77
CA VAL A 51 -2.47 -5.14 -0.41
C VAL A 51 -1.68 -5.33 -1.69
N PRO A 52 -1.95 -6.40 -2.47
CA PRO A 52 -1.25 -6.63 -3.74
C PRO A 52 -1.72 -5.69 -4.85
N SER A 53 -2.04 -4.44 -4.48
CA SER A 53 -2.52 -3.45 -5.44
C SER A 53 -1.42 -3.05 -6.39
N ASN A 54 -1.28 -3.80 -7.48
CA ASN A 54 -0.30 -3.47 -8.50
C ASN A 54 -0.56 -2.07 -9.07
N TYR A 55 -1.79 -1.60 -8.86
CA TYR A 55 -2.21 -0.28 -9.32
C TYR A 55 -1.30 0.85 -8.82
N VAL A 56 -0.49 0.58 -7.79
CA VAL A 56 0.40 1.59 -7.23
C VAL A 56 1.86 1.21 -7.48
N GLU A 57 2.68 2.22 -7.76
CA GLU A 57 4.10 2.01 -8.03
C GLU A 57 4.93 3.13 -7.41
N ARG A 58 6.22 2.86 -7.22
CA ARG A 58 7.13 3.85 -6.64
C ARG A 58 7.37 5.00 -7.61
N LYS A 59 7.45 6.21 -7.07
CA LYS A 59 7.69 7.39 -7.89
C LYS A 59 8.81 8.25 -7.28
N MET A 1 18.71 -3.53 8.08
CA MET A 1 17.45 -2.84 8.43
C MET A 1 16.50 -2.75 7.24
N THR A 2 15.22 -2.49 7.51
CA THR A 2 14.22 -2.36 6.45
C THR A 2 13.98 -0.90 6.11
N GLU A 3 14.03 -0.59 4.82
CA GLU A 3 13.81 0.78 4.36
C GLU A 3 12.40 0.92 3.79
N GLU A 4 11.67 1.92 4.28
CA GLU A 4 10.30 2.17 3.82
C GLU A 4 10.30 2.73 2.41
N VAL A 5 9.29 2.34 1.64
CA VAL A 5 9.16 2.79 0.26
C VAL A 5 7.97 3.74 0.14
N ILE A 6 8.20 4.90 -0.46
CA ILE A 6 7.14 5.90 -0.64
C ILE A 6 6.55 5.82 -2.04
N VAL A 7 5.28 5.50 -2.13
CA VAL A 7 4.62 5.40 -3.43
C VAL A 7 3.25 6.08 -3.44
N ILE A 8 2.77 6.35 -4.64
CA ILE A 8 1.48 7.02 -4.82
C ILE A 8 0.55 6.15 -5.66
N ALA A 9 -0.63 5.86 -5.12
CA ALA A 9 -1.60 5.03 -5.83
C ALA A 9 -2.33 5.83 -6.91
N LYS A 10 -2.19 5.36 -8.15
CA LYS A 10 -2.81 6.00 -9.30
C LYS A 10 -4.20 5.43 -9.61
N TRP A 11 -4.59 4.35 -8.92
CA TRP A 11 -5.90 3.72 -9.12
C TRP A 11 -6.47 3.23 -7.79
N ASP A 12 -7.78 3.35 -7.64
CA ASP A 12 -8.45 2.93 -6.42
C ASP A 12 -8.53 1.41 -6.31
N TYR A 13 -7.96 0.86 -5.24
CA TYR A 13 -7.97 -0.59 -5.02
C TYR A 13 -8.50 -0.90 -3.62
N THR A 14 -9.32 -1.94 -3.54
CA THR A 14 -9.89 -2.36 -2.28
C THR A 14 -9.16 -3.57 -1.73
N ALA A 15 -8.99 -3.60 -0.41
CA ALA A 15 -8.31 -4.69 0.27
C ALA A 15 -8.97 -6.03 -0.01
N GLN A 16 -8.16 -7.03 -0.36
CA GLN A 16 -8.68 -8.37 -0.63
C GLN A 16 -9.25 -8.98 0.66
N GLN A 17 -8.66 -8.60 1.78
CA GLN A 17 -9.09 -9.09 3.08
C GLN A 17 -9.22 -7.93 4.06
N ASP A 18 -9.96 -8.15 5.14
CA ASP A 18 -10.17 -7.10 6.15
C ASP A 18 -8.88 -6.66 6.79
N GLN A 19 -7.93 -7.58 6.91
CA GLN A 19 -6.64 -7.28 7.52
C GLN A 19 -5.78 -6.39 6.61
N GLU A 20 -6.16 -6.28 5.33
CA GLU A 20 -5.38 -5.48 4.40
C GLU A 20 -5.80 -4.00 4.46
N LEU A 21 -5.19 -3.16 3.62
CA LEU A 21 -5.49 -1.73 3.65
C LEU A 21 -5.89 -1.19 2.27
N ASP A 22 -7.07 -0.58 2.21
CA ASP A 22 -7.57 -0.01 0.95
C ASP A 22 -6.75 1.21 0.52
N ILE A 23 -6.73 1.45 -0.78
CA ILE A 23 -6.01 2.57 -1.36
C ILE A 23 -6.88 3.29 -2.39
N LYS A 24 -6.53 4.53 -2.73
CA LYS A 24 -7.30 5.29 -3.70
C LYS A 24 -6.47 5.62 -4.94
N LYS A 25 -7.15 6.03 -5.99
CA LYS A 25 -6.51 6.37 -7.25
C LYS A 25 -5.59 7.57 -7.13
N ASN A 26 -5.69 8.32 -6.04
CA ASN A 26 -4.83 9.48 -5.87
C ASN A 26 -4.34 9.61 -4.42
N GLU A 27 -4.32 8.48 -3.71
CA GLU A 27 -3.87 8.47 -2.32
C GLU A 27 -2.45 7.94 -2.20
N ARG A 28 -1.65 8.63 -1.41
CA ARG A 28 -0.26 8.25 -1.19
C ARG A 28 -0.14 7.28 -0.04
N LEU A 29 0.39 6.11 -0.33
CA LEU A 29 0.51 5.06 0.66
C LEU A 29 2.00 4.82 1.02
N TRP A 30 2.26 4.47 2.28
CA TRP A 30 3.63 4.20 2.75
C TRP A 30 3.90 2.69 2.81
N LEU A 31 4.66 2.18 1.84
CA LEU A 31 4.99 0.76 1.80
C LEU A 31 6.06 0.40 2.82
N LEU A 32 5.98 -0.83 3.32
CA LEU A 32 6.93 -1.33 4.31
C LEU A 32 7.79 -2.44 3.72
N ASP A 33 7.20 -3.21 2.80
CA ASP A 33 7.91 -4.31 2.15
C ASP A 33 7.27 -4.63 0.81
N ASP A 34 8.01 -4.41 -0.28
CA ASP A 34 7.50 -4.66 -1.63
C ASP A 34 8.17 -5.87 -2.29
N SER A 35 9.07 -6.54 -1.58
CA SER A 35 9.76 -7.70 -2.13
C SER A 35 8.80 -8.85 -2.42
N LYS A 36 7.81 -9.00 -1.55
CA LYS A 36 6.82 -10.07 -1.68
C LYS A 36 5.72 -9.73 -2.66
N THR A 37 5.07 -10.76 -3.17
CA THR A 37 3.96 -10.61 -4.10
C THR A 37 2.89 -9.73 -3.46
N TRP A 38 2.69 -9.94 -2.16
CA TRP A 38 1.76 -9.14 -1.38
C TRP A 38 2.53 -7.98 -0.74
N TRP A 39 1.99 -6.77 -0.83
CA TRP A 39 2.68 -5.60 -0.29
C TRP A 39 2.06 -5.10 1.00
N ARG A 40 2.91 -4.86 1.99
CA ARG A 40 2.49 -4.33 3.28
C ARG A 40 2.57 -2.83 3.22
N VAL A 41 1.53 -2.15 3.66
CA VAL A 41 1.51 -0.71 3.60
C VAL A 41 0.82 -0.08 4.82
N ARG A 42 1.11 1.20 5.05
CA ARG A 42 0.55 1.92 6.17
C ARG A 42 -0.26 3.12 5.68
N ASN A 43 -1.26 3.53 6.47
CA ASN A 43 -2.09 4.68 6.10
C ASN A 43 -2.01 5.77 7.16
N ALA A 44 -2.37 7.00 6.77
CA ALA A 44 -2.35 8.13 7.70
C ALA A 44 -3.26 7.86 8.89
N ALA A 45 -4.22 6.93 8.72
CA ALA A 45 -5.15 6.56 9.77
C ALA A 45 -4.53 5.57 10.77
N ASN A 46 -3.23 5.29 10.61
CA ASN A 46 -2.53 4.35 11.48
C ASN A 46 -2.99 2.92 11.24
N ARG A 47 -3.55 2.67 10.05
CA ARG A 47 -4.01 1.34 9.68
C ARG A 47 -3.09 0.75 8.61
N THR A 48 -2.60 -0.45 8.86
CA THR A 48 -1.71 -1.10 7.90
C THR A 48 -2.26 -2.47 7.48
N GLY A 49 -1.93 -2.88 6.26
CA GLY A 49 -2.39 -4.16 5.76
C GLY A 49 -1.62 -4.63 4.53
N TYR A 50 -1.91 -5.85 4.07
CA TYR A 50 -1.21 -6.39 2.89
C TYR A 50 -2.09 -6.37 1.65
N VAL A 51 -1.75 -5.52 0.69
CA VAL A 51 -2.50 -5.44 -0.55
C VAL A 51 -1.56 -5.45 -1.76
N PRO A 52 -1.63 -6.49 -2.62
CA PRO A 52 -0.77 -6.56 -3.82
C PRO A 52 -1.26 -5.61 -4.92
N SER A 53 -1.63 -4.39 -4.54
CA SER A 53 -2.11 -3.41 -5.49
C SER A 53 -1.02 -3.06 -6.47
N ASN A 54 -1.07 -3.70 -7.62
CA ASN A 54 -0.09 -3.43 -8.66
C ASN A 54 -0.35 -2.07 -9.31
N TYR A 55 -1.53 -1.52 -9.07
CA TYR A 55 -1.95 -0.25 -9.60
C TYR A 55 -1.17 0.92 -8.98
N VAL A 56 -0.42 0.67 -7.91
CA VAL A 56 0.36 1.73 -7.27
C VAL A 56 1.86 1.49 -7.44
N GLU A 57 2.58 2.56 -7.71
CA GLU A 57 4.02 2.49 -7.90
C GLU A 57 4.70 3.74 -7.34
N ARG A 58 5.99 3.64 -7.07
CA ARG A 58 6.74 4.75 -6.53
C ARG A 58 6.90 5.87 -7.56
N LYS A 59 6.73 7.11 -7.12
CA LYS A 59 6.86 8.26 -7.99
C LYS A 59 7.80 9.30 -7.37
N MET A 1 18.63 -2.41 8.77
CA MET A 1 17.30 -2.13 9.38
C MET A 1 16.19 -2.17 8.34
N THR A 2 14.97 -1.87 8.76
CA THR A 2 13.83 -1.86 7.86
C THR A 2 13.75 -0.54 7.09
N GLU A 3 13.65 -0.64 5.77
CA GLU A 3 13.56 0.54 4.91
C GLU A 3 12.12 0.82 4.50
N GLU A 4 11.74 2.10 4.52
CA GLU A 4 10.38 2.49 4.16
C GLU A 4 10.33 3.00 2.73
N VAL A 5 9.27 2.61 2.02
CA VAL A 5 9.07 3.02 0.64
C VAL A 5 7.80 3.85 0.49
N ILE A 6 7.93 5.02 -0.14
CA ILE A 6 6.78 5.90 -0.34
C ILE A 6 6.30 5.84 -1.79
N VAL A 7 5.04 5.46 -1.96
CA VAL A 7 4.46 5.36 -3.30
C VAL A 7 3.10 6.04 -3.38
N ILE A 8 2.68 6.34 -4.60
CA ILE A 8 1.40 6.99 -4.83
C ILE A 8 0.51 6.14 -5.73
N ALA A 9 -0.72 5.90 -5.26
CA ALA A 9 -1.66 5.09 -6.02
C ALA A 9 -2.28 5.91 -7.15
N LYS A 10 -2.21 5.37 -8.36
CA LYS A 10 -2.77 6.04 -9.53
C LYS A 10 -4.21 5.58 -9.81
N TRP A 11 -4.62 4.48 -9.17
CA TRP A 11 -5.97 3.94 -9.36
C TRP A 11 -6.56 3.44 -8.05
N ASP A 12 -7.89 3.43 -7.98
CA ASP A 12 -8.58 2.99 -6.78
C ASP A 12 -8.57 1.47 -6.67
N TYR A 13 -8.05 0.97 -5.57
CA TYR A 13 -7.97 -0.47 -5.35
C TYR A 13 -8.58 -0.86 -4.01
N THR A 14 -9.30 -1.98 -4.01
CA THR A 14 -9.93 -2.47 -2.80
C THR A 14 -9.16 -3.65 -2.22
N ALA A 15 -9.01 -3.66 -0.91
CA ALA A 15 -8.29 -4.72 -0.22
C ALA A 15 -8.92 -6.09 -0.48
N GLN A 16 -8.06 -7.08 -0.71
CA GLN A 16 -8.53 -8.45 -0.94
C GLN A 16 -8.73 -9.20 0.38
N GLN A 17 -8.44 -8.54 1.50
CA GLN A 17 -8.61 -9.15 2.82
C GLN A 17 -9.00 -8.08 3.83
N ASP A 18 -9.43 -8.50 5.02
CA ASP A 18 -9.84 -7.56 6.05
C ASP A 18 -8.64 -6.87 6.69
N GLN A 19 -7.52 -7.58 6.70
CA GLN A 19 -6.29 -7.06 7.29
C GLN A 19 -5.61 -6.04 6.38
N GLU A 20 -6.01 -5.98 5.11
CA GLU A 20 -5.40 -5.05 4.18
C GLU A 20 -6.08 -3.69 4.24
N LEU A 21 -5.58 -2.75 3.46
CA LEU A 21 -6.10 -1.39 3.45
C LEU A 21 -6.53 -0.96 2.04
N ASP A 22 -7.64 -0.23 1.97
CA ASP A 22 -8.14 0.25 0.69
C ASP A 22 -7.38 1.51 0.25
N ILE A 23 -7.23 1.68 -1.06
CA ILE A 23 -6.54 2.84 -1.61
C ILE A 23 -7.40 3.49 -2.68
N LYS A 24 -7.06 4.72 -3.06
CA LYS A 24 -7.81 5.46 -4.07
C LYS A 24 -6.98 5.75 -5.31
N LYS A 25 -7.63 6.35 -6.31
CA LYS A 25 -6.97 6.71 -7.56
C LYS A 25 -5.84 7.69 -7.36
N ASN A 26 -5.96 8.53 -6.34
CA ASN A 26 -4.95 9.51 -6.04
C ASN A 26 -4.61 9.53 -4.56
N GLU A 27 -4.29 8.36 -4.02
CA GLU A 27 -3.94 8.23 -2.61
C GLU A 27 -2.50 7.77 -2.44
N ARG A 28 -1.81 8.38 -1.49
CA ARG A 28 -0.43 8.04 -1.21
C ARG A 28 -0.32 7.05 -0.05
N LEU A 29 0.32 5.91 -0.31
CA LEU A 29 0.49 4.89 0.70
C LEU A 29 1.96 4.65 1.01
N TRP A 30 2.25 4.31 2.27
CA TRP A 30 3.63 4.04 2.70
C TRP A 30 3.92 2.56 2.75
N LEU A 31 4.69 2.06 1.78
CA LEU A 31 5.03 0.64 1.71
C LEU A 31 6.10 0.27 2.74
N LEU A 32 6.00 -0.96 3.26
CA LEU A 32 6.94 -1.47 4.24
C LEU A 32 7.80 -2.58 3.65
N ASP A 33 7.23 -3.33 2.71
CA ASP A 33 7.94 -4.42 2.05
C ASP A 33 7.25 -4.79 0.74
N ASP A 34 7.99 -4.67 -0.35
CA ASP A 34 7.45 -4.98 -1.68
C ASP A 34 8.07 -6.24 -2.28
N SER A 35 8.97 -6.89 -1.55
CA SER A 35 9.62 -8.10 -2.03
C SER A 35 8.62 -9.23 -2.26
N LYS A 36 7.65 -9.33 -1.37
CA LYS A 36 6.63 -10.38 -1.47
C LYS A 36 5.53 -10.01 -2.44
N THR A 37 4.81 -11.01 -2.94
CA THR A 37 3.71 -10.78 -3.85
C THR A 37 2.70 -9.85 -3.19
N TRP A 38 2.56 -10.01 -1.87
CA TRP A 38 1.68 -9.18 -1.07
C TRP A 38 2.51 -8.06 -0.45
N TRP A 39 2.07 -6.81 -0.60
CA TRP A 39 2.81 -5.68 -0.08
C TRP A 39 2.22 -5.10 1.18
N ARG A 40 3.06 -4.87 2.18
CA ARG A 40 2.63 -4.27 3.43
C ARG A 40 2.70 -2.75 3.30
N VAL A 41 1.65 -2.07 3.74
CA VAL A 41 1.61 -0.63 3.64
C VAL A 41 1.02 0.01 4.89
N ARG A 42 1.27 1.30 5.08
CA ARG A 42 0.76 2.02 6.24
C ARG A 42 -0.01 3.25 5.81
N ASN A 43 -1.10 3.53 6.52
CA ASN A 43 -1.95 4.69 6.21
C ASN A 43 -1.87 5.74 7.31
N ALA A 44 -2.36 6.95 7.00
CA ALA A 44 -2.34 8.06 7.95
C ALA A 44 -3.11 7.71 9.22
N ALA A 45 -4.09 6.82 9.10
CA ALA A 45 -4.89 6.39 10.24
C ALA A 45 -4.09 5.46 11.17
N ASN A 46 -2.80 5.28 10.89
CA ASN A 46 -1.95 4.42 11.69
C ASN A 46 -2.33 2.95 11.54
N ARG A 47 -2.94 2.63 10.41
CA ARG A 47 -3.35 1.27 10.11
C ARG A 47 -2.50 0.69 8.99
N THR A 48 -1.99 -0.52 9.20
CA THR A 48 -1.16 -1.17 8.20
C THR A 48 -1.78 -2.49 7.75
N GLY A 49 -1.40 -2.94 6.54
CA GLY A 49 -1.93 -4.18 6.01
C GLY A 49 -1.23 -4.60 4.73
N TYR A 50 -1.61 -5.75 4.18
CA TYR A 50 -0.99 -6.24 2.94
C TYR A 50 -1.94 -6.15 1.75
N VAL A 51 -1.58 -5.31 0.78
CA VAL A 51 -2.39 -5.16 -0.42
C VAL A 51 -1.55 -5.32 -1.69
N PRO A 52 -1.76 -6.41 -2.46
CA PRO A 52 -1.02 -6.63 -3.72
C PRO A 52 -1.49 -5.70 -4.83
N SER A 53 -1.90 -4.50 -4.46
CA SER A 53 -2.38 -3.51 -5.40
C SER A 53 -1.23 -3.03 -6.27
N ASN A 54 -0.95 -3.76 -7.34
CA ASN A 54 0.12 -3.36 -8.26
C ASN A 54 -0.23 -2.04 -8.95
N TYR A 55 -1.48 -1.60 -8.81
CA TYR A 55 -1.95 -0.36 -9.41
C TYR A 55 -1.22 0.87 -8.85
N VAL A 56 -0.42 0.68 -7.78
CA VAL A 56 0.32 1.80 -7.20
C VAL A 56 1.83 1.53 -7.28
N GLU A 57 2.57 2.59 -7.60
CA GLU A 57 4.02 2.51 -7.73
C GLU A 57 4.69 3.77 -7.19
N ARG A 58 5.98 3.69 -6.90
CA ARG A 58 6.71 4.83 -6.37
C ARG A 58 6.91 5.90 -7.44
N LYS A 59 6.80 7.15 -7.05
CA LYS A 59 6.97 8.27 -7.97
C LYS A 59 8.39 8.82 -7.87
N MET A 1 12.76 -4.87 6.57
CA MET A 1 13.47 -3.62 6.17
C MET A 1 13.21 -2.48 7.16
N THR A 2 14.27 -1.79 7.55
CA THR A 2 14.14 -0.68 8.48
C THR A 2 13.90 0.64 7.76
N GLU A 3 13.90 0.61 6.43
CA GLU A 3 13.67 1.81 5.63
C GLU A 3 12.23 1.87 5.15
N GLU A 4 11.64 3.06 5.22
CA GLU A 4 10.25 3.26 4.79
C GLU A 4 10.18 3.57 3.31
N VAL A 5 9.17 3.01 2.65
CA VAL A 5 8.96 3.22 1.24
C VAL A 5 7.74 4.10 0.99
N ILE A 6 7.91 5.12 0.15
CA ILE A 6 6.82 6.04 -0.16
C ILE A 6 6.42 5.96 -1.63
N VAL A 7 5.17 5.58 -1.88
CA VAL A 7 4.67 5.47 -3.25
C VAL A 7 3.32 6.15 -3.40
N ILE A 8 2.97 6.48 -4.64
CA ILE A 8 1.69 7.12 -4.91
C ILE A 8 0.82 6.23 -5.78
N ALA A 9 -0.40 5.99 -5.32
CA ALA A 9 -1.34 5.16 -6.05
C ALA A 9 -1.89 5.91 -7.26
N LYS A 10 -2.23 5.16 -8.30
CA LYS A 10 -2.77 5.74 -9.52
C LYS A 10 -4.23 5.33 -9.72
N TRP A 11 -4.63 4.25 -9.08
CA TRP A 11 -6.00 3.75 -9.18
C TRP A 11 -6.49 3.25 -7.82
N ASP A 12 -7.81 3.34 -7.61
CA ASP A 12 -8.41 2.92 -6.34
C ASP A 12 -8.43 1.39 -6.23
N TYR A 13 -7.85 0.89 -5.15
CA TYR A 13 -7.81 -0.54 -4.91
C TYR A 13 -8.34 -0.86 -3.52
N THR A 14 -9.20 -1.87 -3.44
CA THR A 14 -9.78 -2.27 -2.16
C THR A 14 -9.10 -3.51 -1.61
N ALA A 15 -8.87 -3.51 -0.30
CA ALA A 15 -8.22 -4.63 0.36
C ALA A 15 -8.94 -5.94 0.10
N GLN A 16 -8.18 -6.96 -0.30
CA GLN A 16 -8.77 -8.27 -0.57
C GLN A 16 -9.31 -8.87 0.72
N GLN A 17 -8.65 -8.55 1.83
CA GLN A 17 -9.05 -9.04 3.14
C GLN A 17 -9.12 -7.88 4.13
N ASP A 18 -9.78 -8.11 5.26
CA ASP A 18 -9.92 -7.07 6.28
C ASP A 18 -8.57 -6.69 6.86
N GLN A 19 -7.70 -7.67 6.98
CA GLN A 19 -6.36 -7.45 7.53
C GLN A 19 -5.54 -6.54 6.64
N GLU A 20 -5.94 -6.41 5.37
CA GLU A 20 -5.22 -5.55 4.43
C GLU A 20 -5.63 -4.10 4.58
N LEU A 21 -5.06 -3.22 3.75
CA LEU A 21 -5.35 -1.80 3.81
C LEU A 21 -5.92 -1.27 2.50
N ASP A 22 -6.98 -0.47 2.60
CA ASP A 22 -7.61 0.11 1.42
C ASP A 22 -6.81 1.32 0.91
N ILE A 23 -6.80 1.50 -0.40
CA ILE A 23 -6.11 2.62 -1.02
C ILE A 23 -7.00 3.30 -2.05
N LYS A 24 -6.65 4.51 -2.46
CA LYS A 24 -7.45 5.24 -3.43
C LYS A 24 -6.69 5.45 -4.74
N LYS A 25 -7.33 6.18 -5.66
CA LYS A 25 -6.74 6.46 -6.95
C LYS A 25 -5.49 7.29 -6.85
N ASN A 26 -5.60 8.46 -6.23
CA ASN A 26 -4.48 9.36 -6.08
C ASN A 26 -3.84 9.30 -4.69
N GLU A 27 -4.50 8.64 -3.75
CA GLU A 27 -3.97 8.55 -2.38
C GLU A 27 -2.52 8.02 -2.37
N ARG A 28 -1.71 8.56 -1.46
CA ARG A 28 -0.32 8.17 -1.35
C ARG A 28 -0.13 7.13 -0.25
N LEU A 29 0.45 6.00 -0.60
CA LEU A 29 0.67 4.92 0.36
C LEU A 29 2.15 4.69 0.63
N TRP A 30 2.48 4.37 1.88
CA TRP A 30 3.86 4.11 2.28
C TRP A 30 4.11 2.62 2.40
N LEU A 31 4.83 2.07 1.42
CA LEU A 31 5.13 0.64 1.40
C LEU A 31 6.10 0.25 2.51
N LEU A 32 5.96 -0.99 2.98
CA LEU A 32 6.79 -1.51 4.05
C LEU A 32 7.60 -2.72 3.61
N ASP A 33 7.05 -3.51 2.69
CA ASP A 33 7.73 -4.71 2.21
C ASP A 33 8.13 -4.59 0.74
N ASP A 34 7.19 -4.88 -0.15
CA ASP A 34 7.42 -4.83 -1.59
C ASP A 34 8.32 -5.97 -2.06
N SER A 35 8.69 -6.88 -1.16
CA SER A 35 9.54 -8.01 -1.52
C SER A 35 8.72 -9.13 -2.13
N LYS A 36 7.51 -9.32 -1.62
CA LYS A 36 6.63 -10.38 -2.11
C LYS A 36 5.52 -9.84 -3.00
N THR A 37 4.81 -10.75 -3.66
CA THR A 37 3.71 -10.38 -4.53
C THR A 37 2.70 -9.56 -3.73
N TRP A 38 2.62 -9.84 -2.44
CA TRP A 38 1.72 -9.12 -1.54
C TRP A 38 2.51 -8.04 -0.82
N TRP A 39 2.02 -6.81 -0.89
CA TRP A 39 2.73 -5.68 -0.29
C TRP A 39 2.07 -5.17 0.98
N ARG A 40 2.89 -4.94 2.01
CA ARG A 40 2.41 -4.40 3.27
C ARG A 40 2.55 -2.89 3.23
N VAL A 41 1.47 -2.18 3.52
CA VAL A 41 1.50 -0.73 3.46
C VAL A 41 0.84 -0.08 4.67
N ARG A 42 1.15 1.19 4.90
CA ARG A 42 0.59 1.93 6.02
C ARG A 42 -0.13 3.18 5.53
N ASN A 43 -1.27 3.48 6.14
CA ASN A 43 -2.05 4.67 5.76
C ASN A 43 -2.01 5.74 6.86
N ALA A 44 -2.34 6.96 6.48
CA ALA A 44 -2.34 8.09 7.42
C ALA A 44 -3.28 7.83 8.60
N ALA A 45 -4.23 6.92 8.41
CA ALA A 45 -5.18 6.57 9.46
C ALA A 45 -4.58 5.60 10.48
N ASN A 46 -3.28 5.30 10.34
CA ASN A 46 -2.60 4.38 11.24
C ASN A 46 -3.03 2.95 10.99
N ARG A 47 -3.54 2.68 9.79
CA ARG A 47 -3.98 1.34 9.41
C ARG A 47 -2.99 0.72 8.44
N THR A 48 -2.61 -0.52 8.69
CA THR A 48 -1.66 -1.20 7.81
C THR A 48 -2.21 -2.56 7.37
N GLY A 49 -1.80 -3.01 6.18
CA GLY A 49 -2.25 -4.29 5.68
C GLY A 49 -1.51 -4.74 4.42
N TYR A 50 -1.78 -5.97 3.99
CA TYR A 50 -1.12 -6.52 2.79
C TYR A 50 -2.05 -6.46 1.58
N VAL A 51 -1.68 -5.65 0.59
CA VAL A 51 -2.48 -5.52 -0.61
C VAL A 51 -1.61 -5.54 -1.87
N PRO A 52 -1.74 -6.56 -2.73
CA PRO A 52 -0.96 -6.66 -3.97
C PRO A 52 -1.49 -5.69 -5.03
N SER A 53 -1.80 -4.46 -4.61
CA SER A 53 -2.31 -3.44 -5.51
C SER A 53 -1.24 -2.97 -6.47
N ASN A 54 -1.14 -3.62 -7.61
CA ASN A 54 -0.16 -3.23 -8.62
C ASN A 54 -0.51 -1.86 -9.19
N TYR A 55 -1.73 -1.39 -8.89
CA TYR A 55 -2.20 -0.09 -9.35
C TYR A 55 -1.35 1.07 -8.80
N VAL A 56 -0.51 0.79 -7.81
CA VAL A 56 0.34 1.82 -7.23
C VAL A 56 1.82 1.52 -7.49
N GLU A 57 2.58 2.57 -7.77
CA GLU A 57 4.00 2.41 -8.05
C GLU A 57 4.82 3.50 -7.36
N ARG A 58 6.14 3.29 -7.29
CA ARG A 58 7.03 4.26 -6.67
C ARG A 58 7.16 5.51 -7.53
N LYS A 59 7.27 6.66 -6.88
CA LYS A 59 7.39 7.93 -7.59
C LYS A 59 6.19 8.16 -8.51
N MET A 1 15.60 -2.82 11.97
CA MET A 1 14.57 -1.84 11.50
C MET A 1 14.44 -1.86 9.98
N THR A 2 13.21 -2.05 9.51
CA THR A 2 12.95 -2.09 8.07
C THR A 2 12.89 -0.68 7.48
N GLU A 3 13.20 -0.57 6.20
CA GLU A 3 13.18 0.71 5.51
C GLU A 3 11.76 1.10 5.12
N GLU A 4 11.50 2.41 5.10
CA GLU A 4 10.18 2.92 4.74
C GLU A 4 10.10 3.27 3.26
N VAL A 5 9.00 2.89 2.63
CA VAL A 5 8.78 3.15 1.22
C VAL A 5 7.57 4.06 1.03
N ILE A 6 7.75 5.11 0.22
CA ILE A 6 6.67 6.05 -0.05
C ILE A 6 6.24 5.99 -1.52
N VAL A 7 5.01 5.59 -1.77
CA VAL A 7 4.49 5.49 -3.13
C VAL A 7 3.11 6.14 -3.26
N ILE A 8 2.73 6.47 -4.49
CA ILE A 8 1.45 7.10 -4.76
C ILE A 8 0.57 6.24 -5.66
N ALA A 9 -0.62 5.91 -5.17
CA ALA A 9 -1.56 5.07 -5.92
C ALA A 9 -2.23 5.86 -7.04
N LYS A 10 -2.10 5.36 -8.26
CA LYS A 10 -2.68 5.99 -9.45
C LYS A 10 -4.07 5.41 -9.78
N TRP A 11 -4.44 4.32 -9.13
CA TRP A 11 -5.74 3.69 -9.37
C TRP A 11 -6.36 3.18 -8.06
N ASP A 12 -7.68 3.27 -7.96
CA ASP A 12 -8.39 2.85 -6.77
C ASP A 12 -8.42 1.33 -6.66
N TYR A 13 -7.90 0.82 -5.55
CA TYR A 13 -7.86 -0.62 -5.31
C TYR A 13 -8.47 -0.97 -3.95
N THR A 14 -9.22 -2.06 -3.93
CA THR A 14 -9.86 -2.51 -2.70
C THR A 14 -9.11 -3.69 -2.10
N ALA A 15 -8.96 -3.70 -0.78
CA ALA A 15 -8.25 -4.76 -0.08
C ALA A 15 -8.94 -6.11 -0.27
N GLN A 16 -8.15 -7.15 -0.47
CA GLN A 16 -8.68 -8.50 -0.65
C GLN A 16 -8.87 -9.21 0.69
N GLN A 17 -8.51 -8.54 1.78
CA GLN A 17 -8.67 -9.10 3.12
C GLN A 17 -9.00 -8.00 4.12
N ASP A 18 -9.38 -8.38 5.33
CA ASP A 18 -9.72 -7.41 6.36
C ASP A 18 -8.48 -6.75 6.94
N GLN A 19 -7.40 -7.52 6.99
CA GLN A 19 -6.13 -7.03 7.52
C GLN A 19 -5.47 -6.03 6.58
N GLU A 20 -5.91 -6.00 5.32
CA GLU A 20 -5.33 -5.09 4.34
C GLU A 20 -6.01 -3.72 4.39
N LEU A 21 -5.54 -2.79 3.56
CA LEU A 21 -6.08 -1.44 3.56
C LEU A 21 -6.45 -0.98 2.16
N ASP A 22 -7.58 -0.30 2.04
CA ASP A 22 -8.03 0.20 0.75
C ASP A 22 -7.21 1.40 0.31
N ILE A 23 -7.05 1.55 -0.99
CA ILE A 23 -6.29 2.67 -1.54
C ILE A 23 -7.11 3.36 -2.63
N LYS A 24 -6.71 4.57 -2.99
CA LYS A 24 -7.43 5.32 -4.02
C LYS A 24 -6.51 5.62 -5.20
N LYS A 25 -7.14 5.99 -6.32
CA LYS A 25 -6.40 6.31 -7.53
C LYS A 25 -5.51 7.52 -7.38
N ASN A 26 -5.64 8.25 -6.29
CA ASN A 26 -4.81 9.42 -6.09
C ASN A 26 -4.39 9.53 -4.62
N GLU A 27 -4.34 8.40 -3.93
CA GLU A 27 -3.95 8.38 -2.53
C GLU A 27 -2.51 7.91 -2.38
N ARG A 28 -1.81 8.51 -1.42
CA ARG A 28 -0.42 8.18 -1.17
C ARG A 28 -0.30 7.15 -0.05
N LEU A 29 0.28 6.00 -0.37
CA LEU A 29 0.45 4.93 0.60
C LEU A 29 1.92 4.66 0.86
N TRP A 30 2.25 4.31 2.10
CA TRP A 30 3.63 4.02 2.49
C TRP A 30 3.88 2.52 2.57
N LEU A 31 4.63 2.00 1.60
CA LEU A 31 4.94 0.57 1.55
C LEU A 31 6.04 0.20 2.54
N LEU A 32 5.98 -1.03 3.05
CA LEU A 32 6.97 -1.51 4.00
C LEU A 32 7.80 -2.66 3.40
N ASP A 33 7.18 -3.41 2.49
CA ASP A 33 7.86 -4.53 1.84
C ASP A 33 7.19 -4.86 0.52
N ASP A 34 7.93 -4.67 -0.57
CA ASP A 34 7.40 -4.93 -1.92
C ASP A 34 8.00 -6.21 -2.52
N SER A 35 8.84 -6.91 -1.76
CA SER A 35 9.47 -8.13 -2.26
C SER A 35 8.46 -9.25 -2.45
N LYS A 36 7.48 -9.33 -1.55
CA LYS A 36 6.46 -10.37 -1.61
C LYS A 36 5.36 -10.03 -2.59
N THR A 37 4.61 -11.06 -2.97
CA THR A 37 3.48 -10.91 -3.86
C THR A 37 2.50 -9.92 -3.25
N TRP A 38 2.34 -10.03 -1.94
CA TRP A 38 1.48 -9.14 -1.17
C TRP A 38 2.34 -8.04 -0.55
N TRP A 39 1.93 -6.79 -0.72
CA TRP A 39 2.71 -5.67 -0.21
C TRP A 39 2.12 -5.08 1.06
N ARG A 40 2.99 -4.85 2.05
CA ARG A 40 2.56 -4.24 3.30
C ARG A 40 2.63 -2.74 3.17
N VAL A 41 1.57 -2.06 3.59
CA VAL A 41 1.51 -0.61 3.48
C VAL A 41 0.89 0.02 4.72
N ARG A 42 1.22 1.29 4.95
CA ARG A 42 0.70 2.01 6.10
C ARG A 42 -0.12 3.23 5.66
N ASN A 43 -1.19 3.50 6.40
CA ASN A 43 -2.07 4.63 6.08
C ASN A 43 -2.00 5.71 7.15
N ALA A 44 -2.47 6.91 6.81
CA ALA A 44 -2.47 8.04 7.75
C ALA A 44 -3.26 7.70 9.02
N ALA A 45 -4.15 6.72 8.92
CA ALA A 45 -4.96 6.30 10.06
C ALA A 45 -4.16 5.44 11.05
N ASN A 46 -2.85 5.28 10.82
CA ASN A 46 -1.99 4.49 11.69
C ASN A 46 -2.33 3.01 11.60
N ARG A 47 -2.87 2.61 10.44
CA ARG A 47 -3.21 1.22 10.21
C ARG A 47 -2.34 0.67 9.07
N THR A 48 -1.96 -0.60 9.18
CA THR A 48 -1.13 -1.22 8.15
C THR A 48 -1.74 -2.55 7.69
N GLY A 49 -1.42 -2.96 6.46
CA GLY A 49 -1.96 -4.20 5.92
C GLY A 49 -1.29 -4.61 4.63
N TYR A 50 -1.65 -5.79 4.09
CA TYR A 50 -1.05 -6.29 2.86
C TYR A 50 -2.01 -6.23 1.67
N VAL A 51 -1.68 -5.39 0.68
CA VAL A 51 -2.52 -5.27 -0.51
C VAL A 51 -1.69 -5.31 -1.80
N PRO A 52 -1.81 -6.38 -2.62
CA PRO A 52 -1.07 -6.49 -3.88
C PRO A 52 -1.57 -5.50 -4.94
N SER A 53 -1.87 -4.27 -4.53
CA SER A 53 -2.36 -3.26 -5.44
C SER A 53 -1.28 -2.83 -6.40
N ASN A 54 -0.96 -3.68 -7.38
CA ASN A 54 0.05 -3.33 -8.38
C ASN A 54 -0.26 -1.99 -9.05
N TYR A 55 -1.51 -1.54 -8.92
CA TYR A 55 -1.95 -0.28 -9.49
C TYR A 55 -1.19 0.93 -8.91
N VAL A 56 -0.38 0.73 -7.89
CA VAL A 56 0.37 1.84 -7.30
C VAL A 56 1.87 1.70 -7.58
N GLU A 57 2.50 2.82 -7.89
CA GLU A 57 3.92 2.84 -8.18
C GLU A 57 4.59 4.02 -7.47
N ARG A 58 5.86 3.87 -7.13
CA ARG A 58 6.60 4.92 -6.45
C ARG A 58 6.90 6.08 -7.39
N LYS A 59 6.94 7.29 -6.83
CA LYS A 59 7.21 8.49 -7.60
C LYS A 59 8.42 9.23 -7.04
N MET A 1 16.61 -2.36 11.44
CA MET A 1 15.54 -1.32 11.31
C MET A 1 14.76 -1.50 10.02
N THR A 2 13.47 -1.17 10.07
CA THR A 2 12.61 -1.30 8.90
C THR A 2 12.78 -0.11 7.95
N GLU A 3 12.63 -0.36 6.66
CA GLU A 3 12.76 0.68 5.65
C GLU A 3 11.40 1.20 5.20
N GLU A 4 11.25 2.52 5.19
CA GLU A 4 9.99 3.15 4.78
C GLU A 4 10.01 3.49 3.30
N VAL A 5 8.93 3.13 2.60
CA VAL A 5 8.81 3.39 1.18
C VAL A 5 7.60 4.30 0.90
N ILE A 6 7.83 5.37 0.15
CA ILE A 6 6.76 6.31 -0.19
C ILE A 6 6.30 6.15 -1.64
N VAL A 7 5.05 5.72 -1.83
CA VAL A 7 4.50 5.55 -3.16
C VAL A 7 3.10 6.18 -3.26
N ILE A 8 2.67 6.46 -4.49
CA ILE A 8 1.36 7.07 -4.70
C ILE A 8 0.50 6.20 -5.62
N ALA A 9 -0.68 5.84 -5.12
CA ALA A 9 -1.60 5.01 -5.87
C ALA A 9 -2.29 5.82 -6.98
N LYS A 10 -2.18 5.32 -8.22
CA LYS A 10 -2.78 5.99 -9.37
C LYS A 10 -4.18 5.44 -9.68
N TRP A 11 -4.56 4.35 -9.01
CA TRP A 11 -5.88 3.74 -9.20
C TRP A 11 -6.42 3.20 -7.87
N ASP A 12 -7.74 3.25 -7.72
CA ASP A 12 -8.38 2.79 -6.49
C ASP A 12 -8.39 1.28 -6.39
N TYR A 13 -7.83 0.75 -5.30
CA TYR A 13 -7.78 -0.69 -5.07
C TYR A 13 -8.32 -1.02 -3.69
N THR A 14 -9.16 -2.06 -3.63
CA THR A 14 -9.75 -2.48 -2.36
C THR A 14 -9.03 -3.69 -1.78
N ALA A 15 -8.85 -3.66 -0.48
CA ALA A 15 -8.19 -4.74 0.25
C ALA A 15 -8.87 -6.08 0.01
N GLN A 16 -8.09 -7.11 -0.34
CA GLN A 16 -8.66 -8.44 -0.58
C GLN A 16 -9.22 -9.00 0.72
N GLN A 17 -8.65 -8.57 1.84
CA GLN A 17 -9.08 -9.01 3.16
C GLN A 17 -9.18 -7.82 4.11
N ASP A 18 -9.89 -7.98 5.22
CA ASP A 18 -10.05 -6.89 6.18
C ASP A 18 -8.72 -6.51 6.81
N GLN A 19 -7.83 -7.49 6.91
CA GLN A 19 -6.51 -7.26 7.50
C GLN A 19 -5.64 -6.39 6.61
N GLU A 20 -6.00 -6.30 5.33
CA GLU A 20 -5.24 -5.48 4.39
C GLU A 20 -5.66 -4.02 4.48
N LEU A 21 -5.09 -3.18 3.64
CA LEU A 21 -5.39 -1.76 3.65
C LEU A 21 -5.88 -1.27 2.28
N ASP A 22 -6.96 -0.50 2.30
CA ASP A 22 -7.55 0.05 1.09
C ASP A 22 -6.75 1.25 0.58
N ILE A 23 -6.72 1.43 -0.72
CA ILE A 23 -6.00 2.56 -1.33
C ILE A 23 -6.88 3.26 -2.35
N LYS A 24 -6.50 4.48 -2.72
CA LYS A 24 -7.27 5.24 -3.69
C LYS A 24 -6.45 5.55 -4.94
N LYS A 25 -7.15 5.94 -6.00
CA LYS A 25 -6.51 6.26 -7.27
C LYS A 25 -5.60 7.48 -7.20
N ASN A 26 -5.68 8.22 -6.11
CA ASN A 26 -4.86 9.40 -5.95
C ASN A 26 -4.35 9.52 -4.52
N GLU A 27 -4.30 8.41 -3.81
CA GLU A 27 -3.82 8.40 -2.43
C GLU A 27 -2.40 7.87 -2.35
N ARG A 28 -1.60 8.50 -1.51
CA ARG A 28 -0.21 8.11 -1.33
C ARG A 28 -0.06 7.17 -0.13
N LEU A 29 0.47 5.98 -0.39
CA LEU A 29 0.65 4.98 0.66
C LEU A 29 2.13 4.70 0.93
N TRP A 30 2.42 4.30 2.16
CA TRP A 30 3.81 4.01 2.57
C TRP A 30 4.07 2.51 2.62
N LEU A 31 4.79 1.98 1.64
CA LEU A 31 5.09 0.55 1.59
C LEU A 31 6.19 0.17 2.56
N LEU A 32 6.09 -1.05 3.10
CA LEU A 32 7.07 -1.56 4.05
C LEU A 32 7.89 -2.70 3.44
N ASP A 33 7.28 -3.44 2.52
CA ASP A 33 7.95 -4.56 1.86
C ASP A 33 7.27 -4.90 0.53
N ASP A 34 8.00 -4.74 -0.56
CA ASP A 34 7.48 -5.01 -1.90
C ASP A 34 8.09 -6.28 -2.51
N SER A 35 8.91 -6.98 -1.74
CA SER A 35 9.54 -8.20 -2.23
C SER A 35 8.53 -9.31 -2.45
N LYS A 36 7.53 -9.36 -1.58
CA LYS A 36 6.49 -10.39 -1.65
C LYS A 36 5.38 -10.02 -2.61
N THR A 37 4.67 -11.04 -3.07
CA THR A 37 3.54 -10.83 -3.98
C THR A 37 2.56 -9.85 -3.33
N TRP A 38 2.38 -10.04 -2.02
CA TRP A 38 1.52 -9.17 -1.22
C TRP A 38 2.36 -8.07 -0.60
N TRP A 39 1.93 -6.83 -0.76
CA TRP A 39 2.69 -5.69 -0.23
C TRP A 39 2.11 -5.15 1.06
N ARG A 40 3.00 -4.85 2.00
CA ARG A 40 2.59 -4.26 3.27
C ARG A 40 2.66 -2.76 3.16
N VAL A 41 1.65 -2.07 3.65
CA VAL A 41 1.62 -0.63 3.56
C VAL A 41 0.95 0.01 4.78
N ARG A 42 1.24 1.28 5.02
CA ARG A 42 0.67 1.99 6.15
C ARG A 42 -0.06 3.25 5.70
N ASN A 43 -1.16 3.57 6.37
CA ASN A 43 -1.95 4.76 6.04
C ASN A 43 -1.90 5.80 7.16
N ALA A 44 -2.28 7.03 6.83
CA ALA A 44 -2.28 8.13 7.80
C ALA A 44 -3.19 7.82 8.99
N ALA A 45 -4.18 6.96 8.78
CA ALA A 45 -5.10 6.57 9.85
C ALA A 45 -4.45 5.56 10.81
N ASN A 46 -3.16 5.28 10.62
CA ASN A 46 -2.44 4.33 11.46
C ASN A 46 -2.88 2.89 11.18
N ARG A 47 -3.47 2.68 10.00
CA ARG A 47 -3.93 1.35 9.60
C ARG A 47 -3.00 0.76 8.55
N THR A 48 -2.49 -0.44 8.82
CA THR A 48 -1.58 -1.11 7.90
C THR A 48 -2.14 -2.47 7.47
N GLY A 49 -1.81 -2.89 6.26
CA GLY A 49 -2.28 -4.18 5.75
C GLY A 49 -1.51 -4.64 4.53
N TYR A 50 -1.82 -5.84 4.04
CA TYR A 50 -1.14 -6.39 2.87
C TYR A 50 -2.05 -6.40 1.64
N VAL A 51 -1.73 -5.54 0.66
CA VAL A 51 -2.53 -5.47 -0.56
C VAL A 51 -1.64 -5.45 -1.81
N PRO A 52 -1.73 -6.47 -2.69
CA PRO A 52 -0.93 -6.53 -3.91
C PRO A 52 -1.40 -5.49 -4.94
N SER A 53 -1.47 -4.24 -4.52
CA SER A 53 -1.90 -3.17 -5.39
C SER A 53 -0.91 -2.93 -6.51
N ASN A 54 -1.13 -3.58 -7.64
CA ASN A 54 -0.26 -3.40 -8.80
C ASN A 54 -0.58 -2.06 -9.50
N TYR A 55 -1.68 -1.44 -9.10
CA TYR A 55 -2.11 -0.19 -9.66
C TYR A 55 -1.36 1.01 -9.06
N VAL A 56 -0.37 0.75 -8.22
CA VAL A 56 0.39 1.83 -7.60
C VAL A 56 1.85 1.75 -8.02
N GLU A 57 2.48 2.91 -8.19
CA GLU A 57 3.87 2.98 -8.58
C GLU A 57 4.66 3.87 -7.64
N ARG A 58 5.96 3.65 -7.59
CA ARG A 58 6.84 4.43 -6.72
C ARG A 58 7.03 5.84 -7.28
N LYS A 59 7.08 6.82 -6.39
CA LYS A 59 7.27 8.21 -6.78
C LYS A 59 8.17 8.94 -5.80
N MET A 1 15.48 -0.30 12.73
CA MET A 1 16.22 0.16 11.53
C MET A 1 15.50 -0.20 10.23
N THR A 2 14.17 -0.18 10.27
CA THR A 2 13.36 -0.51 9.09
C THR A 2 13.25 0.70 8.17
N GLU A 3 13.35 0.45 6.87
CA GLU A 3 13.26 1.52 5.88
C GLU A 3 11.82 1.72 5.42
N GLU A 4 11.43 2.97 5.26
CA GLU A 4 10.07 3.30 4.84
C GLU A 4 10.03 3.62 3.35
N VAL A 5 9.00 3.12 2.68
CA VAL A 5 8.82 3.35 1.25
C VAL A 5 7.60 4.23 1.01
N ILE A 6 7.78 5.27 0.20
CA ILE A 6 6.69 6.18 -0.12
C ILE A 6 6.28 6.06 -1.58
N VAL A 7 5.03 5.65 -1.81
CA VAL A 7 4.52 5.50 -3.16
C VAL A 7 3.16 6.18 -3.32
N ILE A 8 2.78 6.45 -4.57
CA ILE A 8 1.51 7.11 -4.84
C ILE A 8 0.62 6.23 -5.72
N ALA A 9 -0.57 5.91 -5.22
CA ALA A 9 -1.51 5.07 -5.96
C ALA A 9 -2.20 5.85 -7.07
N LYS A 10 -2.08 5.34 -8.30
CA LYS A 10 -2.70 5.99 -9.46
C LYS A 10 -4.10 5.43 -9.75
N TRP A 11 -4.46 4.32 -9.10
CA TRP A 11 -5.76 3.69 -9.29
C TRP A 11 -6.32 3.18 -7.97
N ASP A 12 -7.64 3.24 -7.84
CA ASP A 12 -8.29 2.82 -6.60
C ASP A 12 -8.34 1.31 -6.47
N TYR A 13 -7.80 0.81 -5.37
CA TYR A 13 -7.76 -0.62 -5.10
C TYR A 13 -8.34 -0.92 -3.71
N THR A 14 -9.16 -1.96 -3.65
CA THR A 14 -9.77 -2.36 -2.38
C THR A 14 -9.09 -3.59 -1.83
N ALA A 15 -8.90 -3.61 -0.51
CA ALA A 15 -8.27 -4.71 0.18
C ALA A 15 -9.00 -6.03 -0.06
N GLN A 16 -8.24 -7.09 -0.31
CA GLN A 16 -8.82 -8.41 -0.52
C GLN A 16 -9.03 -9.14 0.81
N GLN A 17 -8.60 -8.52 1.91
CA GLN A 17 -8.76 -9.10 3.25
C GLN A 17 -9.06 -8.00 4.25
N ASP A 18 -9.58 -8.38 5.41
CA ASP A 18 -9.91 -7.41 6.46
C ASP A 18 -8.65 -6.83 7.11
N GLN A 19 -7.52 -7.53 6.96
CA GLN A 19 -6.27 -7.09 7.55
C GLN A 19 -5.46 -6.18 6.60
N GLU A 20 -5.89 -6.09 5.34
CA GLU A 20 -5.18 -5.25 4.37
C GLU A 20 -5.65 -3.80 4.49
N LEU A 21 -5.08 -2.94 3.68
CA LEU A 21 -5.39 -1.53 3.69
C LEU A 21 -5.89 -1.04 2.34
N ASP A 22 -7.04 -0.37 2.34
CA ASP A 22 -7.62 0.16 1.11
C ASP A 22 -6.82 1.36 0.59
N ILE A 23 -6.78 1.51 -0.73
CA ILE A 23 -6.06 2.62 -1.36
C ILE A 23 -6.93 3.30 -2.41
N LYS A 24 -6.56 4.52 -2.78
CA LYS A 24 -7.32 5.28 -3.78
C LYS A 24 -6.46 5.58 -5.00
N LYS A 25 -7.12 5.94 -6.10
CA LYS A 25 -6.45 6.25 -7.36
C LYS A 25 -5.55 7.45 -7.26
N ASN A 26 -5.65 8.22 -6.19
CA ASN A 26 -4.81 9.38 -6.04
C ASN A 26 -4.32 9.52 -4.60
N GLU A 27 -4.29 8.40 -3.88
CA GLU A 27 -3.84 8.41 -2.50
C GLU A 27 -2.40 7.91 -2.38
N ARG A 28 -1.64 8.55 -1.51
CA ARG A 28 -0.25 8.19 -1.28
C ARG A 28 -0.13 7.18 -0.16
N LEU A 29 0.46 6.04 -0.49
CA LEU A 29 0.61 4.97 0.47
C LEU A 29 2.09 4.70 0.79
N TRP A 30 2.37 4.34 2.04
CA TRP A 30 3.74 4.04 2.47
C TRP A 30 3.99 2.54 2.55
N LEU A 31 4.77 2.02 1.60
CA LEU A 31 5.06 0.59 1.56
C LEU A 31 6.15 0.21 2.55
N LEU A 32 6.06 -1.02 3.06
CA LEU A 32 7.04 -1.54 4.01
C LEU A 32 7.86 -2.66 3.38
N ASP A 33 7.25 -3.38 2.42
CA ASP A 33 7.92 -4.47 1.73
C ASP A 33 7.19 -4.78 0.42
N ASP A 34 7.90 -4.61 -0.70
CA ASP A 34 7.32 -4.86 -2.01
C ASP A 34 7.97 -6.06 -2.71
N SER A 35 8.76 -6.84 -1.97
CA SER A 35 9.44 -8.00 -2.54
C SER A 35 8.45 -9.12 -2.84
N LYS A 36 7.47 -9.28 -1.96
CA LYS A 36 6.46 -10.32 -2.11
C LYS A 36 5.33 -9.90 -3.02
N THR A 37 4.60 -10.90 -3.52
CA THR A 37 3.45 -10.66 -4.37
C THR A 37 2.48 -9.74 -3.66
N TRP A 38 2.33 -9.99 -2.35
CA TRP A 38 1.48 -9.17 -1.50
C TRP A 38 2.32 -8.07 -0.87
N TRP A 39 1.83 -6.83 -0.90
CA TRP A 39 2.58 -5.71 -0.37
C TRP A 39 2.01 -5.19 0.95
N ARG A 40 2.92 -4.87 1.87
CA ARG A 40 2.54 -4.32 3.16
C ARG A 40 2.64 -2.81 3.10
N VAL A 41 1.58 -2.13 3.52
CA VAL A 41 1.56 -0.68 3.46
C VAL A 41 0.87 -0.06 4.68
N ARG A 42 1.17 1.21 4.94
CA ARG A 42 0.59 1.93 6.07
C ARG A 42 -0.12 3.20 5.61
N ASN A 43 -1.26 3.51 6.24
CA ASN A 43 -2.02 4.73 5.90
C ASN A 43 -1.95 5.75 7.03
N ALA A 44 -2.28 6.99 6.70
CA ALA A 44 -2.28 8.07 7.67
C ALA A 44 -3.25 7.77 8.81
N ALA A 45 -4.19 6.85 8.58
CA ALA A 45 -5.17 6.46 9.59
C ALA A 45 -4.56 5.51 10.64
N ASN A 46 -3.24 5.26 10.54
CA ASN A 46 -2.55 4.38 11.46
C ASN A 46 -3.01 2.93 11.28
N ARG A 47 -3.47 2.62 10.07
CA ARG A 47 -3.93 1.28 9.74
C ARG A 47 -3.00 0.66 8.70
N THR A 48 -2.47 -0.52 9.01
CA THR A 48 -1.56 -1.21 8.11
C THR A 48 -2.12 -2.54 7.66
N GLY A 49 -1.85 -2.89 6.41
CA GLY A 49 -2.33 -4.15 5.89
C GLY A 49 -1.58 -4.59 4.63
N TYR A 50 -1.83 -5.82 4.17
CA TYR A 50 -1.15 -6.33 2.98
C TYR A 50 -2.06 -6.34 1.76
N VAL A 51 -1.80 -5.42 0.83
CA VAL A 51 -2.58 -5.35 -0.39
C VAL A 51 -1.69 -5.49 -1.63
N PRO A 52 -1.93 -6.52 -2.48
CA PRO A 52 -1.15 -6.71 -3.71
C PRO A 52 -1.50 -5.69 -4.80
N SER A 53 -1.88 -4.48 -4.38
CA SER A 53 -2.25 -3.43 -5.30
C SER A 53 -1.08 -3.05 -6.20
N ASN A 54 -1.03 -3.66 -7.37
CA ASN A 54 0.01 -3.35 -8.34
C ASN A 54 -0.30 -2.05 -9.07
N TYR A 55 -1.47 -1.48 -8.80
CA TYR A 55 -1.89 -0.23 -9.40
C TYR A 55 -1.11 0.96 -8.84
N VAL A 56 -0.33 0.71 -7.78
CA VAL A 56 0.45 1.77 -7.17
C VAL A 56 1.93 1.42 -7.20
N GLU A 57 2.75 2.43 -7.48
CA GLU A 57 4.19 2.26 -7.55
C GLU A 57 4.89 3.49 -7.01
N ARG A 58 6.15 3.34 -6.63
CA ARG A 58 6.91 4.45 -6.10
C ARG A 58 7.22 5.48 -7.17
N LYS A 59 7.10 6.75 -6.81
CA LYS A 59 7.35 7.84 -7.75
C LYS A 59 8.60 8.62 -7.35
N MET A 1 15.09 -1.31 12.85
CA MET A 1 15.71 -0.43 11.82
C MET A 1 15.14 -0.72 10.42
N THR A 2 13.82 -0.72 10.32
CA THR A 2 13.15 -0.99 9.04
C THR A 2 13.15 0.25 8.15
N GLU A 3 13.12 0.02 6.84
CA GLU A 3 13.12 1.12 5.87
C GLU A 3 11.70 1.39 5.37
N GLU A 4 11.37 2.67 5.25
CA GLU A 4 10.05 3.07 4.78
C GLU A 4 10.07 3.41 3.30
N VAL A 5 9.03 2.97 2.60
CA VAL A 5 8.90 3.22 1.17
C VAL A 5 7.70 4.12 0.90
N ILE A 6 7.91 5.17 0.11
CA ILE A 6 6.84 6.12 -0.21
C ILE A 6 6.43 6.00 -1.67
N VAL A 7 5.18 5.62 -1.92
CA VAL A 7 4.68 5.48 -3.27
C VAL A 7 3.32 6.18 -3.43
N ILE A 8 2.95 6.47 -4.67
CA ILE A 8 1.68 7.13 -4.95
C ILE A 8 0.79 6.24 -5.80
N ALA A 9 -0.44 6.01 -5.34
CA ALA A 9 -1.36 5.17 -6.08
C ALA A 9 -1.92 5.91 -7.29
N LYS A 10 -2.25 5.15 -8.33
CA LYS A 10 -2.80 5.71 -9.55
C LYS A 10 -4.25 5.29 -9.75
N TRP A 11 -4.64 4.20 -9.09
CA TRP A 11 -6.01 3.70 -9.19
C TRP A 11 -6.50 3.22 -7.82
N ASP A 12 -7.82 3.30 -7.62
CA ASP A 12 -8.42 2.90 -6.35
C ASP A 12 -8.46 1.39 -6.20
N TYR A 13 -7.89 0.90 -5.11
CA TYR A 13 -7.86 -0.53 -4.83
C TYR A 13 -8.41 -0.84 -3.44
N THR A 14 -9.21 -1.89 -3.35
CA THR A 14 -9.79 -2.30 -2.10
C THR A 14 -9.07 -3.52 -1.54
N ALA A 15 -8.85 -3.52 -0.23
CA ALA A 15 -8.17 -4.61 0.44
C ALA A 15 -8.89 -5.95 0.21
N GLN A 16 -8.13 -6.96 -0.20
CA GLN A 16 -8.70 -8.28 -0.46
C GLN A 16 -9.29 -8.85 0.84
N GLN A 17 -8.64 -8.52 1.94
CA GLN A 17 -9.07 -8.98 3.26
C GLN A 17 -9.11 -7.81 4.24
N ASP A 18 -9.83 -7.99 5.34
CA ASP A 18 -9.95 -6.92 6.34
C ASP A 18 -8.60 -6.57 6.95
N GLN A 19 -7.74 -7.57 7.06
CA GLN A 19 -6.40 -7.37 7.61
C GLN A 19 -5.57 -6.48 6.71
N GLU A 20 -5.95 -6.38 5.44
CA GLU A 20 -5.21 -5.56 4.48
C GLU A 20 -5.61 -4.09 4.59
N LEU A 21 -4.99 -3.25 3.78
CA LEU A 21 -5.26 -1.82 3.79
C LEU A 21 -5.73 -1.31 2.44
N ASP A 22 -6.89 -0.64 2.43
CA ASP A 22 -7.45 -0.10 1.21
C ASP A 22 -6.66 1.14 0.76
N ILE A 23 -6.78 1.47 -0.51
CA ILE A 23 -6.10 2.62 -1.09
C ILE A 23 -6.99 3.33 -2.10
N LYS A 24 -6.61 4.54 -2.51
CA LYS A 24 -7.42 5.31 -3.47
C LYS A 24 -6.67 5.51 -4.78
N LYS A 25 -7.33 6.17 -5.72
CA LYS A 25 -6.75 6.43 -7.03
C LYS A 25 -5.50 7.28 -6.95
N ASN A 26 -5.60 8.41 -6.27
CA ASN A 26 -4.48 9.34 -6.16
C ASN A 26 -3.85 9.35 -4.76
N GLU A 27 -4.39 8.55 -3.83
CA GLU A 27 -3.84 8.51 -2.48
C GLU A 27 -2.41 7.99 -2.48
N ARG A 28 -1.60 8.54 -1.58
CA ARG A 28 -0.21 8.15 -1.45
C ARG A 28 -0.03 7.19 -0.29
N LEU A 29 0.46 6.00 -0.59
CA LEU A 29 0.66 4.98 0.43
C LEU A 29 2.14 4.71 0.69
N TRP A 30 2.46 4.34 1.93
CA TRP A 30 3.83 4.06 2.32
C TRP A 30 4.06 2.55 2.44
N LEU A 31 4.81 1.99 1.49
CA LEU A 31 5.08 0.55 1.48
C LEU A 31 6.14 0.17 2.51
N LEU A 32 6.00 -1.05 3.05
CA LEU A 32 6.95 -1.57 4.04
C LEU A 32 7.79 -2.69 3.44
N ASP A 33 7.21 -3.41 2.47
CA ASP A 33 7.91 -4.51 1.82
C ASP A 33 7.25 -4.84 0.48
N ASP A 34 8.01 -4.68 -0.59
CA ASP A 34 7.50 -4.96 -1.94
C ASP A 34 8.15 -6.20 -2.55
N SER A 35 9.00 -6.87 -1.80
CA SER A 35 9.68 -8.07 -2.30
C SER A 35 8.70 -9.19 -2.59
N LYS A 36 7.68 -9.32 -1.74
CA LYS A 36 6.67 -10.36 -1.90
C LYS A 36 5.57 -9.97 -2.86
N THR A 37 4.83 -10.97 -3.31
CA THR A 37 3.70 -10.74 -4.22
C THR A 37 2.69 -9.83 -3.54
N TRP A 38 2.54 -10.03 -2.24
CA TRP A 38 1.66 -9.23 -1.41
C TRP A 38 2.48 -8.09 -0.78
N TRP A 39 1.98 -6.86 -0.88
CA TRP A 39 2.72 -5.72 -0.34
C TRP A 39 2.11 -5.19 0.95
N ARG A 40 2.97 -4.87 1.91
CA ARG A 40 2.54 -4.31 3.18
C ARG A 40 2.63 -2.81 3.11
N VAL A 41 1.55 -2.14 3.49
CA VAL A 41 1.53 -0.70 3.43
C VAL A 41 0.77 -0.08 4.61
N ARG A 42 1.10 1.17 4.93
CA ARG A 42 0.46 1.87 6.03
C ARG A 42 -0.16 3.18 5.56
N ASN A 43 -1.31 3.52 6.11
CA ASN A 43 -2.01 4.75 5.73
C ASN A 43 -2.02 5.77 6.87
N ALA A 44 -2.48 6.99 6.57
CA ALA A 44 -2.55 8.05 7.56
C ALA A 44 -3.50 7.69 8.70
N ALA A 45 -4.48 6.84 8.41
CA ALA A 45 -5.44 6.41 9.41
C ALA A 45 -4.82 5.46 10.44
N ASN A 46 -3.50 5.26 10.37
CA ASN A 46 -2.80 4.37 11.27
C ASN A 46 -3.23 2.93 11.08
N ARG A 47 -3.70 2.63 9.87
CA ARG A 47 -4.13 1.29 9.51
C ARG A 47 -3.14 0.68 8.51
N THR A 48 -2.65 -0.51 8.81
CA THR A 48 -1.69 -1.17 7.93
C THR A 48 -2.22 -2.53 7.47
N GLY A 49 -1.90 -2.91 6.24
CA GLY A 49 -2.35 -4.18 5.72
C GLY A 49 -1.59 -4.60 4.47
N TYR A 50 -1.81 -5.85 4.03
CA TYR A 50 -1.13 -6.37 2.85
C TYR A 50 -2.04 -6.38 1.63
N VAL A 51 -1.72 -5.53 0.64
CA VAL A 51 -2.53 -5.45 -0.57
C VAL A 51 -1.65 -5.42 -1.83
N PRO A 52 -1.73 -6.44 -2.70
CA PRO A 52 -0.94 -6.48 -3.94
C PRO A 52 -1.46 -5.48 -4.98
N SER A 53 -1.74 -4.26 -4.53
CA SER A 53 -2.24 -3.23 -5.43
C SER A 53 -1.16 -2.77 -6.38
N ASN A 54 -1.01 -3.49 -7.50
CA ASN A 54 -0.02 -3.11 -8.50
C ASN A 54 -0.35 -1.75 -9.10
N TYR A 55 -1.59 -1.29 -8.86
CA TYR A 55 -2.07 -0.01 -9.35
C TYR A 55 -1.23 1.15 -8.79
N VAL A 56 -0.44 0.88 -7.76
CA VAL A 56 0.39 1.91 -7.14
C VAL A 56 1.87 1.57 -7.25
N GLU A 57 2.68 2.58 -7.53
CA GLU A 57 4.12 2.40 -7.67
C GLU A 57 4.85 3.63 -7.14
N ARG A 58 6.12 3.46 -6.80
CA ARG A 58 6.92 4.56 -6.30
C ARG A 58 7.23 5.57 -7.41
N LYS A 59 7.08 6.85 -7.10
CA LYS A 59 7.35 7.90 -8.07
C LYS A 59 6.45 7.76 -9.30
#